data_1AP0
#
_entry.id   1AP0
#
_cell.length_a   1.000
_cell.length_b   1.000
_cell.length_c   1.000
_cell.angle_alpha   90.00
_cell.angle_beta   90.00
_cell.angle_gamma   90.00
#
_symmetry.space_group_name_H-M   'P 1'
#
_entity_poly.entity_id   1
_entity_poly.type   'polypeptide(L)'
_entity_poly.pdbx_seq_one_letter_code
;HMVEEVLEEEEEEYVVEKVLDRRVVKGKVEYLLKWKGFSDEDNTWEPEENLDCPDLIAEFLQSQKTAHETDKS
;
_entity_poly.pdbx_strand_id   A
#
# COMPACT_ATOMS: atom_id res chain seq x y z
N HIS A 1 16.07 0.85 -21.96
CA HIS A 1 16.84 1.90 -21.24
C HIS A 1 17.24 3.00 -22.22
N MET A 2 16.85 4.22 -21.94
CA MET A 2 17.22 5.34 -22.85
C MET A 2 18.32 6.19 -22.22
N VAL A 3 19.47 6.25 -22.84
CA VAL A 3 20.58 7.06 -22.26
C VAL A 3 20.46 8.51 -22.74
N GLU A 4 20.46 9.45 -21.83
CA GLU A 4 20.35 10.88 -22.22
C GLU A 4 20.43 11.76 -20.97
N GLU A 5 20.46 13.05 -21.15
CA GLU A 5 20.54 13.96 -19.98
C GLU A 5 19.19 14.62 -19.75
N VAL A 6 18.12 13.90 -19.95
CA VAL A 6 16.77 14.50 -19.74
C VAL A 6 15.78 13.40 -19.33
N LEU A 7 16.14 12.60 -18.36
CA LEU A 7 15.23 11.50 -17.92
C LEU A 7 15.47 11.21 -16.43
N GLU A 8 14.67 11.75 -15.57
CA GLU A 8 14.85 11.51 -14.12
C GLU A 8 13.61 10.80 -13.56
N GLU A 9 12.45 11.22 -13.97
CA GLU A 9 11.20 10.56 -13.47
C GLU A 9 11.29 9.05 -13.71
N GLU A 10 11.06 8.27 -12.70
CA GLU A 10 11.12 6.79 -12.86
C GLU A 10 10.22 6.37 -14.02
N GLU A 11 8.93 6.34 -13.80
CA GLU A 11 8.00 5.93 -14.88
C GLU A 11 6.80 6.90 -14.92
N GLU A 12 5.95 6.76 -15.88
CA GLU A 12 4.77 7.67 -15.98
C GLU A 12 4.09 7.75 -14.61
N GLU A 13 3.50 6.68 -14.16
CA GLU A 13 2.82 6.70 -12.83
C GLU A 13 2.43 5.27 -12.44
N TYR A 14 2.46 4.99 -11.17
CA TYR A 14 2.09 3.61 -10.71
C TYR A 14 0.76 3.66 -9.97
N VAL A 15 0.10 2.54 -9.83
CA VAL A 15 -1.20 2.52 -9.12
C VAL A 15 -1.12 1.58 -7.91
N VAL A 16 -1.92 1.81 -6.92
CA VAL A 16 -1.88 0.93 -5.71
C VAL A 16 -3.09 -0.01 -5.71
N GLU A 17 -2.87 -1.28 -5.51
CA GLU A 17 -4.01 -2.23 -5.51
C GLU A 17 -4.50 -2.43 -4.07
N LYS A 18 -3.61 -2.37 -3.12
CA LYS A 18 -4.02 -2.56 -1.70
C LYS A 18 -2.77 -2.70 -0.83
N VAL A 19 -2.94 -2.81 0.46
CA VAL A 19 -1.75 -2.95 1.35
C VAL A 19 -1.56 -4.42 1.70
N LEU A 20 -0.35 -4.91 1.62
CA LEU A 20 -0.09 -6.33 1.95
C LEU A 20 0.51 -6.44 3.36
N ASP A 21 1.36 -5.51 3.72
CA ASP A 21 1.97 -5.56 5.08
C ASP A 21 2.70 -4.25 5.37
N ARG A 22 3.52 -4.24 6.38
CA ARG A 22 4.27 -2.98 6.72
C ARG A 22 5.51 -3.34 7.55
N ARG A 23 6.37 -2.39 7.79
CA ARG A 23 7.59 -2.67 8.58
C ARG A 23 8.27 -1.35 8.97
N VAL A 24 8.62 -1.20 10.21
CA VAL A 24 9.30 0.06 10.64
C VAL A 24 10.81 -0.17 10.70
N VAL A 25 11.57 0.85 10.46
CA VAL A 25 13.06 0.71 10.51
C VAL A 25 13.52 1.08 11.91
N LYS A 26 12.89 2.06 12.51
CA LYS A 26 13.29 2.48 13.89
C LYS A 26 12.84 3.92 14.14
N GLY A 27 12.57 4.66 13.09
CA GLY A 27 12.12 6.07 13.26
C GLY A 27 10.93 6.35 12.36
N LYS A 28 11.00 5.91 11.13
CA LYS A 28 9.87 6.15 10.19
C LYS A 28 9.11 4.83 9.95
N VAL A 29 7.92 4.91 9.43
CA VAL A 29 7.14 3.67 9.19
C VAL A 29 7.03 3.42 7.68
N GLU A 30 7.27 2.21 7.25
CA GLU A 30 7.17 1.91 5.80
C GLU A 30 5.96 1.01 5.54
N TYR A 31 5.48 0.96 4.33
CA TYR A 31 4.30 0.10 4.03
C TYR A 31 4.54 -0.64 2.72
N LEU A 32 4.34 -1.93 2.71
CA LEU A 32 4.55 -2.71 1.46
C LEU A 32 3.19 -2.91 0.76
N LEU A 33 2.94 -2.15 -0.26
CA LEU A 33 1.63 -2.30 -0.98
C LEU A 33 1.85 -3.03 -2.30
N LYS A 34 0.81 -3.44 -2.95
CA LYS A 34 0.96 -4.17 -4.24
C LYS A 34 0.83 -3.16 -5.39
N TRP A 35 1.94 -2.75 -5.95
CA TRP A 35 1.88 -1.78 -7.09
C TRP A 35 1.56 -2.52 -8.39
N LYS A 36 0.48 -2.18 -9.02
CA LYS A 36 0.12 -2.86 -10.30
C LYS A 36 0.79 -2.14 -11.47
N GLY A 37 1.08 -2.84 -12.53
CA GLY A 37 1.73 -2.20 -13.70
C GLY A 37 3.22 -2.52 -13.70
N PHE A 38 3.59 -3.68 -13.24
CA PHE A 38 5.03 -4.05 -13.22
C PHE A 38 5.20 -5.48 -13.76
N SER A 39 5.05 -6.46 -12.92
CA SER A 39 5.20 -7.87 -13.38
C SER A 39 4.12 -8.74 -12.75
N ASP A 40 3.87 -8.56 -11.48
CA ASP A 40 2.82 -9.38 -10.81
C ASP A 40 2.75 -8.99 -9.33
N GLU A 41 3.87 -8.80 -8.70
CA GLU A 41 3.86 -8.42 -7.25
C GLU A 41 5.11 -7.60 -6.94
N ASP A 42 5.26 -6.45 -7.55
CA ASP A 42 6.45 -5.61 -7.28
C ASP A 42 6.13 -4.65 -6.12
N ASN A 43 5.67 -5.18 -5.03
CA ASN A 43 5.33 -4.31 -3.86
C ASN A 43 6.53 -3.41 -3.52
N THR A 44 6.28 -2.29 -2.93
CA THR A 44 7.39 -1.37 -2.57
C THR A 44 7.14 -0.78 -1.18
N TRP A 45 8.17 -0.32 -0.53
CA TRP A 45 7.99 0.28 0.82
C TRP A 45 7.97 1.81 0.73
N GLU A 46 7.00 2.44 1.33
CA GLU A 46 6.92 3.93 1.26
C GLU A 46 6.69 4.49 2.67
N PRO A 47 7.04 5.73 2.84
CA PRO A 47 6.89 6.44 4.13
C PRO A 47 5.43 6.86 4.33
N GLU A 48 4.88 6.57 5.49
CA GLU A 48 3.46 6.94 5.74
C GLU A 48 3.35 8.46 5.87
N GLU A 49 4.47 9.14 5.91
CA GLU A 49 4.43 10.63 6.03
C GLU A 49 4.37 11.25 4.64
N ASN A 50 4.09 10.47 3.63
CA ASN A 50 4.04 11.02 2.25
C ASN A 50 2.92 10.32 1.47
N LEU A 51 2.76 9.03 1.66
CA LEU A 51 1.69 8.30 0.93
C LEU A 51 0.33 8.91 1.27
N ASP A 52 -0.69 8.57 0.53
CA ASP A 52 -2.04 9.13 0.82
C ASP A 52 -3.07 8.00 0.83
N CYS A 53 -2.94 7.08 1.75
CA CYS A 53 -3.91 5.95 1.81
C CYS A 53 -4.11 5.52 3.28
N PRO A 54 -4.78 6.36 4.02
CA PRO A 54 -5.06 6.11 5.44
C PRO A 54 -6.21 5.10 5.59
N ASP A 55 -6.73 4.63 4.50
CA ASP A 55 -7.84 3.64 4.57
C ASP A 55 -7.26 2.24 4.65
N LEU A 56 -6.24 1.96 3.89
CA LEU A 56 -5.64 0.60 3.93
C LEU A 56 -4.65 0.54 5.09
N ILE A 57 -4.12 1.66 5.49
CA ILE A 57 -3.17 1.66 6.63
C ILE A 57 -3.94 1.46 7.93
N ALA A 58 -5.07 2.08 8.06
CA ALA A 58 -5.89 1.91 9.29
C ALA A 58 -6.86 0.74 9.11
N GLU A 59 -6.87 0.13 7.95
CA GLU A 59 -7.79 -1.01 7.73
C GLU A 59 -6.99 -2.32 7.76
N PHE A 60 -5.71 -2.24 7.50
CA PHE A 60 -4.87 -3.46 7.53
C PHE A 60 -4.20 -3.58 8.90
N LEU A 61 -4.05 -2.49 9.59
CA LEU A 61 -3.40 -2.54 10.94
C LEU A 61 -4.42 -3.06 11.96
N GLN A 62 -5.66 -3.18 11.57
CA GLN A 62 -6.69 -3.67 12.52
C GLN A 62 -6.96 -5.16 12.25
N SER A 63 -6.67 -5.61 11.06
CA SER A 63 -6.91 -7.05 10.74
C SER A 63 -6.11 -7.92 11.70
N GLN A 64 -4.93 -7.49 12.08
CA GLN A 64 -4.10 -8.29 13.02
C GLN A 64 -4.94 -8.69 14.23
N LYS A 65 -5.82 -7.82 14.66
CA LYS A 65 -6.67 -8.14 15.84
C LYS A 65 -7.47 -9.41 15.57
N THR A 66 -8.14 -9.47 14.44
CA THR A 66 -8.94 -10.68 14.12
C THR A 66 -9.70 -10.45 12.81
N ALA A 67 -9.34 -11.14 11.77
CA ALA A 67 -10.05 -10.95 10.47
C ALA A 67 -9.93 -12.23 9.64
N HIS A 68 -8.77 -12.85 9.64
CA HIS A 68 -8.60 -14.10 8.85
C HIS A 68 -9.20 -15.28 9.61
N GLU A 69 -9.51 -15.09 10.86
CA GLU A 69 -10.10 -16.21 11.66
C GLU A 69 -11.57 -16.39 11.26
N THR A 70 -12.11 -15.48 10.51
CA THR A 70 -13.54 -15.61 10.10
C THR A 70 -13.61 -15.74 8.57
N ASP A 71 -13.49 -14.65 7.87
CA ASP A 71 -13.55 -14.72 6.38
C ASP A 71 -14.99 -15.01 5.94
N LYS A 72 -15.27 -14.91 4.67
CA LYS A 72 -16.65 -15.18 4.18
C LYS A 72 -16.66 -16.51 3.43
N SER A 73 -16.76 -17.60 4.14
CA SER A 73 -16.78 -18.93 3.46
C SER A 73 -18.08 -19.66 3.81
N HIS A 1 -10.34 1.20 -24.14
CA HIS A 1 -10.33 2.38 -25.05
C HIS A 1 -9.13 2.27 -26.00
N MET A 2 -9.17 2.99 -27.10
CA MET A 2 -8.04 2.92 -28.07
C MET A 2 -8.16 4.06 -29.07
N VAL A 3 -7.45 5.14 -28.86
CA VAL A 3 -7.53 6.29 -29.80
C VAL A 3 -6.12 6.69 -30.24
N GLU A 4 -5.69 6.25 -31.38
CA GLU A 4 -4.33 6.59 -31.87
C GLU A 4 -3.31 6.36 -30.75
N GLU A 5 -2.86 5.15 -30.59
CA GLU A 5 -1.87 4.86 -29.51
C GLU A 5 -2.51 5.11 -28.14
N VAL A 6 -1.72 5.44 -27.16
CA VAL A 6 -2.28 5.72 -25.81
C VAL A 6 -2.07 7.19 -25.46
N LEU A 7 -2.22 8.06 -26.41
CA LEU A 7 -2.04 9.51 -26.13
C LEU A 7 -0.59 9.76 -25.70
N GLU A 8 0.36 9.30 -26.47
CA GLU A 8 1.78 9.51 -26.10
C GLU A 8 2.10 8.73 -24.82
N GLU A 9 1.87 9.32 -23.68
CA GLU A 9 2.15 8.61 -22.40
C GLU A 9 3.66 8.60 -22.15
N GLU A 10 4.10 9.31 -21.14
CA GLU A 10 5.57 9.34 -20.84
C GLU A 10 5.86 8.43 -19.65
N GLU A 11 5.65 8.89 -18.46
CA GLU A 11 5.92 8.05 -17.26
C GLU A 11 4.61 7.44 -16.75
N GLU A 12 3.72 8.25 -16.25
CA GLU A 12 2.43 7.72 -15.75
C GLU A 12 2.70 6.59 -14.75
N GLU A 13 2.60 6.85 -13.48
CA GLU A 13 2.85 5.79 -12.47
C GLU A 13 1.72 4.75 -12.54
N TYR A 14 1.89 3.64 -11.88
CA TYR A 14 0.84 2.58 -11.91
C TYR A 14 -0.27 2.94 -10.93
N VAL A 15 -1.09 1.99 -10.56
CA VAL A 15 -2.18 2.28 -9.60
C VAL A 15 -1.97 1.47 -8.32
N VAL A 16 -2.65 1.82 -7.27
CA VAL A 16 -2.49 1.07 -5.99
C VAL A 16 -3.58 0.01 -5.90
N GLU A 17 -3.20 -1.23 -5.73
CA GLU A 17 -4.22 -2.31 -5.63
C GLU A 17 -4.60 -2.52 -4.17
N LYS A 18 -3.68 -2.36 -3.26
CA LYS A 18 -4.00 -2.55 -1.82
C LYS A 18 -2.70 -2.74 -1.04
N VAL A 19 -2.80 -2.96 0.24
CA VAL A 19 -1.58 -3.15 1.07
C VAL A 19 -1.41 -4.63 1.40
N LEU A 20 -0.24 -5.05 1.76
CA LEU A 20 -0.02 -6.49 2.08
C LEU A 20 0.69 -6.61 3.44
N ASP A 21 1.54 -5.68 3.76
CA ASP A 21 2.25 -5.75 5.06
C ASP A 21 2.76 -4.36 5.45
N ARG A 22 3.56 -4.27 6.48
CA ARG A 22 4.09 -2.95 6.90
C ARG A 22 5.34 -3.15 7.76
N ARG A 23 6.25 -2.21 7.73
CA ARG A 23 7.49 -2.34 8.55
C ARG A 23 7.59 -1.18 9.54
N VAL A 24 8.40 -1.32 10.55
CA VAL A 24 8.54 -0.23 11.56
C VAL A 24 9.92 -0.33 12.22
N VAL A 25 10.78 0.60 11.93
CA VAL A 25 12.15 0.56 12.55
C VAL A 25 12.21 1.56 13.70
N LYS A 26 11.22 1.56 14.55
CA LYS A 26 11.23 2.52 15.70
C LYS A 26 11.39 3.94 15.16
N GLY A 27 10.54 4.36 14.27
CA GLY A 27 10.65 5.73 13.72
C GLY A 27 10.47 5.69 12.20
N LYS A 28 10.55 4.53 11.62
CA LYS A 28 10.38 4.41 10.13
C LYS A 28 9.26 3.43 9.82
N VAL A 29 8.03 3.88 9.87
CA VAL A 29 6.89 2.97 9.58
C VAL A 29 6.67 2.89 8.06
N GLU A 30 7.15 1.86 7.44
CA GLU A 30 6.96 1.74 5.96
C GLU A 30 5.71 0.91 5.68
N TYR A 31 5.42 0.66 4.43
CA TYR A 31 4.20 -0.15 4.10
C TYR A 31 4.39 -0.82 2.74
N LEU A 32 4.41 -2.13 2.71
CA LEU A 32 4.59 -2.85 1.42
C LEU A 32 3.22 -2.99 0.74
N LEU A 33 3.02 -2.28 -0.34
CA LEU A 33 1.71 -2.38 -1.04
C LEU A 33 1.92 -2.85 -2.48
N LYS A 34 0.89 -3.37 -3.10
CA LYS A 34 1.02 -3.85 -4.50
C LYS A 34 0.44 -2.80 -5.45
N TRP A 35 0.34 -3.11 -6.71
CA TRP A 35 -0.22 -2.13 -7.68
C TRP A 35 -1.05 -2.87 -8.73
N LYS A 36 -1.91 -2.17 -9.42
CA LYS A 36 -2.73 -2.84 -10.48
C LYS A 36 -1.85 -3.81 -11.28
N GLY A 37 -2.21 -5.06 -11.31
CA GLY A 37 -1.39 -6.04 -12.08
C GLY A 37 0.00 -6.12 -11.46
N PHE A 38 0.09 -6.13 -10.16
CA PHE A 38 1.41 -6.20 -9.48
C PHE A 38 1.23 -6.66 -8.04
N SER A 39 0.43 -7.66 -7.83
CA SER A 39 0.21 -8.17 -6.44
C SER A 39 1.50 -8.78 -5.91
N ASP A 40 2.02 -8.22 -4.85
CA ASP A 40 3.30 -8.78 -4.29
C ASP A 40 4.39 -8.65 -5.34
N GLU A 41 4.14 -7.90 -6.38
CA GLU A 41 5.16 -7.74 -7.46
C GLU A 41 5.90 -6.42 -7.23
N ASP A 42 5.18 -5.34 -7.07
CA ASP A 42 5.82 -4.02 -6.84
C ASP A 42 5.95 -3.76 -5.34
N ASN A 43 6.20 -4.78 -4.57
CA ASN A 43 6.32 -4.59 -3.10
C ASN A 43 7.17 -3.35 -2.81
N THR A 44 6.55 -2.23 -2.60
CA THR A 44 7.31 -0.99 -2.32
C THR A 44 7.11 -0.58 -0.86
N TRP A 45 8.15 -0.13 -0.21
CA TRP A 45 8.02 0.27 1.22
C TRP A 45 7.90 1.79 1.30
N GLU A 46 6.70 2.31 1.24
CA GLU A 46 6.52 3.79 1.31
C GLU A 46 6.24 4.21 2.76
N PRO A 47 6.70 5.38 3.11
CA PRO A 47 6.51 5.93 4.47
C PRO A 47 5.09 6.47 4.64
N GLU A 48 4.47 6.20 5.75
CA GLU A 48 3.08 6.69 5.97
C GLU A 48 3.11 8.22 6.15
N GLU A 49 4.23 8.76 6.55
CA GLU A 49 4.32 10.23 6.73
C GLU A 49 4.39 10.91 5.36
N ASN A 50 4.42 10.16 4.30
CA ASN A 50 4.47 10.77 2.95
C ASN A 50 3.60 9.96 1.99
N LEU A 51 2.82 9.05 2.50
CA LEU A 51 1.95 8.24 1.62
C LEU A 51 0.60 8.93 1.45
N ASP A 52 -0.32 8.31 0.75
CA ASP A 52 -1.66 8.93 0.56
C ASP A 52 -2.74 7.87 0.64
N CYS A 53 -2.46 6.77 1.30
CA CYS A 53 -3.48 5.69 1.43
C CYS A 53 -3.67 5.34 2.91
N PRO A 54 -4.31 6.22 3.62
CA PRO A 54 -4.58 6.05 5.06
C PRO A 54 -5.76 5.10 5.26
N ASP A 55 -6.38 4.67 4.20
CA ASP A 55 -7.53 3.74 4.33
C ASP A 55 -7.01 2.31 4.41
N LEU A 56 -6.02 1.99 3.61
CA LEU A 56 -5.47 0.61 3.64
C LEU A 56 -4.49 0.49 4.81
N ILE A 57 -3.93 1.58 5.23
CA ILE A 57 -2.98 1.54 6.37
C ILE A 57 -3.75 1.19 7.65
N ALA A 58 -4.82 1.87 7.91
CA ALA A 58 -5.62 1.58 9.12
C ALA A 58 -6.55 0.39 8.85
N GLU A 59 -6.61 -0.07 7.63
CA GLU A 59 -7.49 -1.23 7.31
C GLU A 59 -6.67 -2.52 7.38
N PHE A 60 -5.39 -2.43 7.20
CA PHE A 60 -4.54 -3.65 7.27
C PHE A 60 -3.78 -3.68 8.59
N LEU A 61 -3.60 -2.55 9.21
CA LEU A 61 -2.86 -2.51 10.50
C LEU A 61 -3.82 -2.90 11.63
N GLN A 62 -5.09 -2.74 11.44
CA GLN A 62 -6.08 -3.10 12.49
C GLN A 62 -6.37 -4.60 12.44
N SER A 63 -6.47 -5.15 11.26
CA SER A 63 -6.75 -6.61 11.14
C SER A 63 -5.77 -7.38 12.03
N GLN A 64 -4.66 -6.79 12.35
CA GLN A 64 -3.67 -7.50 13.22
C GLN A 64 -4.35 -7.88 14.53
N LYS A 65 -4.91 -6.92 15.21
CA LYS A 65 -5.60 -7.23 16.49
C LYS A 65 -6.59 -8.37 16.25
N THR A 66 -7.00 -8.54 15.03
CA THR A 66 -7.96 -9.63 14.71
C THR A 66 -7.31 -10.58 13.68
N ALA A 67 -8.03 -10.99 12.68
CA ALA A 67 -7.43 -11.91 11.66
C ALA A 67 -6.88 -13.15 12.37
N HIS A 68 -7.40 -13.48 13.52
CA HIS A 68 -6.90 -14.68 14.26
C HIS A 68 -7.85 -14.99 15.41
N GLU A 69 -8.95 -15.64 15.12
CA GLU A 69 -9.92 -15.99 16.19
C GLU A 69 -11.15 -16.65 15.58
N THR A 70 -11.96 -15.89 14.91
CA THR A 70 -13.19 -16.48 14.28
C THR A 70 -12.80 -17.20 12.99
N ASP A 71 -12.81 -18.50 12.98
CA ASP A 71 -12.44 -19.25 11.75
C ASP A 71 -13.28 -20.53 11.65
N LYS A 72 -13.58 -20.97 10.47
CA LYS A 72 -14.38 -22.21 10.31
C LYS A 72 -15.80 -21.98 10.86
N SER A 73 -16.18 -20.74 11.02
CA SER A 73 -17.54 -20.46 11.55
C SER A 73 -18.49 -20.11 10.40
N HIS A 1 -12.91 14.98 -9.67
CA HIS A 1 -14.05 15.77 -10.23
C HIS A 1 -13.66 17.24 -10.35
N MET A 2 -13.29 17.85 -9.26
CA MET A 2 -12.89 19.29 -9.31
C MET A 2 -11.67 19.44 -10.23
N VAL A 3 -11.53 20.58 -10.85
CA VAL A 3 -10.36 20.80 -11.76
C VAL A 3 -9.08 20.83 -10.93
N GLU A 4 -8.03 20.24 -11.44
CA GLU A 4 -6.74 20.25 -10.68
C GLU A 4 -5.66 20.93 -11.51
N GLU A 5 -5.68 22.24 -11.57
CA GLU A 5 -4.65 22.96 -12.36
C GLU A 5 -4.57 22.35 -13.77
N VAL A 6 -3.65 22.82 -14.57
CA VAL A 6 -3.52 22.27 -15.94
C VAL A 6 -2.05 21.89 -16.21
N LEU A 7 -1.52 20.96 -15.48
CA LEU A 7 -0.10 20.57 -15.68
C LEU A 7 0.16 19.22 -15.00
N GLU A 8 1.13 18.48 -15.47
CA GLU A 8 1.43 17.17 -14.84
C GLU A 8 2.94 17.05 -14.60
N GLU A 9 3.37 17.20 -13.38
CA GLU A 9 4.83 17.10 -13.08
C GLU A 9 5.28 15.66 -13.28
N GLU A 10 6.27 15.23 -12.53
CA GLU A 10 6.76 13.83 -12.67
C GLU A 10 5.73 12.86 -12.07
N GLU A 11 5.09 12.07 -12.88
CA GLU A 11 4.08 11.11 -12.36
C GLU A 11 4.80 10.01 -11.57
N GLU A 12 4.47 9.85 -10.32
CA GLU A 12 5.12 8.79 -9.49
C GLU A 12 4.08 7.75 -9.08
N GLU A 13 4.18 6.56 -9.61
CA GLU A 13 3.18 5.51 -9.24
C GLU A 13 1.81 5.88 -9.78
N TYR A 14 0.96 4.92 -10.02
CA TYR A 14 -0.39 5.22 -10.54
C TYR A 14 -1.43 5.05 -9.43
N VAL A 15 -1.72 3.83 -9.07
CA VAL A 15 -2.72 3.59 -8.00
C VAL A 15 -2.25 2.43 -7.11
N VAL A 16 -2.76 2.34 -5.91
CA VAL A 16 -2.35 1.23 -5.00
C VAL A 16 -3.42 0.14 -5.03
N GLU A 17 -3.03 -1.09 -4.81
CA GLU A 17 -4.03 -2.19 -4.84
C GLU A 17 -4.41 -2.57 -3.40
N LYS A 18 -3.48 -2.49 -2.49
CA LYS A 18 -3.79 -2.85 -1.07
C LYS A 18 -2.49 -3.02 -0.29
N VAL A 19 -2.58 -3.07 1.01
CA VAL A 19 -1.34 -3.24 1.84
C VAL A 19 -1.11 -4.72 2.12
N LEU A 20 0.02 -5.25 1.72
CA LEU A 20 0.29 -6.69 1.96
C LEU A 20 1.08 -6.85 3.25
N ASP A 21 1.80 -5.83 3.65
CA ASP A 21 2.59 -5.93 4.91
C ASP A 21 3.10 -4.54 5.32
N ARG A 22 3.94 -4.48 6.32
CA ARG A 22 4.47 -3.16 6.77
C ARG A 22 5.63 -3.38 7.74
N ARG A 23 6.45 -2.39 7.93
CA ARG A 23 7.59 -2.54 8.88
C ARG A 23 8.04 -1.17 9.39
N VAL A 24 9.22 -1.07 9.91
CA VAL A 24 9.70 0.24 10.43
C VAL A 24 11.22 0.35 10.17
N VAL A 25 11.65 1.50 9.74
CA VAL A 25 13.11 1.70 9.47
C VAL A 25 13.75 2.27 10.73
N LYS A 26 12.96 2.82 11.61
CA LYS A 26 13.50 3.41 12.87
C LYS A 26 12.46 4.34 13.47
N GLY A 27 12.00 5.29 12.70
CA GLY A 27 10.97 6.24 13.23
C GLY A 27 10.12 6.77 12.07
N LYS A 28 10.16 6.11 10.94
CA LYS A 28 9.36 6.56 9.77
C LYS A 28 8.26 5.54 9.48
N VAL A 29 8.43 4.33 9.90
CA VAL A 29 7.40 3.28 9.65
C VAL A 29 7.12 3.19 8.15
N GLU A 30 7.57 2.14 7.53
CA GLU A 30 7.34 1.99 6.06
C GLU A 30 6.10 1.11 5.83
N TYR A 31 5.71 0.94 4.59
CA TYR A 31 4.51 0.10 4.31
C TYR A 31 4.67 -0.58 2.94
N LEU A 32 4.42 -1.85 2.87
CA LEU A 32 4.55 -2.57 1.58
C LEU A 32 3.17 -2.79 0.97
N LEU A 33 2.92 -2.25 -0.19
CA LEU A 33 1.58 -2.43 -0.83
C LEU A 33 1.76 -2.78 -2.30
N LYS A 34 0.68 -3.06 -2.99
CA LYS A 34 0.79 -3.41 -4.43
C LYS A 34 0.61 -2.15 -5.28
N TRP A 35 0.67 -2.27 -6.58
CA TRP A 35 0.50 -1.09 -7.45
C TRP A 35 -0.01 -1.52 -8.82
N LYS A 36 -1.23 -1.19 -9.15
CA LYS A 36 -1.79 -1.58 -10.47
C LYS A 36 -1.14 -0.75 -11.57
N GLY A 37 -1.11 -1.25 -12.77
CA GLY A 37 -0.49 -0.49 -13.89
C GLY A 37 0.88 -1.08 -14.23
N PHE A 38 1.54 -1.66 -13.26
CA PHE A 38 2.88 -2.25 -13.52
C PHE A 38 2.78 -3.78 -13.40
N SER A 39 1.98 -4.27 -12.49
CA SER A 39 1.85 -5.74 -12.32
C SER A 39 0.95 -6.04 -11.13
N ASP A 40 0.85 -7.28 -10.74
CA ASP A 40 -0.02 -7.64 -9.58
C ASP A 40 0.86 -7.82 -8.34
N GLU A 41 1.97 -7.16 -8.28
CA GLU A 41 2.87 -7.31 -7.10
C GLU A 41 4.24 -6.69 -7.42
N ASP A 42 4.35 -5.40 -7.32
CA ASP A 42 5.66 -4.75 -7.62
C ASP A 42 6.45 -4.59 -6.31
N ASN A 43 5.82 -4.79 -5.20
CA ASN A 43 6.52 -4.65 -3.89
C ASN A 43 7.12 -3.25 -3.78
N THR A 44 6.61 -2.45 -2.87
CA THR A 44 7.15 -1.07 -2.71
C THR A 44 6.98 -0.62 -1.27
N TRP A 45 8.04 -0.22 -0.62
CA TRP A 45 7.93 0.23 0.79
C TRP A 45 7.94 1.76 0.84
N GLU A 46 6.81 2.36 1.10
CA GLU A 46 6.75 3.84 1.17
C GLU A 46 6.59 4.29 2.63
N PRO A 47 7.04 5.49 2.90
CA PRO A 47 6.97 6.07 4.26
C PRO A 47 5.54 6.56 4.55
N GLU A 48 5.13 6.52 5.78
CA GLU A 48 3.76 6.98 6.14
C GLU A 48 3.75 8.51 6.25
N GLU A 49 4.89 9.13 6.10
CA GLU A 49 4.93 10.63 6.19
C GLU A 49 4.59 11.24 4.83
N ASN A 50 4.32 10.43 3.85
CA ASN A 50 3.98 10.97 2.50
C ASN A 50 2.80 10.19 1.92
N LEU A 51 2.80 8.89 2.07
CA LEU A 51 1.68 8.08 1.52
C LEU A 51 0.35 8.69 1.95
N ASP A 52 -0.58 8.80 1.04
CA ASP A 52 -1.90 9.39 1.39
C ASP A 52 -2.99 8.31 1.28
N CYS A 53 -2.71 7.12 1.74
CA CYS A 53 -3.72 6.03 1.66
C CYS A 53 -3.96 5.46 3.07
N PRO A 54 -4.69 6.19 3.86
CA PRO A 54 -5.03 5.79 5.23
C PRO A 54 -6.16 4.76 5.22
N ASP A 55 -6.62 4.38 4.07
CA ASP A 55 -7.72 3.38 4.00
C ASP A 55 -7.12 1.98 4.00
N LEU A 56 -6.01 1.80 3.32
CA LEU A 56 -5.37 0.46 3.29
C LEU A 56 -4.49 0.29 4.52
N ILE A 57 -3.86 1.35 4.96
CA ILE A 57 -3.00 1.27 6.16
C ILE A 57 -3.87 1.03 7.38
N ALA A 58 -5.05 1.60 7.40
CA ALA A 58 -5.96 1.41 8.56
C ALA A 58 -6.86 0.18 8.31
N GLU A 59 -6.81 -0.36 7.12
CA GLU A 59 -7.66 -1.54 6.81
C GLU A 59 -6.84 -2.81 7.06
N PHE A 60 -5.54 -2.73 6.96
CA PHE A 60 -4.70 -3.93 7.18
C PHE A 60 -4.15 -3.90 8.61
N LEU A 61 -4.18 -2.76 9.24
CA LEU A 61 -3.67 -2.66 10.64
C LEU A 61 -4.81 -2.97 11.61
N GLN A 62 -5.99 -2.52 11.32
CA GLN A 62 -7.14 -2.79 12.23
C GLN A 62 -7.39 -4.31 12.26
N SER A 63 -6.80 -5.03 11.35
CA SER A 63 -6.99 -6.50 11.32
C SER A 63 -6.72 -7.08 12.71
N GLN A 64 -5.48 -7.15 13.08
CA GLN A 64 -5.13 -7.70 14.42
C GLN A 64 -4.54 -6.58 15.27
N LYS A 65 -4.80 -5.36 14.90
CA LYS A 65 -4.22 -4.22 15.67
C LYS A 65 -2.72 -4.20 15.44
N THR A 66 -2.25 -5.00 14.50
CA THR A 66 -0.79 -5.04 14.22
C THR A 66 -0.03 -5.38 15.50
N ALA A 67 -0.34 -6.49 16.10
CA ALA A 67 0.35 -6.90 17.34
C ALA A 67 1.12 -8.21 17.11
N HIS A 68 0.41 -9.28 16.85
CA HIS A 68 1.09 -10.57 16.61
C HIS A 68 2.20 -10.39 15.57
N GLU A 69 3.20 -11.22 15.59
CA GLU A 69 4.30 -11.09 14.60
C GLU A 69 5.12 -9.83 14.91
N THR A 70 5.02 -9.34 16.11
CA THR A 70 5.79 -8.11 16.48
C THR A 70 6.30 -8.23 17.92
N ASP A 71 6.40 -9.44 18.42
CA ASP A 71 6.88 -9.63 19.81
C ASP A 71 8.02 -10.66 19.83
N LYS A 72 8.70 -10.79 20.94
CA LYS A 72 9.81 -11.77 21.01
C LYS A 72 9.80 -12.46 22.38
N SER A 73 9.83 -13.77 22.39
CA SER A 73 9.82 -14.49 23.70
C SER A 73 10.97 -13.98 24.57
N HIS A 1 -10.34 1.20 -24.14
CA HIS A 1 -10.32 2.38 -25.05
C HIS A 1 -9.13 2.26 -26.00
N MET A 2 -9.17 2.99 -27.10
CA MET A 2 -8.04 2.92 -28.07
C MET A 2 -8.16 4.06 -29.07
N VAL A 3 -7.45 5.14 -28.86
CA VAL A 3 -7.53 6.29 -29.80
C VAL A 3 -6.11 6.68 -30.23
N GLU A 4 -5.69 6.24 -31.38
CA GLU A 4 -4.33 6.59 -31.86
C GLU A 4 -3.31 6.35 -30.74
N GLU A 5 -2.86 5.14 -30.59
CA GLU A 5 -1.87 4.85 -29.51
C GLU A 5 -2.51 5.11 -28.14
N VAL A 6 -1.72 5.44 -27.16
CA VAL A 6 -2.28 5.72 -25.81
C VAL A 6 -2.07 7.19 -25.46
N LEU A 7 -2.23 8.06 -26.41
CA LEU A 7 -2.03 9.52 -26.12
C LEU A 7 -0.59 9.76 -25.70
N GLU A 8 0.36 9.30 -26.47
CA GLU A 8 1.79 9.51 -26.10
C GLU A 8 2.10 8.73 -24.82
N GLU A 9 1.88 9.31 -23.68
CA GLU A 9 2.15 8.61 -22.40
C GLU A 9 3.67 8.60 -22.14
N GLU A 10 4.10 9.30 -21.14
CA GLU A 10 5.57 9.34 -20.84
C GLU A 10 5.86 8.42 -19.65
N GLU A 11 5.65 8.89 -18.46
CA GLU A 11 5.92 8.05 -17.26
C GLU A 11 4.61 7.44 -16.75
N GLU A 12 3.72 8.25 -16.25
CA GLU A 12 2.43 7.72 -15.75
C GLU A 12 2.70 6.59 -14.75
N GLU A 13 2.60 6.85 -13.48
CA GLU A 13 2.85 5.79 -12.47
C GLU A 13 1.72 4.74 -12.54
N TYR A 14 1.89 3.64 -11.88
CA TYR A 14 0.84 2.58 -11.91
C TYR A 14 -0.26 2.94 -10.92
N VAL A 15 -1.09 1.99 -10.56
CA VAL A 15 -2.19 2.27 -9.59
C VAL A 15 -1.97 1.47 -8.32
N VAL A 16 -2.65 1.82 -7.27
CA VAL A 16 -2.49 1.07 -5.99
C VAL A 16 -3.57 0.01 -5.89
N GLU A 17 -3.19 -1.23 -5.72
CA GLU A 17 -4.22 -2.31 -5.63
C GLU A 17 -4.60 -2.52 -4.17
N LYS A 18 -3.68 -2.36 -3.26
CA LYS A 18 -3.99 -2.55 -1.82
C LYS A 18 -2.70 -2.74 -1.04
N VAL A 19 -2.80 -2.96 0.24
CA VAL A 19 -1.58 -3.15 1.07
C VAL A 19 -1.41 -4.63 1.40
N LEU A 20 -0.24 -5.05 1.76
CA LEU A 20 -0.02 -6.49 2.08
C LEU A 20 0.69 -6.61 3.44
N ASP A 21 1.54 -5.68 3.76
CA ASP A 21 2.25 -5.75 5.06
C ASP A 21 2.76 -4.36 5.45
N ARG A 22 3.56 -4.27 6.48
CA ARG A 22 4.09 -2.95 6.90
C ARG A 22 5.34 -3.15 7.76
N ARG A 23 6.25 -2.21 7.73
CA ARG A 23 7.49 -2.34 8.55
C ARG A 23 7.59 -1.19 9.54
N VAL A 24 8.40 -1.32 10.55
CA VAL A 24 8.54 -0.23 11.56
C VAL A 24 9.92 -0.33 12.22
N VAL A 25 10.78 0.60 11.93
CA VAL A 25 12.15 0.56 12.55
C VAL A 25 12.21 1.56 13.70
N LYS A 26 11.22 1.56 14.55
CA LYS A 26 11.23 2.52 15.70
C LYS A 26 11.39 3.94 15.17
N GLY A 27 10.54 4.35 14.27
CA GLY A 27 10.65 5.73 13.72
C GLY A 27 10.47 5.69 12.20
N LYS A 28 10.55 4.53 11.61
CA LYS A 28 10.38 4.41 10.13
C LYS A 28 9.26 3.43 9.82
N VAL A 29 8.03 3.88 9.87
CA VAL A 29 6.89 2.97 9.58
C VAL A 29 6.66 2.90 8.07
N GLU A 30 7.15 1.86 7.44
CA GLU A 30 6.96 1.74 5.96
C GLU A 30 5.70 0.91 5.67
N TYR A 31 5.42 0.66 4.43
CA TYR A 31 4.21 -0.15 4.09
C TYR A 31 4.39 -0.82 2.74
N LEU A 32 4.41 -2.13 2.71
CA LEU A 32 4.59 -2.85 1.43
C LEU A 32 3.23 -2.99 0.73
N LEU A 33 3.02 -2.28 -0.34
CA LEU A 33 1.71 -2.38 -1.04
C LEU A 33 1.92 -2.85 -2.48
N LYS A 34 0.89 -3.37 -3.10
CA LYS A 34 1.02 -3.85 -4.50
C LYS A 34 0.44 -2.80 -5.45
N TRP A 35 0.34 -3.12 -6.71
CA TRP A 35 -0.22 -2.13 -7.68
C TRP A 35 -1.04 -2.87 -8.73
N LYS A 36 -1.91 -2.18 -9.42
CA LYS A 36 -2.73 -2.85 -10.46
C LYS A 36 -1.86 -3.81 -11.27
N GLY A 37 -2.21 -5.06 -11.31
CA GLY A 37 -1.40 -6.04 -12.07
C GLY A 37 0.00 -6.13 -11.46
N PHE A 38 0.09 -6.13 -10.16
CA PHE A 38 1.41 -6.20 -9.48
C PHE A 38 1.23 -6.66 -8.04
N SER A 39 0.43 -7.66 -7.83
CA SER A 39 0.21 -8.17 -6.44
C SER A 39 1.49 -8.77 -5.91
N ASP A 40 2.03 -8.22 -4.84
CA ASP A 40 3.30 -8.77 -4.29
C ASP A 40 4.39 -8.65 -5.34
N GLU A 41 4.14 -7.90 -6.38
CA GLU A 41 5.16 -7.74 -7.45
C GLU A 41 5.90 -6.42 -7.23
N ASP A 42 5.17 -5.34 -7.06
CA ASP A 42 5.82 -4.03 -6.84
C ASP A 42 5.95 -3.76 -5.34
N ASN A 43 6.19 -4.78 -4.57
CA ASN A 43 6.32 -4.59 -3.10
C ASN A 43 7.17 -3.35 -2.81
N THR A 44 6.54 -2.23 -2.59
CA THR A 44 7.31 -0.99 -2.31
C THR A 44 7.10 -0.58 -0.86
N TRP A 45 8.15 -0.13 -0.20
CA TRP A 45 8.02 0.27 1.22
C TRP A 45 7.89 1.79 1.30
N GLU A 46 6.70 2.31 1.24
CA GLU A 46 6.52 3.79 1.31
C GLU A 46 6.24 4.20 2.76
N PRO A 47 6.70 5.38 3.11
CA PRO A 47 6.51 5.93 4.46
C PRO A 47 5.09 6.47 4.64
N GLU A 48 4.46 6.19 5.74
CA GLU A 48 3.08 6.69 5.97
C GLU A 48 3.10 8.22 6.14
N GLU A 49 4.23 8.75 6.55
CA GLU A 49 4.32 10.23 6.73
C GLU A 49 4.39 10.91 5.36
N ASN A 50 4.42 10.16 4.30
CA ASN A 50 4.47 10.77 2.95
C ASN A 50 3.60 9.96 1.99
N LEU A 51 2.82 9.05 2.50
CA LEU A 51 1.94 8.24 1.62
C LEU A 51 0.59 8.93 1.46
N ASP A 52 -0.32 8.31 0.75
CA ASP A 52 -1.65 8.93 0.55
C ASP A 52 -2.75 7.86 0.65
N CYS A 53 -2.46 6.77 1.30
CA CYS A 53 -3.48 5.69 1.43
C CYS A 53 -3.67 5.34 2.91
N PRO A 54 -4.31 6.22 3.62
CA PRO A 54 -4.58 6.05 5.06
C PRO A 54 -5.76 5.10 5.26
N ASP A 55 -6.38 4.67 4.20
CA ASP A 55 -7.53 3.74 4.33
C ASP A 55 -7.02 2.30 4.40
N LEU A 56 -6.02 1.99 3.61
CA LEU A 56 -5.47 0.61 3.64
C LEU A 56 -4.49 0.49 4.80
N ILE A 57 -3.93 1.58 5.23
CA ILE A 57 -2.96 1.53 6.37
C ILE A 57 -3.74 1.18 7.64
N ALA A 58 -4.83 1.87 7.90
CA ALA A 58 -5.62 1.58 9.12
C ALA A 58 -6.55 0.39 8.85
N GLU A 59 -6.59 -0.07 7.63
CA GLU A 59 -7.49 -1.23 7.31
C GLU A 59 -6.68 -2.52 7.38
N PHE A 60 -5.39 -2.43 7.20
CA PHE A 60 -4.54 -3.65 7.27
C PHE A 60 -3.78 -3.68 8.59
N LEU A 61 -3.59 -2.55 9.21
CA LEU A 61 -2.86 -2.51 10.50
C LEU A 61 -3.82 -2.90 11.63
N GLN A 62 -5.09 -2.74 11.44
CA GLN A 62 -6.08 -3.10 12.49
C GLN A 62 -6.37 -4.60 12.43
N SER A 63 -6.47 -5.15 11.26
CA SER A 63 -6.75 -6.61 11.14
C SER A 63 -5.77 -7.38 12.03
N GLN A 64 -4.66 -6.79 12.35
CA GLN A 64 -3.67 -7.50 13.22
C GLN A 64 -4.35 -7.88 14.53
N LYS A 65 -4.91 -6.92 15.21
CA LYS A 65 -5.60 -7.23 16.49
C LYS A 65 -6.58 -8.37 16.26
N THR A 66 -7.00 -8.54 15.03
CA THR A 66 -7.96 -9.63 14.70
C THR A 66 -7.31 -10.58 13.68
N ALA A 67 -8.03 -10.99 12.68
CA ALA A 67 -7.43 -11.91 11.66
C ALA A 67 -6.88 -13.15 12.37
N HIS A 68 -7.40 -13.48 13.52
CA HIS A 68 -6.90 -14.67 14.26
C HIS A 68 -7.85 -14.99 15.41
N GLU A 69 -8.95 -15.64 15.12
CA GLU A 69 -9.91 -15.99 16.20
C GLU A 69 -11.15 -16.65 15.58
N THR A 70 -11.96 -15.89 14.91
CA THR A 70 -13.19 -16.48 14.28
C THR A 70 -12.80 -17.19 12.99
N ASP A 71 -12.81 -18.49 12.99
CA ASP A 71 -12.44 -19.25 11.75
C ASP A 71 -13.27 -20.52 11.66
N LYS A 72 -13.57 -20.97 10.47
CA LYS A 72 -14.38 -22.20 10.31
C LYS A 72 -15.78 -21.97 10.86
N SER A 73 -16.18 -20.73 11.02
CA SER A 73 -17.53 -20.45 11.56
C SER A 73 -18.49 -20.11 10.40
N HIS A 1 15.34 5.30 -26.64
CA HIS A 1 15.32 6.46 -25.71
C HIS A 1 15.07 5.98 -24.28
N MET A 2 14.07 5.14 -24.10
CA MET A 2 13.77 4.63 -22.73
C MET A 2 14.59 3.37 -22.47
N VAL A 3 14.45 2.39 -23.31
CA VAL A 3 15.22 1.13 -23.10
C VAL A 3 15.53 0.48 -24.47
N GLU A 4 14.51 0.15 -25.22
CA GLU A 4 14.74 -0.47 -26.54
C GLU A 4 14.04 0.34 -27.62
N GLU A 5 12.75 0.52 -27.51
CA GLU A 5 12.00 1.32 -28.52
C GLU A 5 11.21 2.42 -27.82
N VAL A 6 11.32 3.63 -28.29
CA VAL A 6 10.56 4.75 -27.65
C VAL A 6 9.07 4.58 -27.94
N LEU A 7 8.23 4.96 -27.01
CA LEU A 7 6.77 4.83 -27.23
C LEU A 7 6.01 5.71 -26.22
N GLU A 8 4.86 6.19 -26.59
CA GLU A 8 4.07 7.05 -25.65
C GLU A 8 3.29 6.16 -24.69
N GLU A 9 3.19 4.89 -24.97
CA GLU A 9 2.43 3.99 -24.07
C GLU A 9 0.96 4.40 -24.04
N GLU A 10 0.17 3.79 -23.21
CA GLU A 10 -1.27 4.15 -23.14
C GLU A 10 -1.67 4.38 -21.68
N GLU A 11 -1.25 3.52 -20.79
CA GLU A 11 -1.61 3.69 -19.35
C GLU A 11 -0.35 4.02 -18.54
N GLU A 12 0.24 5.15 -18.78
CA GLU A 12 1.47 5.53 -18.03
C GLU A 12 1.10 5.80 -16.56
N GLU A 13 2.04 6.29 -15.80
CA GLU A 13 1.75 6.58 -14.37
C GLU A 13 1.47 5.26 -13.62
N TYR A 14 1.70 5.24 -12.34
CA TYR A 14 1.46 3.99 -11.57
C TYR A 14 0.37 4.25 -10.52
N VAL A 15 -0.19 3.21 -9.97
CA VAL A 15 -1.25 3.40 -8.94
C VAL A 15 -1.08 2.36 -7.83
N VAL A 16 -1.89 2.43 -6.81
CA VAL A 16 -1.79 1.44 -5.70
C VAL A 16 -2.94 0.43 -5.80
N GLU A 17 -2.65 -0.82 -5.62
CA GLU A 17 -3.72 -1.85 -5.70
C GLU A 17 -4.29 -2.12 -4.30
N LYS A 18 -3.47 -2.04 -3.29
CA LYS A 18 -3.97 -2.29 -1.91
C LYS A 18 -2.77 -2.41 -0.97
N VAL A 19 -3.00 -2.86 0.23
CA VAL A 19 -1.87 -3.01 1.19
C VAL A 19 -1.58 -4.49 1.42
N LEU A 20 -0.37 -4.90 1.22
CA LEU A 20 -0.02 -6.34 1.42
C LEU A 20 0.49 -6.56 2.85
N ASP A 21 1.31 -5.66 3.34
CA ASP A 21 1.83 -5.83 4.73
C ASP A 21 2.62 -4.58 5.12
N ARG A 22 3.11 -4.53 6.32
CA ARG A 22 3.89 -3.35 6.78
C ARG A 22 5.13 -3.82 7.55
N ARG A 23 6.16 -3.01 7.59
CA ARG A 23 7.39 -3.40 8.32
C ARG A 23 8.12 -2.16 8.80
N VAL A 24 8.53 -2.13 10.05
CA VAL A 24 9.25 -0.93 10.57
C VAL A 24 10.76 -1.16 10.48
N VAL A 25 11.51 -0.10 10.39
CA VAL A 25 12.99 -0.23 10.30
C VAL A 25 13.62 0.35 11.58
N LYS A 26 13.04 1.39 12.10
CA LYS A 26 13.59 2.03 13.34
C LYS A 26 12.80 3.30 13.63
N GLY A 27 11.53 3.32 13.34
CA GLY A 27 10.72 4.53 13.59
C GLY A 27 10.24 5.12 12.27
N LYS A 28 10.52 4.45 11.18
CA LYS A 28 10.07 4.97 9.85
C LYS A 28 8.71 4.39 9.51
N VAL A 29 8.37 3.26 10.08
CA VAL A 29 7.05 2.64 9.78
C VAL A 29 6.79 2.69 8.27
N GLU A 30 7.13 1.65 7.56
CA GLU A 30 6.90 1.65 6.09
C GLU A 30 5.65 0.82 5.78
N TYR A 31 5.12 0.94 4.60
CA TYR A 31 3.90 0.16 4.24
C TYR A 31 4.07 -0.46 2.86
N LEU A 32 4.22 -1.76 2.79
CA LEU A 32 4.40 -2.42 1.48
C LEU A 32 3.03 -2.54 0.78
N LEU A 33 2.96 -2.16 -0.46
CA LEU A 33 1.67 -2.24 -1.19
C LEU A 33 1.88 -2.93 -2.54
N LYS A 34 0.82 -3.36 -3.17
CA LYS A 34 0.97 -4.05 -4.49
C LYS A 34 0.74 -3.03 -5.61
N TRP A 35 1.77 -2.34 -6.01
CA TRP A 35 1.61 -1.33 -7.10
C TRP A 35 1.24 -2.04 -8.40
N LYS A 36 0.27 -1.52 -9.11
CA LYS A 36 -0.14 -2.18 -10.38
C LYS A 36 0.33 -1.32 -11.57
N GLY A 37 1.34 -0.53 -11.37
CA GLY A 37 1.85 0.33 -12.47
C GLY A 37 3.29 -0.03 -12.80
N PHE A 38 3.74 -1.16 -12.31
CA PHE A 38 5.16 -1.58 -12.58
C PHE A 38 5.16 -2.96 -13.25
N SER A 39 4.91 -3.99 -12.49
CA SER A 39 4.90 -5.36 -13.08
C SER A 39 3.78 -6.19 -12.43
N ASP A 40 2.79 -5.53 -11.90
CA ASP A 40 1.67 -6.26 -11.26
C ASP A 40 2.12 -6.79 -9.89
N GLU A 41 3.26 -6.38 -9.42
CA GLU A 41 3.75 -6.86 -8.10
C GLU A 41 5.15 -6.27 -7.84
N ASP A 42 5.21 -5.02 -7.50
CA ASP A 42 6.54 -4.38 -7.22
C ASP A 42 6.83 -4.46 -5.72
N ASN A 43 5.82 -4.60 -4.91
CA ASN A 43 6.03 -4.67 -3.44
C ASN A 43 7.05 -3.60 -3.02
N THR A 44 6.64 -2.38 -2.93
CA THR A 44 7.58 -1.29 -2.53
C THR A 44 7.22 -0.79 -1.13
N TRP A 45 8.17 -0.27 -0.41
CA TRP A 45 7.89 0.23 0.96
C TRP A 45 7.84 1.75 0.94
N GLU A 46 6.75 2.33 1.39
CA GLU A 46 6.65 3.82 1.41
C GLU A 46 6.55 4.31 2.84
N PRO A 47 6.87 5.57 3.04
CA PRO A 47 6.84 6.20 4.36
C PRO A 47 5.40 6.55 4.75
N GLU A 48 5.01 6.22 5.95
CA GLU A 48 3.62 6.52 6.40
C GLU A 48 3.41 8.04 6.41
N GLU A 49 4.47 8.79 6.39
CA GLU A 49 4.33 10.28 6.40
C GLU A 49 4.30 10.81 4.97
N ASN A 50 3.42 10.31 4.16
CA ASN A 50 3.36 10.78 2.75
C ASN A 50 2.29 9.97 1.98
N LEU A 51 2.18 8.71 2.28
CA LEU A 51 1.16 7.87 1.57
C LEU A 51 -0.18 8.61 1.55
N ASP A 52 -1.11 8.15 0.75
CA ASP A 52 -2.43 8.83 0.69
C ASP A 52 -3.54 7.77 0.74
N CYS A 53 -3.26 6.63 1.29
CA CYS A 53 -4.30 5.56 1.36
C CYS A 53 -4.50 5.14 2.83
N PRO A 54 -5.20 5.98 3.55
CA PRO A 54 -5.49 5.74 4.98
C PRO A 54 -6.62 4.71 5.11
N ASP A 55 -7.09 4.18 4.02
CA ASP A 55 -8.19 3.18 4.09
C ASP A 55 -7.58 1.78 4.25
N LEU A 56 -6.62 1.45 3.44
CA LEU A 56 -5.98 0.12 3.56
C LEU A 56 -5.00 0.13 4.73
N ILE A 57 -4.50 1.29 5.08
CA ILE A 57 -3.55 1.37 6.22
C ILE A 57 -4.33 1.18 7.52
N ALA A 58 -5.50 1.75 7.62
CA ALA A 58 -6.30 1.59 8.86
C ALA A 58 -7.05 0.26 8.82
N GLU A 59 -7.02 -0.41 7.70
CA GLU A 59 -7.72 -1.72 7.60
C GLU A 59 -6.73 -2.85 7.83
N PHE A 60 -5.48 -2.61 7.54
CA PHE A 60 -4.45 -3.67 7.75
C PHE A 60 -3.66 -3.38 9.02
N LEU A 61 -3.70 -2.16 9.49
CA LEU A 61 -2.94 -1.81 10.72
C LEU A 61 -3.85 -1.99 11.95
N GLN A 62 -5.11 -2.24 11.73
CA GLN A 62 -6.04 -2.43 12.88
C GLN A 62 -6.31 -3.92 13.07
N SER A 63 -6.08 -4.70 12.06
CA SER A 63 -6.31 -6.17 12.19
C SER A 63 -5.29 -6.77 13.15
N GLN A 64 -4.06 -6.33 13.09
CA GLN A 64 -3.03 -6.87 14.01
C GLN A 64 -3.45 -6.63 15.46
N LYS A 65 -4.32 -5.68 15.68
CA LYS A 65 -4.78 -5.40 17.08
C LYS A 65 -6.17 -5.98 17.29
N THR A 66 -6.86 -6.30 16.23
CA THR A 66 -8.22 -6.87 16.37
C THR A 66 -8.73 -7.34 15.00
N ALA A 67 -8.46 -8.58 14.66
CA ALA A 67 -8.93 -9.10 13.35
C ALA A 67 -10.21 -9.90 13.53
N HIS A 68 -11.32 -9.24 13.76
CA HIS A 68 -12.60 -9.96 13.95
C HIS A 68 -12.51 -10.82 15.22
N GLU A 69 -11.67 -10.45 16.15
CA GLU A 69 -11.54 -11.23 17.40
C GLU A 69 -12.35 -10.57 18.51
N THR A 70 -12.69 -9.31 18.34
CA THR A 70 -13.48 -8.61 19.39
C THR A 70 -14.96 -8.93 19.21
N ASP A 71 -15.37 -9.26 18.02
CA ASP A 71 -16.80 -9.59 17.79
C ASP A 71 -17.07 -11.05 18.19
N LYS A 72 -18.00 -11.27 19.08
CA LYS A 72 -18.31 -12.67 19.51
C LYS A 72 -19.08 -13.38 18.40
N SER A 73 -18.40 -14.08 17.53
CA SER A 73 -19.11 -14.80 16.44
C SER A 73 -19.81 -16.04 17.01
N HIS A 1 -22.66 -3.29 -23.62
CA HIS A 1 -22.55 -4.76 -23.40
C HIS A 1 -23.57 -5.19 -22.34
N MET A 2 -23.20 -5.09 -21.09
CA MET A 2 -24.14 -5.50 -20.01
C MET A 2 -24.40 -4.31 -19.09
N VAL A 3 -24.64 -3.15 -19.65
CA VAL A 3 -24.91 -1.96 -18.80
C VAL A 3 -25.28 -0.76 -19.69
N GLU A 4 -24.68 -0.67 -20.85
CA GLU A 4 -25.00 0.46 -21.76
C GLU A 4 -24.63 1.78 -21.07
N GLU A 5 -24.40 2.81 -21.84
CA GLU A 5 -24.04 4.13 -21.24
C GLU A 5 -22.69 4.00 -20.51
N VAL A 6 -21.65 4.53 -21.09
CA VAL A 6 -20.31 4.44 -20.45
C VAL A 6 -19.74 5.85 -20.26
N LEU A 7 -18.75 5.99 -19.43
CA LEU A 7 -18.15 7.34 -19.21
C LEU A 7 -16.64 7.28 -19.48
N GLU A 8 -16.07 8.35 -19.97
CA GLU A 8 -14.61 8.36 -20.26
C GLU A 8 -13.87 9.08 -19.12
N GLU A 9 -14.59 9.49 -18.10
CA GLU A 9 -13.92 10.20 -16.97
C GLU A 9 -13.45 9.18 -15.93
N GLU A 10 -12.45 8.41 -16.24
CA GLU A 10 -11.96 7.40 -15.27
C GLU A 10 -10.43 7.41 -15.26
N GLU A 11 -9.84 7.56 -14.11
CA GLU A 11 -8.34 7.58 -14.04
C GLU A 11 -7.85 6.23 -13.51
N GLU A 12 -6.83 5.68 -14.12
CA GLU A 12 -6.30 4.38 -13.65
C GLU A 12 -4.79 4.29 -13.95
N GLU A 13 -4.28 3.11 -14.10
CA GLU A 13 -2.83 2.96 -14.39
C GLU A 13 -2.01 3.39 -13.16
N TYR A 14 -0.98 2.67 -12.84
CA TYR A 14 -0.16 3.04 -11.65
C TYR A 14 -1.08 3.37 -10.47
N VAL A 15 -1.66 2.37 -9.87
CA VAL A 15 -2.57 2.62 -8.71
C VAL A 15 -2.28 1.63 -7.59
N VAL A 16 -2.77 1.89 -6.42
CA VAL A 16 -2.53 0.95 -5.29
C VAL A 16 -3.66 -0.08 -5.24
N GLU A 17 -3.34 -1.34 -5.25
CA GLU A 17 -4.41 -2.38 -5.22
C GLU A 17 -4.70 -2.76 -3.76
N LYS A 18 -3.75 -2.58 -2.90
CA LYS A 18 -3.97 -2.94 -1.46
C LYS A 18 -2.61 -3.05 -0.77
N VAL A 19 -2.62 -3.31 0.52
CA VAL A 19 -1.32 -3.43 1.25
C VAL A 19 -0.87 -4.89 1.24
N LEU A 20 -0.02 -5.26 2.15
CA LEU A 20 0.47 -6.67 2.19
C LEU A 20 1.23 -6.91 3.49
N ASP A 21 1.96 -5.93 3.96
CA ASP A 21 2.73 -6.11 5.21
C ASP A 21 3.16 -4.74 5.76
N ARG A 22 3.89 -4.73 6.84
CA ARG A 22 4.33 -3.43 7.43
C ARG A 22 5.63 -3.65 8.22
N ARG A 23 6.51 -2.69 8.21
CA ARG A 23 7.79 -2.85 8.96
C ARG A 23 8.40 -1.46 9.22
N VAL A 24 8.87 -1.23 10.42
CA VAL A 24 9.48 0.09 10.74
C VAL A 24 11.00 -0.02 10.68
N VAL A 25 11.66 1.04 10.30
CA VAL A 25 13.15 1.01 10.24
C VAL A 25 13.72 2.06 11.18
N LYS A 26 13.87 1.72 12.44
CA LYS A 26 14.41 2.71 13.42
C LYS A 26 13.29 3.66 13.84
N GLY A 27 12.12 3.50 13.29
CA GLY A 27 11.00 4.40 13.66
C GLY A 27 10.25 4.85 12.40
N LYS A 28 10.70 4.43 11.25
CA LYS A 28 10.02 4.83 9.99
C LYS A 28 8.94 3.81 9.63
N VAL A 29 7.70 4.13 9.89
CA VAL A 29 6.61 3.17 9.58
C VAL A 29 6.52 2.95 8.07
N GLU A 30 6.92 1.80 7.60
CA GLU A 30 6.86 1.54 6.14
C GLU A 30 5.64 0.67 5.83
N TYR A 31 5.22 0.63 4.60
CA TYR A 31 4.03 -0.20 4.25
C TYR A 31 4.23 -0.85 2.88
N LEU A 32 4.23 -2.16 2.83
CA LEU A 32 4.41 -2.86 1.53
C LEU A 32 3.04 -3.01 0.85
N LEU A 33 2.88 -2.50 -0.33
CA LEU A 33 1.56 -2.62 -1.02
C LEU A 33 1.75 -3.09 -2.45
N LYS A 34 0.74 -3.70 -3.02
CA LYS A 34 0.83 -4.19 -4.42
C LYS A 34 0.31 -3.10 -5.36
N TRP A 35 0.08 -3.42 -6.61
CA TRP A 35 -0.43 -2.39 -7.54
C TRP A 35 -1.37 -3.04 -8.55
N LYS A 36 -2.50 -2.42 -8.81
CA LYS A 36 -3.46 -3.01 -9.79
C LYS A 36 -2.72 -3.46 -11.03
N GLY A 37 -3.26 -4.42 -11.75
CA GLY A 37 -2.58 -4.90 -12.99
C GLY A 37 -1.37 -5.75 -12.61
N PHE A 38 -1.17 -6.00 -11.34
CA PHE A 38 -0.01 -6.83 -10.92
C PHE A 38 -0.29 -7.45 -9.55
N SER A 39 0.40 -7.04 -8.52
CA SER A 39 0.17 -7.63 -7.17
C SER A 39 1.35 -7.28 -6.26
N ASP A 40 1.48 -7.95 -5.14
CA ASP A 40 2.61 -7.65 -4.22
C ASP A 40 3.91 -7.49 -5.03
N GLU A 41 3.96 -8.09 -6.18
CA GLU A 41 5.17 -7.99 -7.05
C GLU A 41 5.82 -6.62 -6.89
N ASP A 42 5.04 -5.57 -6.86
CA ASP A 42 5.62 -4.21 -6.71
C ASP A 42 5.70 -3.85 -5.23
N ASN A 43 6.21 -4.74 -4.42
CA ASN A 43 6.32 -4.45 -2.97
C ASN A 43 6.91 -3.04 -2.76
N THR A 44 6.07 -2.07 -2.51
CA THR A 44 6.59 -0.69 -2.31
C THR A 44 6.49 -0.32 -0.82
N TRP A 45 7.59 0.02 -0.21
CA TRP A 45 7.54 0.41 1.22
C TRP A 45 7.51 1.94 1.35
N GLU A 46 6.33 2.51 1.33
CA GLU A 46 6.24 3.99 1.44
C GLU A 46 6.06 4.38 2.92
N PRO A 47 6.58 5.54 3.25
CA PRO A 47 6.51 6.06 4.63
C PRO A 47 5.13 6.67 4.88
N GLU A 48 4.54 6.38 6.01
CA GLU A 48 3.20 6.95 6.32
C GLU A 48 3.33 8.43 6.64
N GLU A 49 4.53 8.89 6.91
CA GLU A 49 4.72 10.33 7.23
C GLU A 49 4.73 11.14 5.92
N ASN A 50 4.68 10.48 4.81
CA ASN A 50 4.69 11.21 3.51
C ASN A 50 3.76 10.50 2.53
N LEU A 51 2.98 9.57 3.00
CA LEU A 51 2.06 8.84 2.09
C LEU A 51 0.74 9.62 1.95
N ASP A 52 -0.25 9.04 1.34
CA ASP A 52 -1.54 9.75 1.18
C ASP A 52 -2.69 8.74 1.14
N CYS A 53 -2.53 7.62 1.79
CA CYS A 53 -3.60 6.59 1.78
C CYS A 53 -3.82 6.05 3.20
N PRO A 54 -4.60 6.78 3.96
CA PRO A 54 -4.91 6.41 5.35
C PRO A 54 -5.96 5.29 5.39
N ASP A 55 -6.46 4.89 4.25
CA ASP A 55 -7.48 3.81 4.22
C ASP A 55 -6.77 2.45 4.14
N LEU A 56 -5.73 2.37 3.36
CA LEU A 56 -5.00 1.08 3.25
C LEU A 56 -4.12 0.90 4.48
N ILE A 57 -3.64 1.99 5.03
CA ILE A 57 -2.78 1.88 6.24
C ILE A 57 -3.63 1.36 7.40
N ALA A 58 -4.77 1.94 7.63
CA ALA A 58 -5.65 1.49 8.74
C ALA A 58 -6.47 0.28 8.28
N GLU A 59 -6.29 -0.13 7.05
CA GLU A 59 -7.06 -1.31 6.54
C GLU A 59 -6.23 -2.58 6.75
N PHE A 60 -4.94 -2.46 6.74
CA PHE A 60 -4.07 -3.66 6.94
C PHE A 60 -3.52 -3.66 8.36
N LEU A 61 -3.45 -2.52 8.98
CA LEU A 61 -2.91 -2.47 10.38
C LEU A 61 -4.02 -2.85 11.37
N GLN A 62 -5.25 -2.60 11.02
CA GLN A 62 -6.37 -2.94 11.95
C GLN A 62 -6.72 -4.41 11.79
N SER A 63 -6.42 -4.99 10.65
CA SER A 63 -6.74 -6.44 10.44
C SER A 63 -5.96 -7.28 11.45
N GLN A 64 -4.78 -6.84 11.81
CA GLN A 64 -3.96 -7.63 12.78
C GLN A 64 -4.76 -7.84 14.06
N LYS A 65 -5.63 -6.92 14.39
CA LYS A 65 -6.42 -7.06 15.64
C LYS A 65 -7.83 -7.57 15.29
N THR A 66 -8.19 -7.52 14.04
CA THR A 66 -9.55 -8.00 13.64
C THR A 66 -9.64 -9.51 13.88
N ALA A 67 -8.57 -10.23 13.66
CA ALA A 67 -8.61 -11.70 13.89
C ALA A 67 -8.14 -12.02 15.31
N HIS A 68 -8.02 -11.02 16.14
CA HIS A 68 -7.58 -11.27 17.54
C HIS A 68 -8.57 -10.60 18.51
N GLU A 69 -9.69 -11.22 18.74
CA GLU A 69 -10.68 -10.62 19.68
C GLU A 69 -11.99 -11.43 19.62
N THR A 70 -12.30 -11.98 18.48
CA THR A 70 -13.56 -12.77 18.36
C THR A 70 -13.21 -14.23 18.01
N ASP A 71 -12.22 -14.78 18.64
CA ASP A 71 -11.83 -16.18 18.34
C ASP A 71 -13.09 -17.06 18.28
N LYS A 72 -13.02 -18.16 17.58
CA LYS A 72 -14.21 -19.05 17.48
C LYS A 72 -13.76 -20.51 17.34
N SER A 73 -12.79 -20.90 18.13
CA SER A 73 -12.30 -22.32 18.04
C SER A 73 -11.73 -22.73 19.39
N HIS A 1 14.95 2.15 -6.25
CA HIS A 1 15.63 2.83 -7.38
C HIS A 1 15.85 4.31 -7.03
N MET A 2 16.86 4.61 -6.26
CA MET A 2 17.11 6.02 -5.88
C MET A 2 18.50 6.44 -6.39
N VAL A 3 18.92 5.89 -7.50
CA VAL A 3 20.26 6.26 -8.05
C VAL A 3 20.16 6.42 -9.56
N GLU A 4 19.54 7.48 -10.01
CA GLU A 4 19.40 7.70 -11.47
C GLU A 4 19.68 9.17 -11.80
N GLU A 5 20.30 9.43 -12.92
CA GLU A 5 20.60 10.84 -13.29
C GLU A 5 19.82 11.20 -14.56
N VAL A 6 18.57 10.88 -14.62
CA VAL A 6 17.76 11.21 -15.83
C VAL A 6 17.47 12.71 -15.85
N LEU A 7 16.99 13.21 -16.96
CA LEU A 7 16.70 14.66 -17.05
C LEU A 7 15.22 14.87 -17.38
N GLU A 8 14.76 14.29 -18.47
CA GLU A 8 13.33 14.45 -18.83
C GLU A 8 12.44 13.75 -17.79
N GLU A 9 11.15 13.82 -17.95
CA GLU A 9 10.25 13.16 -16.97
C GLU A 9 9.94 11.73 -17.44
N GLU A 10 9.17 11.00 -16.67
CA GLU A 10 8.84 9.60 -17.07
C GLU A 10 7.41 9.55 -17.60
N GLU A 11 6.58 10.46 -17.17
CA GLU A 11 5.17 10.46 -17.66
C GLU A 11 4.49 9.15 -17.26
N GLU A 12 4.68 8.71 -16.04
CA GLU A 12 4.05 7.44 -15.60
C GLU A 12 3.38 7.65 -14.23
N GLU A 13 2.13 7.27 -14.11
CA GLU A 13 1.43 7.45 -12.81
C GLU A 13 1.58 6.17 -11.98
N TYR A 14 1.28 6.25 -10.71
CA TYR A 14 1.39 5.04 -9.84
C TYR A 14 0.28 5.05 -8.79
N VAL A 15 -0.48 4.00 -8.70
CA VAL A 15 -1.58 3.94 -7.70
C VAL A 15 -1.41 2.71 -6.82
N VAL A 16 -2.10 2.67 -5.71
CA VAL A 16 -1.99 1.49 -4.80
C VAL A 16 -3.15 0.54 -5.07
N GLU A 17 -2.87 -0.73 -5.20
CA GLU A 17 -3.97 -1.70 -5.47
C GLU A 17 -4.45 -2.31 -4.14
N LYS A 18 -3.60 -2.38 -3.16
CA LYS A 18 -4.02 -2.97 -1.85
C LYS A 18 -2.82 -3.01 -0.92
N VAL A 19 -3.04 -3.14 0.35
CA VAL A 19 -1.91 -3.19 1.32
C VAL A 19 -1.55 -4.66 1.60
N LEU A 20 -0.28 -4.97 1.62
CA LEU A 20 0.14 -6.37 1.89
C LEU A 20 0.68 -6.48 3.32
N ASP A 21 1.51 -5.55 3.71
CA ASP A 21 2.08 -5.60 5.10
C ASP A 21 2.77 -4.28 5.41
N ARG A 22 3.34 -4.17 6.58
CA ARG A 22 4.03 -2.91 6.97
C ARG A 22 5.17 -3.22 7.95
N ARG A 23 6.25 -2.51 7.86
CA ARG A 23 7.39 -2.76 8.79
C ARG A 23 7.91 -1.44 9.33
N VAL A 24 8.92 -1.48 10.17
CA VAL A 24 9.48 -0.22 10.73
C VAL A 24 10.99 -0.37 10.92
N VAL A 25 11.74 0.61 10.50
CA VAL A 25 13.22 0.52 10.66
C VAL A 25 13.64 1.22 11.95
N LYS A 26 12.77 1.30 12.91
CA LYS A 26 13.11 1.98 14.19
C LYS A 26 13.28 3.48 13.94
N GLY A 27 12.38 4.08 13.20
CA GLY A 27 12.48 5.53 12.91
C GLY A 27 11.73 5.86 11.63
N LYS A 28 11.59 4.90 10.75
CA LYS A 28 10.86 5.17 9.48
C LYS A 28 9.84 4.05 9.24
N VAL A 29 8.58 4.35 9.34
CA VAL A 29 7.53 3.31 9.12
C VAL A 29 7.36 3.08 7.61
N GLU A 30 7.70 1.92 7.14
CA GLU A 30 7.54 1.63 5.68
C GLU A 30 6.24 0.87 5.45
N TYR A 31 5.76 0.84 4.23
CA TYR A 31 4.49 0.11 3.95
C TYR A 31 4.63 -0.65 2.64
N LEU A 32 4.58 -1.96 2.68
CA LEU A 32 4.70 -2.75 1.44
C LEU A 32 3.32 -2.92 0.79
N LEU A 33 3.05 -2.18 -0.24
CA LEU A 33 1.71 -2.30 -0.90
C LEU A 33 1.90 -2.63 -2.38
N LYS A 34 0.84 -2.88 -3.09
CA LYS A 34 0.96 -3.21 -4.54
C LYS A 34 0.80 -1.94 -5.37
N TRP A 35 0.98 -2.03 -6.65
CA TRP A 35 0.84 -0.82 -7.51
C TRP A 35 0.32 -1.23 -8.89
N LYS A 36 -0.80 -0.70 -9.29
CA LYS A 36 -1.37 -1.07 -10.62
C LYS A 36 -0.57 -0.37 -11.72
N GLY A 37 0.26 0.58 -11.36
CA GLY A 37 1.07 1.30 -12.39
C GLY A 37 2.26 0.43 -12.80
N PHE A 38 2.88 -0.24 -11.87
CA PHE A 38 4.04 -1.10 -12.21
C PHE A 38 3.68 -2.56 -11.97
N SER A 39 3.37 -3.29 -13.00
CA SER A 39 3.00 -4.72 -12.83
C SER A 39 1.88 -4.85 -11.80
N ASP A 40 1.79 -5.96 -11.14
CA ASP A 40 0.72 -6.15 -10.12
C ASP A 40 1.32 -6.72 -8.83
N GLU A 41 2.58 -6.49 -8.61
CA GLU A 41 3.24 -7.02 -7.37
C GLU A 41 4.75 -6.82 -7.47
N ASP A 42 5.21 -5.60 -7.40
CA ASP A 42 6.67 -5.35 -7.49
C ASP A 42 7.25 -5.21 -6.08
N ASN A 43 6.41 -5.11 -5.08
CA ASN A 43 6.92 -4.97 -3.69
C ASN A 43 7.60 -3.61 -3.52
N THR A 44 6.90 -2.66 -2.97
CA THR A 44 7.50 -1.31 -2.78
C THR A 44 7.23 -0.82 -1.35
N TRP A 45 8.23 -0.33 -0.68
CA TRP A 45 8.02 0.16 0.71
C TRP A 45 7.91 1.69 0.70
N GLU A 46 6.87 2.23 1.27
CA GLU A 46 6.71 3.71 1.29
C GLU A 46 6.70 4.20 2.74
N PRO A 47 7.22 5.39 2.93
CA PRO A 47 7.30 6.01 4.28
C PRO A 47 5.93 6.59 4.67
N GLU A 48 5.58 6.49 5.92
CA GLU A 48 4.27 7.04 6.37
C GLU A 48 4.21 8.54 6.08
N GLU A 49 5.34 9.17 5.95
CA GLU A 49 5.35 10.64 5.68
C GLU A 49 5.24 10.87 4.17
N ASN A 50 4.34 10.19 3.51
CA ASN A 50 4.18 10.38 2.04
C ASN A 50 2.97 9.59 1.55
N LEU A 51 2.72 8.45 2.14
CA LEU A 51 1.56 7.63 1.70
C LEU A 51 0.27 8.47 1.81
N ASP A 52 -0.77 8.05 1.15
CA ASP A 52 -2.04 8.82 1.21
C ASP A 52 -3.22 7.86 1.17
N CYS A 53 -3.06 6.67 1.71
CA CYS A 53 -4.17 5.70 1.71
C CYS A 53 -4.43 5.20 3.13
N PRO A 54 -5.13 6.01 3.89
CA PRO A 54 -5.47 5.70 5.29
C PRO A 54 -6.62 4.69 5.34
N ASP A 55 -7.07 4.22 4.21
CA ASP A 55 -8.19 3.24 4.21
C ASP A 55 -7.62 1.84 4.34
N LEU A 56 -6.61 1.53 3.55
CA LEU A 56 -6.00 0.17 3.63
C LEU A 56 -5.07 0.12 4.85
N ILE A 57 -4.53 1.24 5.23
CA ILE A 57 -3.63 1.27 6.41
C ILE A 57 -4.45 1.03 7.68
N ALA A 58 -5.61 1.62 7.76
CA ALA A 58 -6.47 1.42 8.97
C ALA A 58 -7.22 0.10 8.83
N GLU A 59 -7.18 -0.51 7.67
CA GLU A 59 -7.89 -1.80 7.48
C GLU A 59 -6.92 -2.95 7.73
N PHE A 60 -5.65 -2.72 7.54
CA PHE A 60 -4.65 -3.80 7.77
C PHE A 60 -3.94 -3.59 9.11
N LEU A 61 -3.99 -2.38 9.63
CA LEU A 61 -3.33 -2.12 10.93
C LEU A 61 -4.28 -2.48 12.08
N GLN A 62 -5.56 -2.37 11.86
CA GLN A 62 -6.52 -2.72 12.95
C GLN A 62 -6.90 -4.19 12.85
N SER A 63 -6.85 -4.76 11.68
CA SER A 63 -7.21 -6.20 11.55
C SER A 63 -6.11 -7.04 12.21
N GLN A 64 -4.99 -6.45 12.48
CA GLN A 64 -3.89 -7.23 13.13
C GLN A 64 -4.29 -7.55 14.57
N LYS A 65 -5.13 -6.75 15.16
CA LYS A 65 -5.57 -7.02 16.56
C LYS A 65 -6.81 -7.91 16.54
N THR A 66 -7.23 -8.33 15.39
CA THR A 66 -8.44 -9.22 15.31
C THR A 66 -8.00 -10.68 15.21
N ALA A 67 -7.83 -11.17 14.01
CA ALA A 67 -7.40 -12.58 13.83
C ALA A 67 -8.19 -13.48 14.80
N HIS A 68 -9.37 -13.07 15.17
CA HIS A 68 -10.19 -13.89 16.11
C HIS A 68 -11.64 -13.45 16.04
N GLU A 69 -11.90 -12.17 16.13
CA GLU A 69 -13.29 -11.68 16.07
C GLU A 69 -13.85 -11.87 14.66
N THR A 70 -12.99 -11.90 13.68
CA THR A 70 -13.46 -12.09 12.28
C THR A 70 -13.03 -13.46 11.77
N ASP A 71 -13.78 -14.02 10.86
CA ASP A 71 -13.41 -15.37 10.32
C ASP A 71 -14.06 -15.57 8.96
N LYS A 72 -13.33 -16.07 8.01
CA LYS A 72 -13.90 -16.29 6.65
C LYS A 72 -14.32 -17.75 6.50
N SER A 73 -15.59 -18.01 6.43
CA SER A 73 -16.06 -19.42 6.29
C SER A 73 -15.44 -20.03 5.03
N HIS A 1 -3.98 30.85 -10.22
CA HIS A 1 -4.38 29.54 -10.81
C HIS A 1 -5.59 28.99 -10.07
N MET A 2 -6.48 28.32 -10.76
CA MET A 2 -7.68 27.75 -10.09
C MET A 2 -7.51 26.25 -9.92
N VAL A 3 -8.35 25.63 -9.14
CA VAL A 3 -8.24 24.15 -8.93
C VAL A 3 -8.52 23.44 -10.25
N GLU A 4 -7.71 22.48 -10.60
CA GLU A 4 -7.94 21.74 -11.88
C GLU A 4 -9.40 21.26 -11.93
N GLU A 5 -9.87 20.88 -13.09
CA GLU A 5 -11.28 20.42 -13.21
C GLU A 5 -11.34 18.92 -12.90
N VAL A 6 -10.65 18.12 -13.67
CA VAL A 6 -10.67 16.65 -13.43
C VAL A 6 -9.54 16.27 -12.47
N LEU A 7 -9.84 15.53 -11.44
CA LEU A 7 -8.79 15.13 -10.47
C LEU A 7 -8.99 13.66 -10.07
N GLU A 8 -9.81 12.95 -10.80
CA GLU A 8 -10.04 11.51 -10.47
C GLU A 8 -11.21 10.98 -11.29
N GLU A 9 -10.95 10.54 -12.50
CA GLU A 9 -12.05 10.02 -13.36
C GLU A 9 -11.51 8.87 -14.22
N GLU A 10 -10.66 9.16 -15.15
CA GLU A 10 -10.10 8.09 -16.02
C GLU A 10 -8.87 7.48 -15.35
N GLU A 11 -8.70 6.19 -15.47
CA GLU A 11 -7.51 5.54 -14.85
C GLU A 11 -6.30 5.70 -15.77
N GLU A 12 -5.22 6.21 -15.25
CA GLU A 12 -4.00 6.38 -16.09
C GLU A 12 -2.88 5.51 -15.55
N GLU A 13 -3.20 4.32 -15.13
CA GLU A 13 -2.14 3.40 -14.59
C GLU A 13 -1.54 4.00 -13.33
N TYR A 14 -0.73 3.26 -12.64
CA TYR A 14 -0.11 3.79 -11.39
C TYR A 14 -1.18 3.88 -10.29
N VAL A 15 -1.73 2.77 -9.89
CA VAL A 15 -2.78 2.80 -8.82
C VAL A 15 -2.42 1.79 -7.73
N VAL A 16 -2.96 1.96 -6.56
CA VAL A 16 -2.64 1.01 -5.46
C VAL A 16 -3.82 0.04 -5.28
N GLU A 17 -3.55 -1.23 -5.16
CA GLU A 17 -4.65 -2.21 -4.99
C GLU A 17 -4.89 -2.46 -3.50
N LYS A 18 -3.89 -2.21 -2.69
CA LYS A 18 -4.06 -2.41 -1.22
C LYS A 18 -2.69 -2.45 -0.55
N VAL A 19 -2.64 -2.74 0.72
CA VAL A 19 -1.33 -2.79 1.43
C VAL A 19 -0.81 -4.23 1.43
N LEU A 20 -0.03 -4.59 2.41
CA LEU A 20 0.51 -5.97 2.46
C LEU A 20 1.21 -6.20 3.81
N ASP A 21 1.89 -5.21 4.31
CA ASP A 21 2.59 -5.37 5.62
C ASP A 21 3.26 -4.06 6.00
N ARG A 22 4.24 -4.11 6.86
CA ARG A 22 4.94 -2.87 7.28
C ARG A 22 6.10 -3.22 8.21
N ARG A 23 7.19 -2.52 8.10
CA ARG A 23 8.36 -2.80 8.98
C ARG A 23 9.07 -1.49 9.32
N VAL A 24 9.64 -1.41 10.49
CA VAL A 24 10.36 -0.15 10.88
C VAL A 24 11.86 -0.44 10.95
N VAL A 25 12.66 0.60 10.98
CA VAL A 25 14.14 0.41 11.05
C VAL A 25 14.67 1.14 12.29
N LYS A 26 14.36 2.40 12.41
CA LYS A 26 14.83 3.19 13.58
C LYS A 26 13.91 4.39 13.78
N GLY A 27 12.72 4.32 13.28
CA GLY A 27 11.78 5.46 13.42
C GLY A 27 11.08 5.72 12.07
N LYS A 28 11.52 5.06 11.03
CA LYS A 28 10.89 5.26 9.70
C LYS A 28 9.87 4.14 9.45
N VAL A 29 8.62 4.41 9.66
CA VAL A 29 7.57 3.37 9.42
C VAL A 29 7.42 3.13 7.92
N GLU A 30 7.37 1.89 7.51
CA GLU A 30 7.20 1.59 6.07
C GLU A 30 5.96 0.71 5.86
N TYR A 31 5.31 0.86 4.73
CA TYR A 31 4.10 0.03 4.47
C TYR A 31 4.22 -0.63 3.10
N LEU A 32 4.19 -1.94 3.07
CA LEU A 32 4.31 -2.65 1.76
C LEU A 32 2.93 -2.70 1.08
N LEU A 33 2.82 -2.17 -0.10
CA LEU A 33 1.51 -2.19 -0.81
C LEU A 33 1.69 -2.81 -2.19
N LYS A 34 0.62 -3.31 -2.77
CA LYS A 34 0.71 -3.93 -4.11
C LYS A 34 0.40 -2.87 -5.17
N TRP A 35 0.79 -3.10 -6.39
CA TRP A 35 0.51 -2.09 -7.46
C TRP A 35 -0.06 -2.80 -8.69
N LYS A 36 -1.13 -2.27 -9.23
CA LYS A 36 -1.74 -2.90 -10.43
C LYS A 36 -1.25 -2.19 -11.69
N GLY A 37 -0.38 -1.23 -11.55
CA GLY A 37 0.14 -0.49 -12.74
C GLY A 37 1.38 -1.20 -13.27
N PHE A 38 1.74 -2.32 -12.71
CA PHE A 38 2.94 -3.05 -13.19
C PHE A 38 2.68 -4.55 -13.17
N SER A 39 2.41 -5.10 -12.02
CA SER A 39 2.13 -6.56 -11.95
C SER A 39 1.24 -6.85 -10.72
N ASP A 40 1.10 -8.09 -10.37
CA ASP A 40 0.26 -8.43 -9.19
C ASP A 40 1.12 -8.51 -7.94
N GLU A 41 2.20 -7.76 -7.91
CA GLU A 41 3.09 -7.78 -6.71
C GLU A 41 4.41 -7.09 -7.06
N ASP A 42 4.45 -5.80 -6.97
CA ASP A 42 5.70 -5.06 -7.30
C ASP A 42 6.53 -4.87 -6.02
N ASN A 43 5.95 -5.14 -4.89
CA ASN A 43 6.69 -4.97 -3.62
C ASN A 43 7.30 -3.56 -3.55
N THR A 44 6.69 -2.68 -2.82
CA THR A 44 7.22 -1.29 -2.73
C THR A 44 6.88 -0.71 -1.35
N TRP A 45 7.87 -0.45 -0.54
CA TRP A 45 7.60 0.11 0.81
C TRP A 45 7.56 1.63 0.73
N GLU A 46 6.63 2.24 1.42
CA GLU A 46 6.54 3.73 1.38
C GLU A 46 6.49 4.28 2.81
N PRO A 47 6.84 5.53 2.95
CA PRO A 47 6.86 6.22 4.25
C PRO A 47 5.44 6.61 4.67
N GLU A 48 5.05 6.27 5.87
CA GLU A 48 3.68 6.62 6.33
C GLU A 48 3.55 8.14 6.44
N GLU A 49 4.65 8.84 6.33
CA GLU A 49 4.60 10.33 6.43
C GLU A 49 4.39 10.93 5.03
N ASN A 50 3.70 10.22 4.18
CA ASN A 50 3.47 10.75 2.80
C ASN A 50 2.30 10.00 2.16
N LEU A 51 2.27 8.71 2.29
CA LEU A 51 1.15 7.93 1.69
C LEU A 51 -0.19 8.58 2.05
N ASP A 52 -0.93 9.02 1.08
CA ASP A 52 -2.24 9.66 1.38
C ASP A 52 -3.35 8.61 1.30
N CYS A 53 -3.16 7.49 1.93
CA CYS A 53 -4.21 6.43 1.91
C CYS A 53 -4.42 5.87 3.31
N PRO A 54 -5.25 6.54 4.07
CA PRO A 54 -5.56 6.14 5.46
C PRO A 54 -6.55 4.98 5.46
N ASP A 55 -7.02 4.58 4.31
CA ASP A 55 -7.99 3.45 4.25
C ASP A 55 -7.22 2.13 4.16
N LEU A 56 -6.16 2.10 3.42
CA LEU A 56 -5.37 0.84 3.30
C LEU A 56 -4.46 0.73 4.52
N ILE A 57 -3.90 1.82 4.96
CA ILE A 57 -3.02 1.78 6.15
C ILE A 57 -3.85 1.41 7.37
N ALA A 58 -5.09 1.85 7.41
CA ALA A 58 -5.96 1.53 8.57
C ALA A 58 -6.77 0.27 8.26
N GLU A 59 -6.60 -0.30 7.10
CA GLU A 59 -7.36 -1.52 6.75
C GLU A 59 -6.48 -2.75 7.00
N PHE A 60 -5.20 -2.62 6.85
CA PHE A 60 -4.29 -3.77 7.09
C PHE A 60 -3.82 -3.77 8.55
N LEU A 61 -3.90 -2.65 9.20
CA LEU A 61 -3.46 -2.58 10.63
C LEU A 61 -4.61 -3.00 11.54
N GLN A 62 -5.82 -2.93 11.05
CA GLN A 62 -6.99 -3.32 11.88
C GLN A 62 -7.28 -4.81 11.69
N SER A 63 -6.94 -5.34 10.55
CA SER A 63 -7.18 -6.79 10.30
C SER A 63 -6.40 -7.62 11.31
N GLN A 64 -5.32 -7.10 11.81
CA GLN A 64 -4.51 -7.86 12.82
C GLN A 64 -5.39 -8.18 14.03
N LYS A 65 -6.33 -7.33 14.33
CA LYS A 65 -7.21 -7.57 15.50
C LYS A 65 -8.61 -7.95 15.00
N THR A 66 -8.86 -7.81 13.73
CA THR A 66 -10.21 -8.16 13.18
C THR A 66 -10.04 -9.00 11.92
N ALA A 67 -9.47 -10.16 12.04
CA ALA A 67 -9.28 -11.02 10.83
C ALA A 67 -10.28 -12.18 10.86
N HIS A 68 -10.89 -12.42 12.00
CA HIS A 68 -11.87 -13.53 12.09
C HIS A 68 -13.29 -12.95 12.09
N GLU A 69 -13.44 -11.70 11.78
CA GLU A 69 -14.79 -11.08 11.77
C GLU A 69 -15.21 -10.81 10.32
N THR A 70 -14.55 -11.41 9.37
CA THR A 70 -14.91 -11.18 7.94
C THR A 70 -14.95 -12.52 7.21
N ASP A 71 -15.87 -13.38 7.55
CA ASP A 71 -15.96 -14.70 6.87
C ASP A 71 -17.42 -15.09 6.69
N LYS A 72 -18.02 -15.64 7.72
CA LYS A 72 -19.45 -16.04 7.62
C LYS A 72 -20.19 -15.62 8.88
N SER A 73 -21.37 -15.07 8.74
CA SER A 73 -22.14 -14.64 9.94
C SER A 73 -23.04 -15.79 10.40
N HIS A 1 22.60 2.48 -4.12
CA HIS A 1 23.22 1.26 -4.70
C HIS A 1 22.25 0.61 -5.70
N MET A 2 21.02 0.42 -5.32
CA MET A 2 20.03 -0.19 -6.24
C MET A 2 18.74 0.62 -6.23
N VAL A 3 18.76 1.77 -5.60
CA VAL A 3 17.52 2.61 -5.55
C VAL A 3 17.50 3.56 -6.74
N GLU A 4 18.51 3.49 -7.59
CA GLU A 4 18.54 4.40 -8.78
C GLU A 4 18.67 5.85 -8.31
N GLU A 5 19.32 6.07 -7.20
CA GLU A 5 19.48 7.46 -6.69
C GLU A 5 18.10 8.05 -6.37
N VAL A 6 17.18 7.23 -5.96
CA VAL A 6 15.82 7.75 -5.63
C VAL A 6 15.22 8.43 -6.86
N LEU A 7 13.93 8.62 -6.88
CA LEU A 7 13.30 9.28 -8.06
C LEU A 7 13.56 10.79 -8.01
N GLU A 8 14.11 11.33 -9.05
CA GLU A 8 14.39 12.80 -9.06
C GLU A 8 13.40 13.51 -9.99
N GLU A 9 12.94 12.83 -11.00
CA GLU A 9 11.96 13.46 -11.93
C GLU A 9 10.53 13.10 -11.51
N GLU A 10 10.19 11.84 -11.57
CA GLU A 10 8.82 11.42 -11.16
C GLU A 10 8.75 9.90 -11.09
N GLU A 11 8.03 9.37 -10.14
CA GLU A 11 7.92 7.89 -10.03
C GLU A 11 7.18 7.33 -11.24
N GLU A 12 6.97 6.04 -11.28
CA GLU A 12 6.26 5.44 -12.44
C GLU A 12 5.39 4.28 -11.95
N GLU A 13 4.83 4.41 -10.78
CA GLU A 13 3.96 3.32 -10.24
C GLU A 13 2.65 3.29 -11.01
N TYR A 14 2.15 2.12 -11.31
CA TYR A 14 0.87 2.02 -12.06
C TYR A 14 -0.30 2.35 -11.12
N VAL A 15 -0.85 1.36 -10.48
CA VAL A 15 -1.99 1.61 -9.55
C VAL A 15 -1.79 0.80 -8.28
N VAL A 16 -2.38 1.22 -7.19
CA VAL A 16 -2.24 0.48 -5.91
C VAL A 16 -3.49 -0.36 -5.65
N GLU A 17 -3.32 -1.61 -5.31
CA GLU A 17 -4.51 -2.46 -5.05
C GLU A 17 -4.86 -2.43 -3.56
N LYS A 18 -3.86 -2.29 -2.72
CA LYS A 18 -4.13 -2.23 -1.25
C LYS A 18 -2.82 -2.45 -0.49
N VAL A 19 -2.90 -2.64 0.79
CA VAL A 19 -1.66 -2.87 1.59
C VAL A 19 -1.38 -4.36 1.70
N LEU A 20 -0.21 -4.72 2.15
CA LEU A 20 0.12 -6.17 2.28
C LEU A 20 0.84 -6.41 3.62
N ASP A 21 1.60 -5.46 4.08
CA ASP A 21 2.33 -5.65 5.37
C ASP A 21 2.71 -4.28 5.94
N ARG A 22 3.58 -4.26 6.92
CA ARG A 22 4.01 -2.97 7.52
C ARG A 22 5.42 -3.11 8.08
N ARG A 23 6.34 -2.30 7.64
CA ARG A 23 7.73 -2.39 8.14
C ARG A 23 7.97 -1.29 9.19
N VAL A 24 9.05 -1.38 9.92
CA VAL A 24 9.33 -0.33 10.95
C VAL A 24 10.84 -0.30 11.24
N VAL A 25 11.52 0.71 10.78
CA VAL A 25 12.99 0.79 11.03
C VAL A 25 13.24 1.62 12.29
N LYS A 26 12.53 1.33 13.35
CA LYS A 26 12.74 2.10 14.61
C LYS A 26 12.57 3.59 14.33
N GLY A 27 11.38 4.01 13.97
CA GLY A 27 11.14 5.45 13.69
C GLY A 27 10.71 5.63 12.24
N LYS A 28 10.79 4.58 11.45
CA LYS A 28 10.38 4.69 10.03
C LYS A 28 9.27 3.67 9.74
N VAL A 29 8.06 3.97 10.13
CA VAL A 29 6.94 3.02 9.86
C VAL A 29 6.57 3.05 8.38
N GLU A 30 6.94 2.04 7.65
CA GLU A 30 6.61 2.02 6.19
C GLU A 30 5.47 1.04 5.94
N TYR A 31 5.11 0.83 4.71
CA TYR A 31 4.00 -0.11 4.40
C TYR A 31 4.26 -0.76 3.04
N LEU A 32 4.08 -2.05 2.96
CA LEU A 32 4.31 -2.76 1.67
C LEU A 32 2.97 -2.93 0.93
N LEU A 33 2.70 -2.10 -0.05
CA LEU A 33 1.43 -2.22 -0.80
C LEU A 33 1.67 -2.93 -2.12
N LYS A 34 0.62 -3.43 -2.74
CA LYS A 34 0.79 -4.13 -4.04
C LYS A 34 0.48 -3.16 -5.18
N TRP A 35 1.01 -3.39 -6.35
CA TRP A 35 0.75 -2.49 -7.49
C TRP A 35 0.41 -3.30 -8.74
N LYS A 36 -0.77 -3.14 -9.27
CA LYS A 36 -1.16 -3.92 -10.48
C LYS A 36 -0.63 -3.21 -11.72
N GLY A 37 -0.21 -3.95 -12.72
CA GLY A 37 0.31 -3.31 -13.96
C GLY A 37 1.81 -3.62 -14.10
N PHE A 38 2.47 -3.87 -13.01
CA PHE A 38 3.93 -4.18 -13.08
C PHE A 38 4.12 -5.71 -13.13
N SER A 39 4.02 -6.35 -12.00
CA SER A 39 4.19 -7.83 -11.97
C SER A 39 3.14 -8.46 -11.04
N ASP A 40 2.06 -7.76 -10.81
CA ASP A 40 1.00 -8.30 -9.92
C ASP A 40 1.56 -8.48 -8.51
N GLU A 41 2.61 -7.77 -8.19
CA GLU A 41 3.21 -7.88 -6.83
C GLU A 41 4.61 -7.26 -6.85
N ASP A 42 4.69 -5.96 -6.83
CA ASP A 42 6.03 -5.30 -6.86
C ASP A 42 6.48 -5.04 -5.42
N ASN A 43 5.57 -5.05 -4.49
CA ASN A 43 5.95 -4.79 -3.07
C ASN A 43 6.74 -3.48 -2.97
N THR A 44 6.11 -2.44 -2.51
CA THR A 44 6.82 -1.14 -2.39
C THR A 44 6.72 -0.62 -0.95
N TRP A 45 7.83 -0.34 -0.33
CA TRP A 45 7.79 0.16 1.07
C TRP A 45 7.77 1.68 1.06
N GLU A 46 6.69 2.27 1.50
CA GLU A 46 6.61 3.76 1.52
C GLU A 46 6.32 4.24 2.95
N PRO A 47 6.76 5.43 3.24
CA PRO A 47 6.57 6.04 4.57
C PRO A 47 5.14 6.58 4.71
N GLU A 48 4.49 6.29 5.81
CA GLU A 48 3.09 6.78 6.00
C GLU A 48 3.10 8.31 6.10
N GLU A 49 4.26 8.90 6.20
CA GLU A 49 4.32 10.39 6.30
C GLU A 49 4.43 10.99 4.90
N ASN A 50 3.83 10.35 3.93
CA ASN A 50 3.89 10.89 2.54
C ASN A 50 2.75 10.30 1.71
N LEU A 51 2.44 9.05 1.91
CA LEU A 51 1.34 8.42 1.13
C LEU A 51 0.04 9.17 1.40
N ASP A 52 -0.92 9.04 0.53
CA ASP A 52 -2.23 9.75 0.75
C ASP A 52 -3.36 8.71 0.83
N CYS A 53 -3.12 7.62 1.49
CA CYS A 53 -4.17 6.58 1.62
C CYS A 53 -4.20 6.05 3.05
N PRO A 54 -4.89 6.75 3.90
CA PRO A 54 -5.02 6.39 5.33
C PRO A 54 -6.04 5.26 5.50
N ASP A 55 -6.74 4.93 4.45
CA ASP A 55 -7.76 3.84 4.55
C ASP A 55 -7.05 2.48 4.42
N LEU A 56 -6.02 2.42 3.64
CA LEU A 56 -5.29 1.14 3.48
C LEU A 56 -4.28 0.99 4.62
N ILE A 57 -3.73 2.08 5.08
CA ILE A 57 -2.75 2.00 6.19
C ILE A 57 -3.49 1.65 7.48
N ALA A 58 -4.75 1.96 7.55
CA ALA A 58 -5.55 1.65 8.78
C ALA A 58 -6.48 0.46 8.50
N GLU A 59 -6.46 -0.05 7.29
CA GLU A 59 -7.35 -1.20 6.95
C GLU A 59 -6.64 -2.51 7.30
N PHE A 60 -5.42 -2.65 6.90
CA PHE A 60 -4.66 -3.89 7.22
C PHE A 60 -3.97 -3.67 8.57
N LEU A 61 -3.81 -2.43 8.94
CA LEU A 61 -3.17 -2.09 10.23
C LEU A 61 -3.78 -2.95 11.33
N GLN A 62 -5.07 -2.98 11.43
CA GLN A 62 -5.73 -3.80 12.49
C GLN A 62 -5.94 -5.23 12.00
N SER A 63 -6.29 -5.39 10.75
CA SER A 63 -6.52 -6.75 10.21
C SER A 63 -5.26 -7.60 10.42
N GLN A 64 -4.15 -6.97 10.68
CA GLN A 64 -2.89 -7.73 10.89
C GLN A 64 -3.03 -8.59 12.15
N LYS A 65 -3.61 -8.04 13.18
CA LYS A 65 -3.78 -8.82 14.44
C LYS A 65 -5.18 -9.44 14.47
N THR A 66 -5.85 -9.45 13.35
CA THR A 66 -7.22 -10.04 13.30
C THR A 66 -7.64 -10.27 11.85
N ALA A 67 -6.83 -10.96 11.10
CA ALA A 67 -7.18 -11.22 9.67
C ALA A 67 -6.13 -12.13 9.04
N HIS A 68 -6.41 -13.39 8.88
CA HIS A 68 -5.43 -14.31 8.28
C HIS A 68 -4.33 -14.64 9.29
N GLU A 69 -4.64 -14.54 10.56
CA GLU A 69 -3.62 -14.85 11.60
C GLU A 69 -4.22 -15.81 12.63
N THR A 70 -5.22 -16.56 12.24
CA THR A 70 -5.85 -17.51 13.21
C THR A 70 -6.21 -18.80 12.47
N ASP A 71 -5.54 -19.09 11.40
CA ASP A 71 -5.84 -20.34 10.64
C ASP A 71 -4.70 -21.34 10.82
N LYS A 72 -5.00 -22.61 10.83
CA LYS A 72 -3.93 -23.63 11.00
C LYS A 72 -3.77 -24.43 9.70
N SER A 73 -3.01 -25.49 9.73
CA SER A 73 -2.82 -26.30 8.50
C SER A 73 -2.40 -27.72 8.89
N HIS A 1 10.33 23.63 -13.19
CA HIS A 1 10.70 24.19 -11.86
C HIS A 1 10.36 23.17 -10.77
N MET A 2 9.19 22.60 -10.84
CA MET A 2 8.79 21.60 -9.81
C MET A 2 9.06 20.19 -10.33
N VAL A 3 8.59 19.87 -11.50
CA VAL A 3 8.83 18.51 -12.05
C VAL A 3 9.64 18.63 -13.35
N GLU A 4 9.50 19.71 -14.05
CA GLU A 4 10.26 19.88 -15.32
C GLU A 4 9.95 21.26 -15.92
N GLU A 5 8.83 21.41 -16.56
CA GLU A 5 8.47 22.72 -17.15
C GLU A 5 6.94 22.86 -17.21
N VAL A 6 6.29 22.00 -17.95
CA VAL A 6 4.81 22.08 -18.05
C VAL A 6 4.28 20.84 -18.76
N LEU A 7 4.15 19.76 -18.05
CA LEU A 7 3.64 18.51 -18.68
C LEU A 7 2.16 18.33 -18.34
N GLU A 8 1.36 17.92 -19.30
CA GLU A 8 -0.08 17.73 -19.03
C GLU A 8 -0.36 16.25 -18.75
N GLU A 9 0.65 15.51 -18.36
CA GLU A 9 0.44 14.06 -18.07
C GLU A 9 1.35 13.63 -16.92
N GLU A 10 0.84 12.86 -16.01
CA GLU A 10 1.68 12.41 -14.86
C GLU A 10 1.48 10.90 -14.64
N GLU A 11 2.46 10.24 -14.09
CA GLU A 11 2.32 8.78 -13.84
C GLU A 11 2.21 8.52 -12.35
N GLU A 12 3.30 8.62 -11.63
CA GLU A 12 3.26 8.39 -10.16
C GLU A 12 2.64 7.02 -9.89
N GLU A 13 3.29 5.97 -10.31
CA GLU A 13 2.75 4.60 -10.06
C GLU A 13 1.37 4.48 -10.72
N TYR A 14 0.93 3.28 -11.00
CA TYR A 14 -0.39 3.10 -11.63
C TYR A 14 -1.48 3.11 -10.56
N VAL A 15 -1.80 1.97 -10.01
CA VAL A 15 -2.85 1.92 -8.96
C VAL A 15 -2.43 0.94 -7.86
N VAL A 16 -3.03 1.05 -6.70
CA VAL A 16 -2.66 0.13 -5.59
C VAL A 16 -3.75 -0.93 -5.44
N GLU A 17 -3.37 -2.16 -5.22
CA GLU A 17 -4.39 -3.23 -5.06
C GLU A 17 -4.70 -3.43 -3.57
N LYS A 18 -3.73 -3.24 -2.72
CA LYS A 18 -3.96 -3.41 -1.26
C LYS A 18 -2.63 -3.42 -0.52
N VAL A 19 -2.67 -3.54 0.78
CA VAL A 19 -1.40 -3.56 1.57
C VAL A 19 -0.98 -5.02 1.81
N LEU A 20 0.24 -5.36 1.48
CA LEU A 20 0.70 -6.75 1.70
C LEU A 20 1.35 -6.87 3.08
N ASP A 21 1.91 -5.80 3.58
CA ASP A 21 2.55 -5.85 4.92
C ASP A 21 3.19 -4.50 5.25
N ARG A 22 4.07 -4.46 6.21
CA ARG A 22 4.73 -3.19 6.58
C ARG A 22 5.74 -3.44 7.69
N ARG A 23 6.62 -2.50 7.93
CA ARG A 23 7.64 -2.71 9.01
C ARG A 23 8.05 -1.35 9.59
N VAL A 24 9.23 -1.25 10.12
CA VAL A 24 9.68 0.05 10.70
C VAL A 24 11.22 0.10 10.69
N VAL A 25 11.78 1.20 10.27
CA VAL A 25 13.26 1.32 10.24
C VAL A 25 13.74 1.97 11.54
N LYS A 26 13.07 1.73 12.62
CA LYS A 26 13.49 2.32 13.92
C LYS A 26 13.35 3.85 13.84
N GLY A 27 12.26 4.32 13.31
CA GLY A 27 12.07 5.80 13.21
C GLY A 27 11.41 6.14 11.87
N LYS A 28 11.33 5.18 10.99
CA LYS A 28 10.70 5.44 9.66
C LYS A 28 9.75 4.30 9.31
N VAL A 29 8.54 4.36 9.78
CA VAL A 29 7.56 3.27 9.47
C VAL A 29 7.24 3.29 7.97
N GLU A 30 7.24 2.14 7.36
CA GLU A 30 6.94 2.07 5.90
C GLU A 30 5.81 1.08 5.65
N TYR A 31 5.02 1.30 4.63
CA TYR A 31 3.90 0.36 4.34
C TYR A 31 4.12 -0.27 2.97
N LEU A 32 4.22 -1.57 2.91
CA LEU A 32 4.44 -2.25 1.59
C LEU A 32 3.10 -2.39 0.88
N LEU A 33 2.91 -1.69 -0.21
CA LEU A 33 1.62 -1.79 -0.95
C LEU A 33 1.88 -2.38 -2.34
N LYS A 34 0.88 -2.98 -2.93
CA LYS A 34 1.07 -3.58 -4.28
C LYS A 34 0.69 -2.56 -5.35
N TRP A 35 1.29 -2.64 -6.50
CA TRP A 35 0.97 -1.67 -7.59
C TRP A 35 0.57 -2.43 -8.85
N LYS A 36 -0.70 -2.62 -9.06
CA LYS A 36 -1.14 -3.36 -10.29
C LYS A 36 -0.81 -2.55 -11.53
N GLY A 37 -0.56 -3.20 -12.64
CA GLY A 37 -0.22 -2.46 -13.88
C GLY A 37 1.27 -2.59 -14.17
N PHE A 38 2.02 -3.15 -13.26
CA PHE A 38 3.48 -3.31 -13.49
C PHE A 38 3.85 -4.80 -13.50
N SER A 39 4.18 -5.34 -12.36
CA SER A 39 4.54 -6.78 -12.30
C SER A 39 3.53 -7.53 -11.43
N ASP A 40 3.77 -8.79 -11.17
CA ASP A 40 2.82 -9.57 -10.32
C ASP A 40 2.75 -8.93 -8.93
N GLU A 41 3.87 -8.72 -8.30
CA GLU A 41 3.86 -8.12 -6.94
C GLU A 41 5.08 -7.21 -6.78
N ASP A 42 5.10 -6.11 -7.48
CA ASP A 42 6.26 -5.17 -7.36
C ASP A 42 5.94 -4.11 -6.31
N ASN A 43 5.37 -4.51 -5.21
CA ASN A 43 5.03 -3.53 -4.14
C ASN A 43 6.26 -2.67 -3.82
N THR A 44 6.09 -1.70 -2.97
CA THR A 44 7.24 -0.81 -2.60
C THR A 44 7.06 -0.32 -1.17
N TRP A 45 8.14 -0.08 -0.47
CA TRP A 45 8.02 0.41 0.93
C TRP A 45 8.00 1.95 0.93
N GLU A 46 6.84 2.52 1.14
CA GLU A 46 6.74 4.01 1.15
C GLU A 46 6.67 4.50 2.60
N PRO A 47 7.06 5.73 2.81
CA PRO A 47 7.06 6.35 4.14
C PRO A 47 5.64 6.81 4.50
N GLU A 48 5.25 6.63 5.74
CA GLU A 48 3.88 7.05 6.16
C GLU A 48 3.84 8.58 6.30
N GLU A 49 4.98 9.22 6.23
CA GLU A 49 5.01 10.70 6.36
C GLU A 49 4.84 11.34 4.99
N ASN A 50 3.94 10.86 4.19
CA ASN A 50 3.73 11.44 2.83
C ASN A 50 2.67 10.64 2.09
N LEU A 51 2.59 9.36 2.33
CA LEU A 51 1.58 8.52 1.64
C LEU A 51 0.18 9.11 1.88
N ASP A 52 -0.69 9.02 0.92
CA ASP A 52 -2.06 9.58 1.10
C ASP A 52 -3.06 8.42 1.18
N CYS A 53 -2.68 7.33 1.79
CA CYS A 53 -3.61 6.17 1.89
C CYS A 53 -3.77 5.78 3.37
N PRO A 54 -4.55 6.57 4.07
CA PRO A 54 -4.82 6.34 5.50
C PRO A 54 -5.84 5.21 5.68
N ASP A 55 -6.44 4.78 4.60
CA ASP A 55 -7.44 3.67 4.72
C ASP A 55 -6.72 2.33 4.55
N LEU A 56 -5.69 2.29 3.75
CA LEU A 56 -4.95 1.01 3.56
C LEU A 56 -4.08 0.76 4.79
N ILE A 57 -3.59 1.80 5.40
CA ILE A 57 -2.74 1.63 6.61
C ILE A 57 -3.63 1.18 7.77
N ALA A 58 -4.75 1.82 7.95
CA ALA A 58 -5.67 1.43 9.07
C ALA A 58 -6.53 0.24 8.63
N GLU A 59 -6.33 -0.25 7.44
CA GLU A 59 -7.14 -1.41 6.97
C GLU A 59 -6.38 -2.70 7.24
N PHE A 60 -5.10 -2.72 6.97
CA PHE A 60 -4.30 -3.94 7.21
C PHE A 60 -3.97 -4.05 8.69
N LEU A 61 -3.90 -2.93 9.38
CA LEU A 61 -3.58 -2.98 10.83
C LEU A 61 -4.87 -3.21 11.64
N GLN A 62 -5.96 -2.64 11.22
CA GLN A 62 -7.24 -2.85 11.95
C GLN A 62 -7.66 -4.31 11.80
N SER A 63 -6.99 -5.05 10.96
CA SER A 63 -7.35 -6.48 10.78
C SER A 63 -7.39 -7.18 12.13
N GLN A 64 -6.23 -7.46 12.68
CA GLN A 64 -6.19 -8.15 14.00
C GLN A 64 -5.85 -7.13 15.09
N LYS A 65 -6.09 -5.88 14.82
CA LYS A 65 -5.75 -4.83 15.82
C LYS A 65 -4.24 -4.76 15.96
N THR A 66 -3.53 -5.39 15.06
CA THR A 66 -2.05 -5.37 15.11
C THR A 66 -1.59 -5.94 16.45
N ALA A 67 -1.93 -7.17 16.72
CA ALA A 67 -1.52 -7.80 18.00
C ALA A 67 -0.54 -8.94 17.71
N HIS A 68 -0.57 -9.47 16.52
CA HIS A 68 0.35 -10.58 16.17
C HIS A 68 1.64 -10.02 15.57
N GLU A 69 1.85 -8.74 15.70
CA GLU A 69 3.09 -8.13 15.14
C GLU A 69 3.80 -7.31 16.23
N THR A 70 3.05 -6.64 17.05
CA THR A 70 3.67 -5.83 18.13
C THR A 70 2.76 -5.82 19.36
N ASP A 71 2.58 -6.95 19.98
CA ASP A 71 1.70 -7.01 21.19
C ASP A 71 2.22 -6.02 22.24
N LYS A 72 3.48 -5.69 22.20
CA LYS A 72 4.03 -4.73 23.19
C LYS A 72 4.03 -5.38 24.58
N SER A 73 4.70 -4.78 25.53
CA SER A 73 4.73 -5.36 26.90
C SER A 73 5.57 -6.64 26.89
N HIS A 1 6.29 27.64 -35.46
CA HIS A 1 7.53 28.09 -34.76
C HIS A 1 8.27 26.87 -34.20
N MET A 2 7.87 26.39 -33.06
CA MET A 2 8.55 25.21 -32.46
C MET A 2 7.72 23.95 -32.75
N VAL A 3 8.16 22.82 -32.26
CA VAL A 3 7.40 21.55 -32.51
C VAL A 3 6.36 21.37 -31.42
N GLU A 4 5.28 22.10 -31.47
CA GLU A 4 4.23 21.96 -30.43
C GLU A 4 3.76 20.50 -30.38
N GLU A 5 3.15 20.10 -29.30
CA GLU A 5 2.66 18.69 -29.18
C GLU A 5 1.15 18.65 -29.41
N VAL A 6 0.54 17.53 -29.18
CA VAL A 6 -0.94 17.42 -29.39
C VAL A 6 -1.53 16.46 -28.36
N LEU A 7 -2.82 16.27 -28.39
CA LEU A 7 -3.46 15.35 -27.41
C LEU A 7 -2.66 14.05 -27.34
N GLU A 8 -2.47 13.39 -28.45
CA GLU A 8 -1.71 12.12 -28.45
C GLU A 8 -2.33 11.15 -27.44
N GLU A 9 -1.89 9.93 -27.44
CA GLU A 9 -2.46 8.94 -26.47
C GLU A 9 -1.40 8.54 -25.46
N GLU A 10 -1.75 7.73 -24.49
CA GLU A 10 -0.74 7.30 -23.48
C GLU A 10 -1.28 6.09 -22.71
N GLU A 11 -0.43 5.17 -22.35
CA GLU A 11 -0.89 3.97 -21.60
C GLU A 11 -0.33 4.01 -20.17
N GLU A 12 -0.27 5.17 -19.58
CA GLU A 12 0.25 5.28 -18.19
C GLU A 12 -0.91 5.29 -17.21
N GLU A 13 -1.30 4.15 -16.71
CA GLU A 13 -2.42 4.09 -15.74
C GLU A 13 -2.11 3.07 -14.65
N TYR A 14 -1.89 3.52 -13.44
CA TYR A 14 -1.59 2.57 -12.34
C TYR A 14 -2.54 2.83 -11.16
N VAL A 15 -2.61 1.92 -10.23
CA VAL A 15 -3.53 2.10 -9.08
C VAL A 15 -3.06 1.24 -7.90
N VAL A 16 -3.58 1.48 -6.73
CA VAL A 16 -3.18 0.66 -5.55
C VAL A 16 -4.22 -0.42 -5.29
N GLU A 17 -3.79 -1.64 -5.15
CA GLU A 17 -4.77 -2.74 -4.90
C GLU A 17 -4.94 -2.95 -3.39
N LYS A 18 -3.90 -2.71 -2.64
CA LYS A 18 -4.01 -2.90 -1.16
C LYS A 18 -2.61 -2.86 -0.54
N VAL A 19 -2.52 -3.12 0.74
CA VAL A 19 -1.18 -3.10 1.40
C VAL A 19 -0.60 -4.51 1.40
N LEU A 20 0.16 -4.86 2.40
CA LEU A 20 0.76 -6.22 2.44
C LEU A 20 1.57 -6.39 3.74
N ASP A 21 2.26 -5.37 4.16
CA ASP A 21 3.07 -5.48 5.40
C ASP A 21 3.31 -4.08 5.97
N ARG A 22 4.02 -3.99 7.07
CA ARG A 22 4.31 -2.66 7.67
C ARG A 22 5.40 -2.82 8.74
N ARG A 23 6.50 -2.14 8.56
CA ARG A 23 7.60 -2.25 9.56
C ARG A 23 8.04 -0.84 9.98
N VAL A 24 9.06 -0.75 10.78
CA VAL A 24 9.55 0.59 11.23
C VAL A 24 11.08 0.58 11.29
N VAL A 25 11.68 1.73 11.17
CA VAL A 25 13.16 1.81 11.21
C VAL A 25 13.58 2.75 12.34
N LYS A 26 12.81 3.77 12.58
CA LYS A 26 13.15 4.74 13.67
C LYS A 26 12.25 5.97 13.54
N GLY A 27 11.02 5.77 13.16
CA GLY A 27 10.09 6.94 13.01
C GLY A 27 9.73 7.11 11.53
N LYS A 28 10.17 6.22 10.69
CA LYS A 28 9.84 6.33 9.24
C LYS A 28 8.57 5.54 8.93
N VAL A 29 8.46 4.36 9.48
CA VAL A 29 7.24 3.54 9.23
C VAL A 29 7.08 3.31 7.72
N GLU A 30 7.30 2.11 7.27
CA GLU A 30 7.15 1.83 5.81
C GLU A 30 5.91 0.97 5.59
N TYR A 31 5.33 1.04 4.42
CA TYR A 31 4.11 0.22 4.15
C TYR A 31 4.30 -0.57 2.84
N LEU A 32 4.08 -1.85 2.88
CA LEU A 32 4.24 -2.68 1.65
C LEU A 32 2.90 -2.77 0.93
N LEU A 33 2.80 -2.18 -0.24
CA LEU A 33 1.51 -2.23 -0.98
C LEU A 33 1.74 -2.90 -2.35
N LYS A 34 0.74 -3.55 -2.87
CA LYS A 34 0.89 -4.21 -4.20
C LYS A 34 0.10 -3.43 -5.25
N TRP A 35 0.73 -3.02 -6.31
CA TRP A 35 0.01 -2.26 -7.37
C TRP A 35 -0.59 -3.23 -8.38
N LYS A 36 -1.64 -2.83 -9.04
CA LYS A 36 -2.28 -3.73 -10.05
C LYS A 36 -1.77 -3.38 -11.44
N GLY A 37 -1.29 -2.17 -11.62
CA GLY A 37 -0.78 -1.77 -12.97
C GLY A 37 0.73 -2.00 -13.02
N PHE A 38 1.24 -2.90 -12.22
CA PHE A 38 2.70 -3.17 -12.23
C PHE A 38 2.94 -4.67 -12.21
N SER A 39 4.15 -5.10 -12.00
CA SER A 39 4.45 -6.56 -11.96
C SER A 39 3.39 -7.27 -11.12
N ASP A 40 3.29 -8.55 -11.25
CA ASP A 40 2.26 -9.30 -10.45
C ASP A 40 2.27 -8.79 -9.01
N GLU A 41 3.38 -8.86 -8.35
CA GLU A 41 3.44 -8.38 -6.94
C GLU A 41 4.66 -7.45 -6.79
N ASP A 42 4.52 -6.22 -7.19
CA ASP A 42 5.66 -5.28 -7.07
C ASP A 42 5.58 -4.55 -5.72
N ASN A 43 5.39 -5.31 -4.66
CA ASN A 43 5.31 -4.68 -3.31
C ASN A 43 6.38 -3.60 -3.17
N THR A 44 6.05 -2.50 -2.56
CA THR A 44 7.06 -1.41 -2.40
C THR A 44 6.95 -0.84 -0.99
N TRP A 45 8.07 -0.47 -0.40
CA TRP A 45 8.03 0.10 0.98
C TRP A 45 8.12 1.62 0.90
N GLU A 46 7.02 2.31 1.03
CA GLU A 46 7.04 3.79 0.96
C GLU A 46 6.85 4.37 2.38
N PRO A 47 7.32 5.58 2.55
CA PRO A 47 7.23 6.28 3.84
C PRO A 47 5.82 6.84 4.05
N GLU A 48 5.27 6.67 5.23
CA GLU A 48 3.90 7.19 5.49
C GLU A 48 3.93 8.72 5.53
N GLU A 49 5.10 9.29 5.59
CA GLU A 49 5.20 10.77 5.64
C GLU A 49 4.88 11.35 4.25
N ASN A 50 4.81 10.50 3.26
CA ASN A 50 4.50 10.99 1.88
C ASN A 50 3.32 10.22 1.32
N LEU A 51 2.86 9.21 2.02
CA LEU A 51 1.71 8.41 1.52
C LEU A 51 0.40 9.00 2.07
N ASP A 52 -0.43 9.52 1.21
CA ASP A 52 -1.71 10.11 1.68
C ASP A 52 -2.82 9.07 1.56
N CYS A 53 -2.80 8.05 2.38
CA CYS A 53 -3.85 7.00 2.31
C CYS A 53 -4.04 6.37 3.68
N PRO A 54 -4.87 6.98 4.48
CA PRO A 54 -5.17 6.51 5.84
C PRO A 54 -6.14 5.32 5.79
N ASP A 55 -6.57 4.94 4.63
CA ASP A 55 -7.51 3.78 4.52
C ASP A 55 -6.71 2.49 4.42
N LEU A 56 -5.64 2.50 3.67
CA LEU A 56 -4.81 1.27 3.55
C LEU A 56 -3.92 1.14 4.79
N ILE A 57 -3.55 2.25 5.38
CA ILE A 57 -2.70 2.19 6.59
C ILE A 57 -3.53 1.67 7.76
N ALA A 58 -4.78 2.06 7.83
CA ALA A 58 -5.65 1.59 8.93
C ALA A 58 -6.46 0.37 8.47
N GLU A 59 -6.21 -0.10 7.28
CA GLU A 59 -6.97 -1.28 6.78
C GLU A 59 -6.09 -2.52 6.91
N PHE A 60 -4.84 -2.42 6.57
CA PHE A 60 -3.94 -3.60 6.69
C PHE A 60 -3.65 -3.87 8.16
N LEU A 61 -3.63 -2.85 8.97
CA LEU A 61 -3.35 -3.07 10.41
C LEU A 61 -4.59 -3.65 11.10
N GLN A 62 -5.75 -3.19 10.73
CA GLN A 62 -6.99 -3.72 11.35
C GLN A 62 -7.22 -5.15 10.87
N SER A 63 -6.41 -5.61 9.95
CA SER A 63 -6.59 -6.99 9.43
C SER A 63 -6.59 -7.97 10.59
N GLN A 64 -5.50 -8.06 11.29
CA GLN A 64 -5.41 -9.01 12.44
C GLN A 64 -5.25 -8.20 13.73
N LYS A 65 -5.59 -6.94 13.70
CA LYS A 65 -5.44 -6.11 14.91
C LYS A 65 -3.95 -5.82 15.11
N THR A 66 -3.15 -6.15 14.13
CA THR A 66 -1.69 -5.90 14.24
C THR A 66 -1.15 -6.64 15.46
N ALA A 67 -1.40 -7.92 15.53
CA ALA A 67 -0.90 -8.71 16.70
C ALA A 67 -0.34 -10.04 16.21
N HIS A 68 -0.16 -10.18 14.92
CA HIS A 68 0.38 -11.46 14.38
C HIS A 68 1.90 -11.37 14.28
N GLU A 69 2.44 -10.20 14.06
CA GLU A 69 3.91 -10.06 13.97
C GLU A 69 4.44 -9.30 15.19
N THR A 70 3.85 -9.53 16.33
CA THR A 70 4.31 -8.83 17.56
C THR A 70 4.46 -9.84 18.70
N ASP A 71 4.53 -11.10 18.38
CA ASP A 71 4.67 -12.13 19.44
C ASP A 71 5.93 -12.97 19.19
N LYS A 72 5.87 -13.87 18.25
CA LYS A 72 7.06 -14.72 17.95
C LYS A 72 7.08 -15.07 16.46
N SER A 73 6.49 -14.24 15.64
CA SER A 73 6.48 -14.53 14.18
C SER A 73 7.19 -13.40 13.43
N HIS A 1 14.03 24.37 -14.34
CA HIS A 1 14.13 23.37 -13.25
C HIS A 1 14.30 24.08 -11.91
N MET A 2 14.24 23.35 -10.82
CA MET A 2 14.40 23.98 -9.49
C MET A 2 14.76 22.92 -8.45
N VAL A 3 15.97 22.93 -7.98
CA VAL A 3 16.38 21.90 -6.96
C VAL A 3 16.18 20.50 -7.55
N GLU A 4 17.08 20.06 -8.39
CA GLU A 4 16.94 18.70 -8.99
C GLU A 4 18.10 17.83 -8.53
N GLU A 5 18.10 16.58 -8.91
CA GLU A 5 19.21 15.68 -8.50
C GLU A 5 19.42 14.61 -9.58
N VAL A 6 20.46 13.84 -9.47
CA VAL A 6 20.73 12.78 -10.49
C VAL A 6 20.29 11.41 -9.95
N LEU A 7 19.05 11.30 -9.56
CA LEU A 7 18.56 9.99 -9.02
C LEU A 7 17.03 10.00 -8.98
N GLU A 8 16.42 10.71 -9.88
CA GLU A 8 14.92 10.76 -9.90
C GLU A 8 14.44 10.85 -11.34
N GLU A 9 13.14 10.95 -11.54
CA GLU A 9 12.60 11.05 -12.92
C GLU A 9 11.39 11.99 -12.93
N GLU A 10 10.73 12.10 -14.05
CA GLU A 10 9.54 13.00 -14.12
C GLU A 10 8.54 12.61 -13.02
N GLU A 11 7.73 11.63 -13.26
CA GLU A 11 6.73 11.20 -12.24
C GLU A 11 6.85 9.69 -12.01
N GLU A 12 6.96 8.94 -13.07
CA GLU A 12 7.06 7.46 -12.91
C GLU A 12 6.02 6.97 -11.90
N GLU A 13 4.81 7.45 -12.02
CA GLU A 13 3.75 7.02 -11.07
C GLU A 13 2.75 6.13 -11.80
N TYR A 14 2.08 5.25 -11.09
CA TYR A 14 1.09 4.36 -11.74
C TYR A 14 -0.08 4.11 -10.79
N VAL A 15 -0.72 2.98 -10.88
CA VAL A 15 -1.86 2.69 -9.98
C VAL A 15 -1.44 1.65 -8.94
N VAL A 16 -1.93 1.76 -7.74
CA VAL A 16 -1.55 0.77 -6.69
C VAL A 16 -2.76 -0.13 -6.39
N GLU A 17 -2.52 -1.27 -5.82
CA GLU A 17 -3.65 -2.19 -5.51
C GLU A 17 -4.16 -1.92 -4.10
N LYS A 18 -3.26 -1.82 -3.15
CA LYS A 18 -3.67 -1.57 -1.74
C LYS A 18 -2.52 -1.95 -0.82
N VAL A 19 -2.76 -2.04 0.45
CA VAL A 19 -1.68 -2.42 1.39
C VAL A 19 -1.67 -3.93 1.58
N LEU A 20 -0.57 -4.48 2.03
CA LEU A 20 -0.51 -5.96 2.23
C LEU A 20 0.37 -6.26 3.44
N ASP A 21 1.43 -5.54 3.62
CA ASP A 21 2.32 -5.79 4.80
C ASP A 21 2.71 -4.46 5.43
N ARG A 22 3.60 -4.47 6.39
CA ARG A 22 4.01 -3.20 7.04
C ARG A 22 5.19 -3.48 7.99
N ARG A 23 6.21 -2.68 7.90
CA ARG A 23 7.39 -2.88 8.78
C ARG A 23 7.69 -1.59 9.55
N VAL A 24 8.86 -1.47 10.12
CA VAL A 24 9.19 -0.22 10.87
C VAL A 24 10.71 -0.04 10.90
N VAL A 25 11.18 1.10 10.46
CA VAL A 25 12.65 1.35 10.47
C VAL A 25 13.03 2.07 11.76
N LYS A 26 12.36 1.77 12.84
CA LYS A 26 12.68 2.45 14.13
C LYS A 26 12.33 3.94 14.03
N GLY A 27 11.12 4.24 13.63
CA GLY A 27 10.72 5.67 13.51
C GLY A 27 10.26 5.97 12.08
N LYS A 28 9.98 4.95 11.31
CA LYS A 28 9.52 5.18 9.91
C LYS A 28 8.20 4.46 9.67
N VAL A 29 8.16 3.18 9.94
CA VAL A 29 6.90 2.42 9.73
C VAL A 29 6.50 2.49 8.25
N GLU A 30 6.95 1.57 7.46
CA GLU A 30 6.60 1.58 6.01
C GLU A 30 5.41 0.64 5.77
N TYR A 31 5.03 0.47 4.53
CA TYR A 31 3.88 -0.43 4.23
C TYR A 31 4.07 -1.06 2.85
N LEU A 32 4.07 -2.36 2.77
CA LEU A 32 4.25 -3.03 1.44
C LEU A 32 2.93 -2.93 0.65
N LEU A 33 3.00 -2.48 -0.57
CA LEU A 33 1.75 -2.37 -1.38
C LEU A 33 1.93 -3.06 -2.73
N LYS A 34 0.85 -3.45 -3.35
CA LYS A 34 0.95 -4.12 -4.67
C LYS A 34 0.83 -3.08 -5.78
N TRP A 35 0.64 -3.52 -7.00
CA TRP A 35 0.50 -2.55 -8.12
C TRP A 35 -0.31 -3.18 -9.25
N LYS A 36 -1.33 -2.50 -9.72
CA LYS A 36 -2.16 -3.07 -10.82
C LYS A 36 -2.42 -4.56 -10.56
N GLY A 37 -2.59 -5.32 -11.60
CA GLY A 37 -2.85 -6.78 -11.41
C GLY A 37 -1.52 -7.50 -11.16
N PHE A 38 -1.01 -7.41 -9.97
CA PHE A 38 0.29 -8.09 -9.67
C PHE A 38 0.36 -8.41 -8.17
N SER A 39 1.42 -9.04 -7.74
CA SER A 39 1.55 -9.39 -6.30
C SER A 39 3.01 -9.72 -6.00
N ASP A 40 3.56 -9.16 -4.96
CA ASP A 40 4.98 -9.43 -4.64
C ASP A 40 5.81 -9.13 -5.89
N GLU A 41 5.26 -8.37 -6.79
CA GLU A 41 5.99 -8.03 -8.05
C GLU A 41 6.77 -6.74 -7.86
N ASP A 42 6.13 -5.70 -7.40
CA ASP A 42 6.83 -4.41 -7.20
C ASP A 42 7.36 -4.33 -5.77
N ASN A 43 6.64 -4.88 -4.83
CA ASN A 43 7.11 -4.83 -3.41
C ASN A 43 7.60 -3.41 -3.10
N THR A 44 6.79 -2.42 -3.34
CA THR A 44 7.21 -1.02 -3.05
C THR A 44 6.74 -0.63 -1.64
N TRP A 45 7.67 -0.37 -0.76
CA TRP A 45 7.27 0.01 0.63
C TRP A 45 7.13 1.54 0.71
N GLU A 46 6.08 2.02 1.30
CA GLU A 46 5.89 3.49 1.41
C GLU A 46 5.84 3.89 2.89
N PRO A 47 6.30 5.09 3.16
CA PRO A 47 6.32 5.63 4.53
C PRO A 47 4.93 6.12 4.94
N GLU A 48 4.55 5.89 6.18
CA GLU A 48 3.21 6.34 6.63
C GLU A 48 3.22 7.85 6.87
N GLU A 49 4.35 8.48 6.66
CA GLU A 49 4.43 9.96 6.88
C GLU A 49 4.24 10.68 5.54
N ASN A 50 3.93 9.96 4.50
CA ASN A 50 3.72 10.60 3.17
C ASN A 50 2.52 9.98 2.47
N LEU A 51 2.35 8.69 2.60
CA LEU A 51 1.20 8.02 1.95
C LEU A 51 -0.10 8.73 2.34
N ASP A 52 -0.89 9.12 1.37
CA ASP A 52 -2.17 9.81 1.70
C ASP A 52 -3.33 8.83 1.59
N CYS A 53 -3.22 7.69 2.23
CA CYS A 53 -4.31 6.69 2.17
C CYS A 53 -4.51 6.05 3.55
N PRO A 54 -5.34 6.67 4.34
CA PRO A 54 -5.64 6.20 5.70
C PRO A 54 -6.62 5.02 5.65
N ASP A 55 -6.96 4.57 4.47
CA ASP A 55 -7.92 3.44 4.35
C ASP A 55 -7.12 2.13 4.40
N LEU A 56 -6.03 2.06 3.70
CA LEU A 56 -5.22 0.81 3.71
C LEU A 56 -4.34 0.81 4.97
N ILE A 57 -3.95 1.96 5.42
CA ILE A 57 -3.10 2.01 6.64
C ILE A 57 -3.95 1.63 7.85
N ALA A 58 -5.19 2.05 7.87
CA ALA A 58 -6.08 1.73 9.02
C ALA A 58 -6.82 0.41 8.73
N GLU A 59 -6.64 -0.15 7.57
CA GLU A 59 -7.33 -1.42 7.24
C GLU A 59 -6.37 -2.59 7.46
N PHE A 60 -5.09 -2.34 7.31
CA PHE A 60 -4.10 -3.43 7.50
C PHE A 60 -3.61 -3.41 8.95
N LEU A 61 -3.63 -2.26 9.58
CA LEU A 61 -3.17 -2.18 10.99
C LEU A 61 -4.28 -2.72 11.91
N GLN A 62 -5.49 -2.77 11.43
CA GLN A 62 -6.60 -3.30 12.27
C GLN A 62 -6.50 -4.82 12.34
N SER A 63 -6.02 -5.44 11.30
CA SER A 63 -5.91 -6.93 11.31
C SER A 63 -5.04 -7.36 12.50
N GLN A 64 -4.10 -6.54 12.89
CA GLN A 64 -3.23 -6.90 14.04
C GLN A 64 -4.12 -7.28 15.23
N LYS A 65 -5.21 -6.59 15.41
CA LYS A 65 -6.11 -6.92 16.55
C LYS A 65 -7.09 -8.02 16.13
N THR A 66 -7.37 -8.11 14.86
CA THR A 66 -8.31 -9.18 14.39
C THR A 66 -7.55 -10.19 13.53
N ALA A 67 -6.69 -10.96 14.14
CA ALA A 67 -5.91 -11.97 13.36
C ALA A 67 -5.89 -13.30 14.13
N HIS A 68 -5.12 -13.37 15.17
CA HIS A 68 -5.05 -14.63 15.96
C HIS A 68 -6.01 -14.54 17.15
N GLU A 69 -6.90 -13.59 17.13
CA GLU A 69 -7.86 -13.46 18.26
C GLU A 69 -9.13 -14.26 17.95
N THR A 70 -9.55 -14.27 16.72
CA THR A 70 -10.78 -15.03 16.35
C THR A 70 -10.57 -16.51 16.69
N ASP A 71 -9.95 -17.25 15.81
CA ASP A 71 -9.72 -18.69 16.09
C ASP A 71 -11.03 -19.46 15.92
N LYS A 72 -11.18 -20.17 14.84
CA LYS A 72 -12.45 -20.94 14.62
C LYS A 72 -12.11 -22.32 14.04
N SER A 73 -11.57 -22.37 12.86
CA SER A 73 -11.22 -23.67 12.25
C SER A 73 -9.74 -23.98 12.50
N HIS A 1 5.81 7.12 -7.73
CA HIS A 1 6.31 7.90 -6.57
C HIS A 1 7.83 8.03 -6.67
N MET A 2 8.32 8.32 -7.85
CA MET A 2 9.80 8.46 -8.02
C MET A 2 10.10 9.04 -9.40
N VAL A 3 11.12 9.85 -9.51
CA VAL A 3 11.46 10.44 -10.85
C VAL A 3 11.73 9.32 -11.84
N GLU A 4 11.59 9.59 -13.11
CA GLU A 4 11.84 8.53 -14.13
C GLU A 4 12.22 9.20 -15.46
N GLU A 5 12.31 8.44 -16.52
CA GLU A 5 12.69 9.01 -17.84
C GLU A 5 12.50 7.96 -18.93
N VAL A 6 12.50 8.37 -20.16
CA VAL A 6 12.32 7.40 -21.28
C VAL A 6 11.14 6.47 -20.96
N LEU A 7 9.95 6.87 -21.32
CA LEU A 7 8.77 6.01 -21.04
C LEU A 7 8.36 5.26 -22.31
N GLU A 8 9.04 4.20 -22.63
CA GLU A 8 8.70 3.43 -23.86
C GLU A 8 7.77 2.27 -23.48
N GLU A 9 7.19 2.32 -22.32
CA GLU A 9 6.27 1.22 -21.90
C GLU A 9 4.89 1.79 -21.58
N GLU A 10 4.25 2.40 -22.55
CA GLU A 10 2.90 2.98 -22.29
C GLU A 10 1.87 1.86 -22.25
N GLU A 11 1.50 1.43 -21.08
CA GLU A 11 0.49 0.33 -20.95
C GLU A 11 -0.46 0.62 -19.80
N GLU A 12 0.07 0.78 -18.61
CA GLU A 12 -0.79 1.07 -17.44
C GLU A 12 -0.13 2.13 -16.56
N GLU A 13 -0.83 2.64 -15.58
CA GLU A 13 -0.23 3.67 -14.69
C GLU A 13 -0.04 3.08 -13.30
N TYR A 14 0.70 3.76 -12.45
CA TYR A 14 0.92 3.24 -11.07
C TYR A 14 -0.32 3.50 -10.22
N VAL A 15 -0.90 2.47 -9.66
CA VAL A 15 -2.11 2.66 -8.81
C VAL A 15 -2.01 1.77 -7.57
N VAL A 16 -2.79 2.05 -6.56
CA VAL A 16 -2.75 1.22 -5.33
C VAL A 16 -3.70 0.04 -5.49
N GLU A 17 -3.18 -1.16 -5.48
CA GLU A 17 -4.07 -2.35 -5.64
C GLU A 17 -4.47 -2.86 -4.26
N LYS A 18 -3.63 -2.68 -3.27
CA LYS A 18 -3.97 -3.17 -1.91
C LYS A 18 -2.71 -3.16 -1.05
N VAL A 19 -2.86 -3.16 0.25
CA VAL A 19 -1.66 -3.16 1.12
C VAL A 19 -1.27 -4.60 1.46
N LEU A 20 -0.02 -4.93 1.34
CA LEU A 20 0.42 -6.32 1.65
C LEU A 20 0.88 -6.40 3.11
N ASP A 21 1.70 -5.49 3.53
CA ASP A 21 2.18 -5.52 4.95
C ASP A 21 3.00 -4.26 5.23
N ARG A 22 3.73 -4.26 6.32
CA ARG A 22 4.55 -3.06 6.67
C ARG A 22 5.50 -3.41 7.81
N ARG A 23 6.33 -2.49 8.22
CA ARG A 23 7.27 -2.77 9.33
C ARG A 23 8.09 -1.52 9.63
N VAL A 24 8.95 -1.58 10.62
CA VAL A 24 9.77 -0.39 10.96
C VAL A 24 11.26 -0.76 10.84
N VAL A 25 12.12 0.23 10.76
CA VAL A 25 13.57 -0.06 10.65
C VAL A 25 14.30 0.62 11.80
N LYS A 26 13.81 1.76 12.22
CA LYS A 26 14.47 2.49 13.35
C LYS A 26 13.89 3.90 13.45
N GLY A 27 12.61 4.03 13.18
CA GLY A 27 11.98 5.38 13.25
C GLY A 27 11.26 5.67 11.93
N LYS A 28 11.60 4.96 10.89
CA LYS A 28 10.93 5.20 9.57
C LYS A 28 9.93 4.07 9.30
N VAL A 29 8.68 4.28 9.60
CA VAL A 29 7.67 3.21 9.36
C VAL A 29 7.44 3.05 7.86
N GLU A 30 7.85 1.94 7.30
CA GLU A 30 7.66 1.72 5.85
C GLU A 30 6.36 0.93 5.61
N TYR A 31 5.98 0.76 4.38
CA TYR A 31 4.72 0.00 4.10
C TYR A 31 4.83 -0.67 2.73
N LEU A 32 4.76 -1.97 2.68
CA LEU A 32 4.86 -2.68 1.37
C LEU A 32 3.51 -2.59 0.65
N LEU A 33 3.42 -1.73 -0.34
CA LEU A 33 2.14 -1.59 -1.08
C LEU A 33 2.18 -2.49 -2.32
N LYS A 34 1.02 -2.83 -2.85
CA LYS A 34 0.99 -3.70 -4.06
C LYS A 34 0.58 -2.87 -5.27
N TRP A 35 1.52 -2.37 -6.01
CA TRP A 35 1.18 -1.55 -7.21
C TRP A 35 0.72 -2.47 -8.35
N LYS A 36 -0.27 -2.06 -9.09
CA LYS A 36 -0.76 -2.91 -10.22
C LYS A 36 -0.17 -2.40 -11.54
N GLY A 37 0.03 -3.27 -12.48
CA GLY A 37 0.60 -2.84 -13.79
C GLY A 37 2.11 -3.02 -13.78
N PHE A 38 2.70 -3.17 -12.62
CA PHE A 38 4.18 -3.36 -12.55
C PHE A 38 4.49 -4.77 -12.05
N SER A 39 4.64 -5.71 -12.96
CA SER A 39 4.95 -7.10 -12.54
C SER A 39 3.74 -7.70 -11.80
N ASP A 40 2.64 -7.00 -11.80
CA ASP A 40 1.43 -7.53 -11.10
C ASP A 40 1.72 -7.63 -9.60
N GLU A 41 2.79 -7.03 -9.15
CA GLU A 41 3.13 -7.10 -7.70
C GLU A 41 4.46 -6.41 -7.46
N ASP A 42 4.49 -5.10 -7.54
CA ASP A 42 5.77 -4.37 -7.32
C ASP A 42 5.87 -3.98 -5.85
N ASN A 43 5.81 -4.93 -4.96
CA ASN A 43 5.90 -4.61 -3.51
C ASN A 43 7.00 -3.59 -3.28
N THR A 44 6.64 -2.35 -3.05
CA THR A 44 7.67 -1.30 -2.81
C THR A 44 7.47 -0.71 -1.42
N TRP A 45 8.49 -0.76 -0.59
CA TRP A 45 8.35 -0.19 0.78
C TRP A 45 8.36 1.33 0.71
N GLU A 46 7.31 1.96 1.14
CA GLU A 46 7.26 3.45 1.11
C GLU A 46 6.96 4.00 2.50
N PRO A 47 7.06 5.30 2.65
CA PRO A 47 6.81 5.97 3.92
C PRO A 47 5.30 6.11 4.17
N GLU A 48 4.84 5.68 5.31
CA GLU A 48 3.38 5.79 5.60
C GLU A 48 3.06 7.20 6.09
N GLU A 49 4.06 7.92 6.54
CA GLU A 49 3.80 9.31 7.03
C GLU A 49 3.60 10.24 5.84
N ASN A 50 3.66 9.72 4.64
CA ASN A 50 3.48 10.59 3.44
C ASN A 50 2.39 9.98 2.56
N LEU A 51 2.27 8.68 2.54
CA LEU A 51 1.22 8.03 1.71
C LEU A 51 -0.15 8.57 2.09
N ASP A 52 -1.01 8.79 1.13
CA ASP A 52 -2.36 9.33 1.44
C ASP A 52 -3.40 8.21 1.28
N CYS A 53 -3.35 7.21 2.12
CA CYS A 53 -4.34 6.10 2.01
C CYS A 53 -4.67 5.58 3.41
N PRO A 54 -5.58 6.28 4.07
CA PRO A 54 -6.01 5.90 5.42
C PRO A 54 -7.00 4.74 5.37
N ASP A 55 -7.27 4.22 4.20
CA ASP A 55 -8.21 3.08 4.09
C ASP A 55 -7.46 1.78 4.32
N LEU A 56 -6.42 1.56 3.58
CA LEU A 56 -5.63 0.31 3.77
C LEU A 56 -4.65 0.51 4.92
N ILE A 57 -4.37 1.74 5.25
CA ILE A 57 -3.42 2.01 6.37
C ILE A 57 -4.14 1.72 7.70
N ALA A 58 -5.39 2.11 7.80
CA ALA A 58 -6.13 1.87 9.06
C ALA A 58 -6.98 0.60 8.91
N GLU A 59 -6.88 -0.07 7.79
CA GLU A 59 -7.67 -1.32 7.61
C GLU A 59 -6.76 -2.53 7.80
N PHE A 60 -5.57 -2.47 7.26
CA PHE A 60 -4.63 -3.62 7.42
C PHE A 60 -4.16 -3.68 8.87
N LEU A 61 -4.11 -2.56 9.54
CA LEU A 61 -3.65 -2.57 10.96
C LEU A 61 -4.81 -3.02 11.86
N GLN A 62 -6.02 -2.69 11.50
CA GLN A 62 -7.18 -3.09 12.34
C GLN A 62 -7.27 -4.62 12.36
N SER A 63 -6.95 -5.25 11.27
CA SER A 63 -7.02 -6.75 11.23
C SER A 63 -6.10 -7.33 12.31
N GLN A 64 -5.04 -6.63 12.63
CA GLN A 64 -4.11 -7.14 13.68
C GLN A 64 -4.85 -7.28 15.01
N LYS A 65 -5.70 -6.34 15.32
CA LYS A 65 -6.45 -6.42 16.60
C LYS A 65 -7.64 -7.36 16.43
N THR A 66 -7.93 -7.76 15.23
CA THR A 66 -9.08 -8.68 14.99
C THR A 66 -9.09 -9.13 13.53
N ALA A 67 -8.24 -10.06 13.19
CA ALA A 67 -8.21 -10.54 11.77
C ALA A 67 -9.19 -11.70 11.60
N HIS A 68 -10.40 -11.40 11.24
CA HIS A 68 -11.41 -12.49 11.06
C HIS A 68 -11.33 -13.46 12.23
N GLU A 69 -11.05 -12.97 13.41
CA GLU A 69 -10.96 -13.87 14.59
C GLU A 69 -12.19 -13.67 15.48
N THR A 70 -12.90 -12.59 15.29
CA THR A 70 -14.11 -12.33 16.13
C THR A 70 -15.10 -13.49 15.96
N ASP A 71 -15.00 -14.21 14.87
CA ASP A 71 -15.95 -15.34 14.65
C ASP A 71 -15.85 -16.32 15.82
N LYS A 72 -16.81 -17.19 15.96
CA LYS A 72 -16.78 -18.17 17.08
C LYS A 72 -17.99 -19.10 16.99
N SER A 73 -17.85 -20.20 16.31
CA SER A 73 -18.99 -21.15 16.18
C SER A 73 -20.25 -20.37 15.80
N HIS A 1 6.69 -13.59 -21.44
CA HIS A 1 8.09 -13.62 -21.93
C HIS A 1 8.17 -14.48 -23.19
N MET A 2 7.50 -14.08 -24.24
CA MET A 2 7.55 -14.87 -25.50
C MET A 2 7.81 -13.94 -26.68
N VAL A 3 7.07 -12.88 -26.79
CA VAL A 3 7.28 -11.94 -27.92
C VAL A 3 8.34 -10.89 -27.53
N GLU A 4 8.65 -9.98 -28.41
CA GLU A 4 9.66 -8.94 -28.08
C GLU A 4 9.31 -7.64 -28.81
N GLU A 5 8.25 -7.00 -28.41
CA GLU A 5 7.85 -5.74 -29.07
C GLU A 5 8.59 -4.56 -28.42
N VAL A 6 8.89 -3.54 -29.17
CA VAL A 6 9.62 -2.38 -28.60
C VAL A 6 8.90 -1.09 -28.99
N LEU A 7 8.81 -0.14 -28.10
CA LEU A 7 8.13 1.14 -28.42
C LEU A 7 8.27 2.11 -27.25
N GLU A 8 7.96 3.36 -27.45
CA GLU A 8 8.08 4.35 -26.35
C GLU A 8 7.02 4.06 -25.28
N GLU A 9 7.44 3.63 -24.12
CA GLU A 9 6.46 3.32 -23.04
C GLU A 9 5.65 4.58 -22.71
N GLU A 10 6.32 5.66 -22.39
CA GLU A 10 5.59 6.92 -22.06
C GLU A 10 4.76 6.70 -20.79
N GLU A 11 5.02 5.65 -20.07
CA GLU A 11 4.24 5.38 -18.83
C GLU A 11 5.01 5.94 -17.63
N GLU A 12 4.47 6.93 -16.96
CA GLU A 12 5.17 7.51 -15.78
C GLU A 12 4.19 7.63 -14.62
N GLU A 13 3.05 7.00 -14.73
CA GLU A 13 2.05 7.08 -13.62
C GLU A 13 1.80 5.68 -13.05
N TYR A 14 1.72 5.57 -11.75
CA TYR A 14 1.48 4.23 -11.14
C TYR A 14 0.28 4.32 -10.19
N VAL A 15 -0.30 3.20 -9.85
CA VAL A 15 -1.48 3.22 -8.92
C VAL A 15 -1.29 2.16 -7.84
N VAL A 16 -2.06 2.24 -6.79
CA VAL A 16 -1.93 1.24 -5.69
C VAL A 16 -3.06 0.21 -5.81
N GLU A 17 -2.75 -1.06 -5.70
CA GLU A 17 -3.82 -2.09 -5.82
C GLU A 17 -4.31 -2.46 -4.42
N LYS A 18 -3.48 -2.34 -3.42
CA LYS A 18 -3.92 -2.68 -2.04
C LYS A 18 -2.68 -2.80 -1.14
N VAL A 19 -2.88 -2.90 0.14
CA VAL A 19 -1.72 -3.01 1.07
C VAL A 19 -1.42 -4.49 1.32
N LEU A 20 -0.16 -4.83 1.50
CA LEU A 20 0.19 -6.24 1.76
C LEU A 20 0.70 -6.40 3.18
N ASP A 21 1.55 -5.50 3.63
CA ASP A 21 2.08 -5.61 5.02
C ASP A 21 2.92 -4.37 5.34
N ARG A 22 3.52 -4.34 6.50
CA ARG A 22 4.35 -3.17 6.88
C ARG A 22 5.47 -3.62 7.82
N ARG A 23 6.47 -2.79 8.02
CA ARG A 23 7.58 -3.19 8.93
C ARG A 23 8.35 -1.92 9.36
N VAL A 24 8.74 -1.86 10.60
CA VAL A 24 9.49 -0.66 11.07
C VAL A 24 10.96 -1.03 11.30
N VAL A 25 11.86 -0.16 10.93
CA VAL A 25 13.30 -0.45 11.12
C VAL A 25 13.77 0.16 12.44
N LYS A 26 13.20 1.27 12.81
CA LYS A 26 13.60 1.93 14.09
C LYS A 26 12.97 3.32 14.15
N GLY A 27 12.77 3.94 13.02
CA GLY A 27 12.15 5.30 13.00
C GLY A 27 11.63 5.60 11.59
N LYS A 28 11.39 4.59 10.80
CA LYS A 28 10.88 4.84 9.43
C LYS A 28 9.80 3.80 9.09
N VAL A 29 8.60 4.02 9.56
CA VAL A 29 7.50 3.05 9.27
C VAL A 29 7.34 2.88 7.76
N GLU A 30 7.56 1.70 7.26
CA GLU A 30 7.42 1.47 5.79
C GLU A 30 6.18 0.62 5.53
N TYR A 31 5.64 0.68 4.34
CA TYR A 31 4.43 -0.13 4.03
C TYR A 31 4.58 -0.76 2.65
N LEU A 32 4.62 -2.07 2.58
CA LEU A 32 4.76 -2.75 1.27
C LEU A 32 3.38 -2.88 0.61
N LEU A 33 3.19 -2.26 -0.52
CA LEU A 33 1.87 -2.35 -1.20
C LEU A 33 2.06 -2.98 -2.59
N LYS A 34 0.99 -3.43 -3.19
CA LYS A 34 1.09 -4.05 -4.54
C LYS A 34 0.84 -2.99 -5.60
N TRP A 35 1.87 -2.39 -6.12
CA TRP A 35 1.68 -1.34 -7.17
C TRP A 35 1.55 -1.99 -8.54
N LYS A 36 0.54 -1.65 -9.28
CA LYS A 36 0.37 -2.25 -10.64
C LYS A 36 1.01 -1.34 -11.69
N GLY A 37 1.86 -0.44 -11.26
CA GLY A 37 2.51 0.47 -12.25
C GLY A 37 3.73 -0.22 -12.86
N PHE A 38 4.47 -0.96 -12.08
CA PHE A 38 5.66 -1.66 -12.61
C PHE A 38 5.27 -3.08 -13.04
N SER A 39 4.75 -3.86 -12.13
CA SER A 39 4.34 -5.25 -12.48
C SER A 39 3.10 -5.63 -11.68
N ASP A 40 2.75 -6.89 -11.69
CA ASP A 40 1.55 -7.33 -10.92
C ASP A 40 1.94 -7.60 -9.47
N GLU A 41 3.14 -7.22 -9.09
CA GLU A 41 3.58 -7.46 -7.69
C GLU A 41 4.99 -6.89 -7.51
N ASP A 42 5.12 -5.58 -7.50
CA ASP A 42 6.46 -4.97 -7.32
C ASP A 42 6.71 -4.71 -5.83
N ASN A 43 5.68 -4.71 -5.04
CA ASN A 43 5.85 -4.46 -3.58
C ASN A 43 6.79 -3.28 -3.38
N THR A 44 6.25 -2.10 -3.23
CA THR A 44 7.11 -0.89 -3.03
C THR A 44 6.93 -0.38 -1.60
N TRP A 45 8.01 -0.22 -0.87
CA TRP A 45 7.90 0.27 0.53
C TRP A 45 7.75 1.79 0.52
N GLU A 46 6.80 2.31 1.25
CA GLU A 46 6.61 3.78 1.28
C GLU A 46 6.46 4.25 2.74
N PRO A 47 6.81 5.48 2.98
CA PRO A 47 6.73 6.09 4.32
C PRO A 47 5.29 6.48 4.65
N GLU A 48 4.78 6.02 5.76
CA GLU A 48 3.38 6.36 6.13
C GLU A 48 3.31 7.85 6.52
N GLU A 49 4.44 8.50 6.62
CA GLU A 49 4.43 9.94 6.99
C GLU A 49 3.96 10.78 5.81
N ASN A 50 3.72 10.16 4.68
CA ASN A 50 3.25 10.92 3.49
C ASN A 50 2.11 10.17 2.81
N LEU A 51 2.18 8.86 2.77
CA LEU A 51 1.10 8.07 2.13
C LEU A 51 -0.27 8.64 2.54
N ASP A 52 -1.11 8.95 1.59
CA ASP A 52 -2.45 9.50 1.93
C ASP A 52 -3.51 8.41 1.77
N CYS A 53 -3.22 7.22 2.23
CA CYS A 53 -4.21 6.11 2.09
C CYS A 53 -4.53 5.55 3.49
N PRO A 54 -5.33 6.27 4.21
CA PRO A 54 -5.75 5.87 5.57
C PRO A 54 -6.83 4.78 5.52
N ASP A 55 -7.15 4.32 4.34
CA ASP A 55 -8.19 3.26 4.23
C ASP A 55 -7.52 1.89 4.34
N LEU A 56 -6.47 1.67 3.61
CA LEU A 56 -5.77 0.36 3.70
C LEU A 56 -4.86 0.36 4.93
N ILE A 57 -4.48 1.52 5.39
CA ILE A 57 -3.62 1.59 6.59
C ILE A 57 -4.44 1.21 7.82
N ALA A 58 -5.62 1.78 7.95
CA ALA A 58 -6.48 1.45 9.11
C ALA A 58 -7.23 0.15 8.82
N GLU A 59 -7.08 -0.38 7.63
CA GLU A 59 -7.79 -1.64 7.29
C GLU A 59 -6.83 -2.82 7.51
N PHE A 60 -5.55 -2.58 7.38
CA PHE A 60 -4.57 -3.67 7.59
C PHE A 60 -3.95 -3.52 8.98
N LEU A 61 -4.03 -2.36 9.56
CA LEU A 61 -3.45 -2.15 10.91
C LEU A 61 -4.52 -2.42 11.98
N GLN A 62 -5.77 -2.43 11.59
CA GLN A 62 -6.85 -2.69 12.57
C GLN A 62 -6.95 -4.19 12.84
N SER A 63 -6.80 -4.99 11.82
CA SER A 63 -6.88 -6.47 12.02
C SER A 63 -5.76 -6.92 12.96
N GLN A 64 -4.61 -6.32 12.86
CA GLN A 64 -3.48 -6.72 13.75
C GLN A 64 -3.90 -6.55 15.21
N LYS A 65 -4.80 -5.63 15.48
CA LYS A 65 -5.25 -5.41 16.88
C LYS A 65 -6.32 -6.43 17.23
N THR A 66 -7.03 -6.94 16.25
CA THR A 66 -8.10 -7.93 16.52
C THR A 66 -8.72 -8.39 15.21
N ALA A 67 -8.27 -9.50 14.69
CA ALA A 67 -8.84 -10.00 13.40
C ALA A 67 -9.24 -11.47 13.57
N HIS A 68 -10.33 -11.72 14.23
CA HIS A 68 -10.78 -13.13 14.43
C HIS A 68 -9.83 -13.84 15.39
N GLU A 69 -9.27 -13.11 16.31
CA GLU A 69 -8.33 -13.74 17.29
C GLU A 69 -8.87 -13.55 18.71
N THR A 70 -9.05 -12.33 19.12
CA THR A 70 -9.57 -12.07 20.50
C THR A 70 -11.10 -11.88 20.43
N ASP A 71 -11.78 -12.72 19.71
CA ASP A 71 -13.25 -12.59 19.60
C ASP A 71 -13.92 -13.86 20.13
N LYS A 72 -13.58 -14.28 21.31
CA LYS A 72 -14.19 -15.52 21.87
C LYS A 72 -13.45 -15.94 23.13
N SER A 73 -12.28 -16.52 23.00
CA SER A 73 -11.51 -16.94 24.19
C SER A 73 -11.09 -15.70 24.99
N HIS A 1 -15.02 -1.57 -25.66
CA HIS A 1 -14.41 -0.55 -24.78
C HIS A 1 -15.50 0.28 -24.12
N MET A 2 -15.21 0.90 -23.00
CA MET A 2 -16.24 1.72 -22.31
C MET A 2 -15.64 3.06 -21.93
N VAL A 3 -16.01 4.11 -22.61
CA VAL A 3 -15.45 5.45 -22.28
C VAL A 3 -16.53 6.30 -21.60
N GLU A 4 -16.89 5.97 -20.39
CA GLU A 4 -17.93 6.76 -19.69
C GLU A 4 -17.28 7.55 -18.55
N GLU A 5 -16.23 8.25 -18.82
CA GLU A 5 -15.55 9.04 -17.75
C GLU A 5 -15.38 10.49 -18.21
N VAL A 6 -15.21 11.39 -17.29
CA VAL A 6 -15.04 12.82 -17.67
C VAL A 6 -13.78 12.98 -18.52
N LEU A 7 -12.86 12.07 -18.41
CA LEU A 7 -11.60 12.16 -19.21
C LEU A 7 -11.42 10.89 -20.03
N GLU A 8 -11.10 11.02 -21.29
CA GLU A 8 -10.90 9.82 -22.15
C GLU A 8 -9.45 9.34 -22.03
N GLU A 9 -9.16 8.50 -21.09
CA GLU A 9 -7.77 8.00 -20.93
C GLU A 9 -7.78 6.58 -20.38
N GLU A 10 -7.04 5.69 -20.98
CA GLU A 10 -7.02 4.28 -20.49
C GLU A 10 -5.57 3.87 -20.19
N GLU A 11 -5.29 2.60 -20.25
CA GLU A 11 -3.90 2.14 -19.98
C GLU A 11 -3.38 2.81 -18.71
N GLU A 12 -4.10 2.70 -17.63
CA GLU A 12 -3.64 3.34 -16.36
C GLU A 12 -2.22 2.88 -16.04
N GLU A 13 -1.72 3.20 -14.88
CA GLU A 13 -0.34 2.78 -14.52
C GLU A 13 -0.04 3.19 -13.07
N TYR A 14 0.71 2.40 -12.36
CA TYR A 14 1.05 2.75 -10.95
C TYR A 14 -0.25 2.98 -10.16
N VAL A 15 -0.94 1.93 -9.82
CA VAL A 15 -2.21 2.10 -9.05
C VAL A 15 -2.08 1.38 -7.70
N VAL A 16 -2.75 1.87 -6.69
CA VAL A 16 -2.67 1.21 -5.36
C VAL A 16 -3.87 0.29 -5.18
N GLU A 17 -3.62 -0.98 -5.00
CA GLU A 17 -4.75 -1.94 -4.82
C GLU A 17 -5.05 -2.12 -3.33
N LYS A 18 -4.04 -2.03 -2.50
CA LYS A 18 -4.27 -2.20 -1.04
C LYS A 18 -2.93 -2.45 -0.34
N VAL A 19 -2.95 -2.62 0.96
CA VAL A 19 -1.68 -2.87 1.70
C VAL A 19 -1.49 -4.37 1.88
N LEU A 20 -0.26 -4.82 1.90
CA LEU A 20 0.00 -6.28 2.08
C LEU A 20 0.93 -6.51 3.27
N ASP A 21 1.70 -5.51 3.64
CA ASP A 21 2.63 -5.70 4.79
C ASP A 21 2.99 -4.33 5.39
N ARG A 22 3.76 -4.32 6.44
CA ARG A 22 4.15 -3.03 7.07
C ARG A 22 5.12 -3.30 8.23
N ARG A 23 6.11 -2.48 8.39
CA ARG A 23 7.09 -2.69 9.51
C ARG A 23 7.91 -1.42 9.71
N VAL A 24 8.57 -1.31 10.84
CA VAL A 24 9.40 -0.09 11.09
C VAL A 24 10.88 -0.41 10.84
N VAL A 25 11.66 0.58 10.53
CA VAL A 25 13.10 0.35 10.28
C VAL A 25 13.92 1.00 11.39
N LYS A 26 13.42 2.06 11.95
CA LYS A 26 14.16 2.75 13.05
C LYS A 26 13.60 4.17 13.22
N GLY A 27 12.31 4.32 13.08
CA GLY A 27 11.71 5.67 13.22
C GLY A 27 10.85 5.97 12.00
N LYS A 28 11.05 5.26 10.93
CA LYS A 28 10.25 5.50 9.70
C LYS A 28 9.31 4.32 9.47
N VAL A 29 8.03 4.56 9.44
CA VAL A 29 7.06 3.45 9.22
C VAL A 29 6.97 3.14 7.73
N GLU A 30 7.39 1.98 7.32
CA GLU A 30 7.32 1.62 5.88
C GLU A 30 6.00 0.89 5.61
N TYR A 31 5.51 0.93 4.40
CA TYR A 31 4.23 0.23 4.09
C TYR A 31 4.36 -0.51 2.76
N LEU A 32 4.36 -1.81 2.80
CA LEU A 32 4.47 -2.58 1.52
C LEU A 32 3.13 -2.55 0.80
N LEU A 33 2.97 -1.63 -0.13
CA LEU A 33 1.68 -1.54 -0.86
C LEU A 33 1.76 -2.33 -2.17
N LYS A 34 0.64 -2.77 -2.67
CA LYS A 34 0.65 -3.55 -3.95
C LYS A 34 0.36 -2.60 -5.11
N TRP A 35 0.73 -2.97 -6.30
CA TRP A 35 0.47 -2.08 -7.47
C TRP A 35 -0.09 -2.92 -8.63
N LYS A 36 -1.26 -2.58 -9.10
CA LYS A 36 -1.86 -3.35 -10.23
C LYS A 36 -1.30 -2.83 -11.55
N GLY A 37 -0.78 -1.63 -11.55
CA GLY A 37 -0.21 -1.08 -12.82
C GLY A 37 0.87 -2.01 -13.36
N PHE A 38 1.71 -2.51 -12.50
CA PHE A 38 2.79 -3.43 -12.97
C PHE A 38 2.54 -4.83 -12.42
N SER A 39 3.59 -5.59 -12.18
CA SER A 39 3.40 -6.97 -11.65
C SER A 39 2.33 -6.95 -10.55
N ASP A 40 1.72 -8.07 -10.29
CA ASP A 40 0.67 -8.12 -9.23
C ASP A 40 1.31 -7.87 -7.86
N GLU A 41 2.61 -7.93 -7.79
CA GLU A 41 3.30 -7.69 -6.50
C GLU A 41 4.70 -7.14 -6.76
N ASP A 42 4.85 -5.85 -6.82
CA ASP A 42 6.20 -5.26 -7.07
C ASP A 42 6.90 -5.00 -5.74
N ASN A 43 6.22 -5.22 -4.65
CA ASN A 43 6.85 -4.97 -3.32
C ASN A 43 7.47 -3.58 -3.28
N THR A 44 6.81 -2.62 -2.69
CA THR A 44 7.36 -1.24 -2.62
C THR A 44 7.09 -0.66 -1.24
N TRP A 45 8.09 -0.63 -0.39
CA TRP A 45 7.88 -0.07 0.97
C TRP A 45 7.95 1.46 0.91
N GLU A 46 6.87 2.12 1.20
CA GLU A 46 6.87 3.62 1.16
C GLU A 46 6.87 4.17 2.59
N PRO A 47 7.27 5.41 2.71
CA PRO A 47 7.33 6.08 4.02
C PRO A 47 5.93 6.54 4.45
N GLU A 48 5.67 6.60 5.73
CA GLU A 48 4.34 7.03 6.21
C GLU A 48 4.23 8.55 6.14
N GLU A 49 5.33 9.23 5.86
CA GLU A 49 5.28 10.71 5.78
C GLU A 49 4.99 11.14 4.35
N ASN A 50 4.39 10.28 3.57
CA ASN A 50 4.08 10.64 2.16
C ASN A 50 2.85 9.85 1.69
N LEU A 51 2.80 8.58 2.01
CA LEU A 51 1.63 7.75 1.58
C LEU A 51 0.34 8.50 1.89
N ASP A 52 -0.52 8.65 0.92
CA ASP A 52 -1.80 9.37 1.16
C ASP A 52 -2.96 8.37 1.11
N CYS A 53 -2.80 7.24 1.73
CA CYS A 53 -3.89 6.22 1.72
C CYS A 53 -4.09 5.67 3.14
N PRO A 54 -4.80 6.41 3.94
CA PRO A 54 -5.09 6.03 5.34
C PRO A 54 -6.20 4.98 5.39
N ASP A 55 -6.75 4.63 4.26
CA ASP A 55 -7.84 3.61 4.25
C ASP A 55 -7.21 2.22 4.16
N LEU A 56 -6.15 2.08 3.42
CA LEU A 56 -5.50 0.75 3.29
C LEU A 56 -4.60 0.53 4.51
N ILE A 57 -4.01 1.57 5.03
CA ILE A 57 -3.14 1.41 6.21
C ILE A 57 -4.00 1.05 7.42
N ALA A 58 -5.17 1.61 7.51
CA ALA A 58 -6.07 1.29 8.66
C ALA A 58 -6.87 0.03 8.33
N GLU A 59 -6.80 -0.43 7.11
CA GLU A 59 -7.57 -1.65 6.73
C GLU A 59 -6.67 -2.88 6.89
N PHE A 60 -5.38 -2.69 6.82
CA PHE A 60 -4.46 -3.85 6.95
C PHE A 60 -3.84 -3.85 8.35
N LEU A 61 -3.99 -2.77 9.08
CA LEU A 61 -3.40 -2.71 10.45
C LEU A 61 -4.45 -3.14 11.47
N GLN A 62 -5.70 -2.89 11.20
CA GLN A 62 -6.77 -3.29 12.16
C GLN A 62 -6.91 -4.81 12.16
N SER A 63 -6.49 -5.47 11.10
CA SER A 63 -6.60 -6.94 11.06
C SER A 63 -5.47 -7.55 11.91
N GLN A 64 -4.38 -6.85 12.02
CA GLN A 64 -3.23 -7.38 12.83
C GLN A 64 -3.68 -7.49 14.28
N LYS A 65 -4.52 -6.61 14.74
CA LYS A 65 -4.98 -6.68 16.16
C LYS A 65 -5.99 -7.82 16.30
N THR A 66 -6.89 -7.95 15.37
CA THR A 66 -7.90 -9.04 15.45
C THR A 66 -8.65 -9.13 14.12
N ALA A 67 -8.62 -10.27 13.48
CA ALA A 67 -9.33 -10.43 12.18
C ALA A 67 -9.38 -11.90 11.80
N HIS A 68 -8.25 -12.49 11.51
CA HIS A 68 -8.23 -13.93 11.13
C HIS A 68 -8.33 -14.80 12.38
N GLU A 69 -7.87 -14.30 13.50
CA GLU A 69 -7.94 -15.10 14.76
C GLU A 69 -9.40 -15.19 15.22
N THR A 70 -10.28 -14.46 14.59
CA THR A 70 -11.71 -14.50 14.99
C THR A 70 -12.34 -15.81 14.48
N ASP A 71 -11.70 -16.47 13.56
CA ASP A 71 -12.27 -17.75 13.03
C ASP A 71 -12.13 -18.84 14.09
N LYS A 72 -12.75 -19.97 13.87
CA LYS A 72 -12.64 -21.07 14.87
C LYS A 72 -11.33 -21.83 14.64
N SER A 73 -10.79 -22.40 15.68
CA SER A 73 -9.51 -23.16 15.54
C SER A 73 -9.82 -24.63 15.25
N HIS A 1 27.61 4.88 -14.61
CA HIS A 1 26.91 5.97 -15.35
C HIS A 1 26.20 6.89 -14.36
N MET A 2 25.23 7.62 -14.82
CA MET A 2 24.50 8.55 -13.90
C MET A 2 22.99 8.28 -14.00
N VAL A 3 22.33 8.16 -12.88
CA VAL A 3 20.85 7.91 -12.91
C VAL A 3 20.19 8.63 -11.75
N GLU A 4 19.02 9.17 -11.97
CA GLU A 4 18.32 9.89 -10.87
C GLU A 4 17.11 9.08 -10.41
N GLU A 5 16.30 9.63 -9.55
CA GLU A 5 15.11 8.88 -9.05
C GLU A 5 13.84 9.69 -9.33
N VAL A 6 13.93 11.00 -9.26
CA VAL A 6 12.74 11.84 -9.52
C VAL A 6 12.66 12.16 -11.01
N LEU A 7 11.47 12.33 -11.54
CA LEU A 7 11.34 12.66 -12.99
C LEU A 7 10.06 13.48 -13.20
N GLU A 8 10.21 14.73 -13.57
CA GLU A 8 9.00 15.58 -13.80
C GLU A 8 8.60 15.50 -15.27
N GLU A 9 8.85 14.39 -15.91
CA GLU A 9 8.48 14.25 -17.35
C GLU A 9 7.65 12.98 -17.54
N GLU A 10 6.92 12.58 -16.55
CA GLU A 10 6.09 11.35 -16.67
C GLU A 10 4.68 11.62 -16.15
N GLU A 11 3.71 10.87 -16.60
CA GLU A 11 2.32 11.08 -16.14
C GLU A 11 1.68 9.74 -15.80
N GLU A 12 1.86 8.76 -16.64
CA GLU A 12 1.26 7.42 -16.37
C GLU A 12 1.85 6.85 -15.08
N GLU A 13 1.17 7.01 -13.98
CA GLU A 13 1.69 6.48 -12.69
C GLU A 13 1.02 5.15 -12.38
N TYR A 14 1.63 4.36 -11.54
CA TYR A 14 1.02 3.03 -11.20
C TYR A 14 -0.18 3.25 -10.28
N VAL A 15 -0.78 2.19 -9.81
CA VAL A 15 -1.96 2.34 -8.91
C VAL A 15 -1.77 1.46 -7.68
N VAL A 16 -2.32 1.85 -6.56
CA VAL A 16 -2.17 1.04 -5.33
C VAL A 16 -3.39 0.13 -5.17
N GLU A 17 -3.16 -1.14 -4.99
CA GLU A 17 -4.31 -2.08 -4.84
C GLU A 17 -4.65 -2.24 -3.35
N LYS A 18 -3.67 -2.16 -2.49
CA LYS A 18 -3.94 -2.30 -1.04
C LYS A 18 -2.63 -2.51 -0.28
N VAL A 19 -2.71 -2.65 1.02
CA VAL A 19 -1.46 -2.84 1.82
C VAL A 19 -1.28 -4.33 2.11
N LEU A 20 -0.15 -4.88 1.76
CA LEU A 20 0.08 -6.33 2.02
C LEU A 20 0.79 -6.52 3.37
N ASP A 21 1.51 -5.52 3.81
CA ASP A 21 2.21 -5.64 5.12
C ASP A 21 2.89 -4.32 5.48
N ARG A 22 3.55 -4.27 6.60
CA ARG A 22 4.23 -3.02 7.01
C ARG A 22 5.51 -3.36 7.77
N ARG A 23 6.49 -2.50 7.74
CA ARG A 23 7.76 -2.79 8.47
C ARG A 23 8.47 -1.47 8.80
N VAL A 24 9.03 -1.37 9.97
CA VAL A 24 9.74 -0.11 10.35
C VAL A 24 11.26 -0.38 10.39
N VAL A 25 12.04 0.61 10.08
CA VAL A 25 13.51 0.42 10.11
C VAL A 25 14.07 0.97 11.42
N LYS A 26 13.48 2.02 11.93
CA LYS A 26 13.97 2.61 13.20
C LYS A 26 13.41 4.03 13.34
N GLY A 27 12.19 4.23 12.94
CA GLY A 27 11.58 5.60 13.04
C GLY A 27 10.88 5.94 11.73
N LYS A 28 11.32 5.36 10.65
CA LYS A 28 10.68 5.65 9.33
C LYS A 28 9.61 4.59 9.04
N VAL A 29 8.47 4.69 9.67
CA VAL A 29 7.40 3.69 9.43
C VAL A 29 7.16 3.52 7.93
N GLU A 30 7.33 2.33 7.43
CA GLU A 30 7.12 2.09 5.97
C GLU A 30 5.89 1.22 5.77
N TYR A 31 5.32 1.23 4.60
CA TYR A 31 4.11 0.39 4.34
C TYR A 31 4.26 -0.34 3.01
N LEU A 32 4.33 -1.64 3.05
CA LEU A 32 4.48 -2.41 1.78
C LEU A 32 3.11 -2.53 1.10
N LEU A 33 2.97 -2.03 -0.09
CA LEU A 33 1.65 -2.12 -0.78
C LEU A 33 1.85 -2.73 -2.17
N LYS A 34 0.80 -3.25 -2.77
CA LYS A 34 0.93 -3.85 -4.11
C LYS A 34 0.61 -2.81 -5.18
N TRP A 35 0.86 -3.11 -6.42
CA TRP A 35 0.56 -2.13 -7.50
C TRP A 35 0.01 -2.86 -8.72
N LYS A 36 -1.17 -2.50 -9.17
CA LYS A 36 -1.76 -3.17 -10.35
C LYS A 36 -1.06 -2.68 -11.62
N GLY A 37 -0.20 -1.70 -11.50
CA GLY A 37 0.51 -1.19 -12.70
C GLY A 37 1.59 -2.17 -13.13
N PHE A 38 2.18 -2.86 -12.19
CA PHE A 38 3.25 -3.84 -12.54
C PHE A 38 2.63 -5.24 -12.68
N SER A 39 2.58 -5.98 -11.61
CA SER A 39 2.00 -7.36 -11.68
C SER A 39 1.19 -7.63 -10.41
N ASP A 40 0.67 -6.60 -9.79
CA ASP A 40 -0.13 -6.79 -8.55
C ASP A 40 0.77 -7.35 -7.45
N GLU A 41 2.05 -7.12 -7.55
CA GLU A 41 2.98 -7.62 -6.50
C GLU A 41 4.42 -7.26 -6.87
N ASP A 42 4.75 -6.00 -6.86
CA ASP A 42 6.13 -5.58 -7.22
C ASP A 42 6.91 -5.26 -5.94
N ASN A 43 6.24 -5.23 -4.82
CA ASN A 43 6.95 -4.92 -3.54
C ASN A 43 7.42 -3.47 -3.56
N THR A 44 7.03 -2.68 -2.59
CA THR A 44 7.46 -1.26 -2.56
C THR A 44 7.16 -0.67 -1.17
N TRP A 45 8.18 -0.24 -0.48
CA TRP A 45 7.96 0.34 0.88
C TRP A 45 7.94 1.87 0.78
N GLU A 46 6.83 2.47 1.11
CA GLU A 46 6.74 3.95 1.03
C GLU A 46 6.61 4.53 2.44
N PRO A 47 6.96 5.79 2.57
CA PRO A 47 6.89 6.51 3.85
C PRO A 47 5.44 6.91 4.16
N GLU A 48 4.98 6.65 5.36
CA GLU A 48 3.59 7.01 5.72
C GLU A 48 3.47 8.54 5.79
N GLU A 49 4.58 9.23 5.89
CA GLU A 49 4.52 10.71 5.96
C GLU A 49 4.26 11.28 4.56
N ASN A 50 4.24 10.45 3.56
CA ASN A 50 3.99 10.94 2.17
C ASN A 50 2.93 10.07 1.50
N LEU A 51 2.43 9.09 2.20
CA LEU A 51 1.39 8.20 1.61
C LEU A 51 0.02 8.88 1.70
N ASP A 52 -0.85 8.59 0.77
CA ASP A 52 -2.20 9.21 0.80
C ASP A 52 -3.28 8.12 0.90
N CYS A 53 -2.96 7.04 1.54
CA CYS A 53 -3.96 5.93 1.66
C CYS A 53 -4.07 5.50 3.12
N PRO A 54 -4.73 6.31 3.91
CA PRO A 54 -4.92 6.05 5.35
C PRO A 54 -6.04 5.03 5.55
N ASP A 55 -6.70 4.63 4.49
CA ASP A 55 -7.80 3.64 4.63
C ASP A 55 -7.21 2.24 4.55
N LEU A 56 -6.19 2.05 3.75
CA LEU A 56 -5.57 0.70 3.65
C LEU A 56 -4.63 0.50 4.82
N ILE A 57 -4.00 1.54 5.27
CA ILE A 57 -3.06 1.40 6.43
C ILE A 57 -3.87 1.04 7.68
N ALA A 58 -4.98 1.69 7.87
CA ALA A 58 -5.82 1.37 9.07
C ALA A 58 -6.76 0.20 8.74
N GLU A 59 -6.74 -0.27 7.53
CA GLU A 59 -7.63 -1.40 7.15
C GLU A 59 -6.84 -2.71 7.20
N PHE A 60 -5.54 -2.63 7.08
CA PHE A 60 -4.71 -3.87 7.13
C PHE A 60 -4.05 -4.00 8.50
N LEU A 61 -4.11 -2.97 9.30
CA LEU A 61 -3.47 -3.04 10.64
C LEU A 61 -4.53 -3.41 11.69
N GLN A 62 -5.73 -2.93 11.53
CA GLN A 62 -6.79 -3.26 12.51
C GLN A 62 -7.17 -4.74 12.39
N SER A 63 -7.39 -5.19 11.18
CA SER A 63 -7.77 -6.62 10.99
C SER A 63 -6.64 -7.52 11.52
N GLN A 64 -5.41 -7.09 11.40
CA GLN A 64 -4.28 -7.91 11.89
C GLN A 64 -4.45 -8.15 13.39
N LYS A 65 -5.03 -7.21 14.09
CA LYS A 65 -5.22 -7.38 15.56
C LYS A 65 -6.60 -7.98 15.83
N THR A 66 -7.44 -8.03 14.82
CA THR A 66 -8.80 -8.61 15.02
C THR A 66 -9.45 -8.84 13.66
N ALA A 67 -9.48 -10.08 13.22
CA ALA A 67 -10.09 -10.38 11.90
C ALA A 67 -10.02 -11.88 11.63
N HIS A 68 -8.84 -12.45 11.70
CA HIS A 68 -8.71 -13.90 11.45
C HIS A 68 -7.93 -14.55 12.60
N GLU A 69 -7.50 -13.77 13.56
CA GLU A 69 -6.73 -14.33 14.70
C GLU A 69 -7.64 -14.45 15.92
N THR A 70 -8.61 -13.57 16.03
CA THR A 70 -9.52 -13.64 17.20
C THR A 70 -10.95 -13.88 16.71
N ASP A 71 -11.46 -13.03 15.85
CA ASP A 71 -12.84 -13.22 15.33
C ASP A 71 -13.03 -14.68 14.90
N LYS A 72 -14.24 -15.14 14.88
CA LYS A 72 -14.50 -16.55 14.46
C LYS A 72 -15.99 -16.75 14.18
N SER A 73 -16.39 -16.60 12.94
CA SER A 73 -17.83 -16.78 12.61
C SER A 73 -18.66 -15.66 13.28
N HIS A 1 19.21 9.85 -29.30
CA HIS A 1 19.92 11.15 -29.12
C HIS A 1 19.06 12.08 -28.27
N MET A 2 19.38 12.18 -27.00
CA MET A 2 18.58 13.07 -26.10
C MET A 2 18.85 14.53 -26.47
N VAL A 3 19.89 15.10 -25.92
CA VAL A 3 20.21 16.53 -26.23
C VAL A 3 19.02 17.41 -25.84
N GLU A 4 18.15 16.91 -25.01
CA GLU A 4 16.97 17.72 -24.59
C GLU A 4 15.99 17.86 -25.75
N GLU A 5 15.00 17.02 -25.81
CA GLU A 5 14.01 17.10 -26.93
C GLU A 5 12.77 16.27 -26.57
N VAL A 6 11.65 16.61 -27.11
CA VAL A 6 10.41 15.84 -26.82
C VAL A 6 10.07 15.96 -25.33
N LEU A 7 8.88 16.39 -25.00
CA LEU A 7 8.50 16.52 -23.58
C LEU A 7 7.17 15.80 -23.33
N GLU A 8 7.05 15.12 -22.23
CA GLU A 8 5.78 14.40 -21.93
C GLU A 8 5.07 15.08 -20.76
N GLU A 9 4.02 14.49 -20.26
CA GLU A 9 3.29 15.10 -19.12
C GLU A 9 3.96 14.69 -17.80
N GLU A 10 5.05 15.32 -17.46
CA GLU A 10 5.75 14.97 -16.20
C GLU A 10 5.84 13.45 -16.06
N GLU A 11 6.02 12.76 -17.15
CA GLU A 11 6.11 11.27 -17.08
C GLU A 11 4.83 10.72 -16.46
N GLU A 12 4.86 9.47 -16.06
CA GLU A 12 3.64 8.87 -15.44
C GLU A 12 4.00 8.30 -14.07
N GLU A 13 3.01 7.94 -13.29
CA GLU A 13 3.29 7.38 -11.94
C GLU A 13 2.20 6.38 -11.57
N TYR A 14 2.48 5.50 -10.64
CA TYR A 14 1.46 4.50 -10.24
C TYR A 14 0.86 4.88 -8.89
N VAL A 15 0.10 4.01 -8.28
CA VAL A 15 -0.51 4.33 -6.97
C VAL A 15 -0.58 3.06 -6.11
N VAL A 16 -1.08 3.16 -4.91
CA VAL A 16 -1.17 1.95 -4.04
C VAL A 16 -2.40 1.16 -4.44
N GLU A 17 -2.23 -0.09 -4.80
CA GLU A 17 -3.40 -0.89 -5.22
C GLU A 17 -3.97 -1.63 -3.99
N LYS A 18 -3.16 -1.92 -3.02
CA LYS A 18 -3.66 -2.64 -1.82
C LYS A 18 -2.52 -2.85 -0.83
N VAL A 19 -2.83 -2.95 0.43
CA VAL A 19 -1.76 -3.17 1.45
C VAL A 19 -1.57 -4.68 1.67
N LEU A 20 -0.34 -5.10 1.86
CA LEU A 20 -0.10 -6.54 2.09
C LEU A 20 0.53 -6.74 3.47
N ASP A 21 1.37 -5.84 3.89
CA ASP A 21 2.01 -5.99 5.23
C ASP A 21 2.68 -4.66 5.63
N ARG A 22 3.29 -4.63 6.79
CA ARG A 22 3.95 -3.38 7.23
C ARG A 22 5.26 -3.72 7.95
N ARG A 23 6.25 -2.88 7.86
CA ARG A 23 7.55 -3.16 8.54
C ARG A 23 8.26 -1.85 8.84
N VAL A 24 8.91 -1.77 9.97
CA VAL A 24 9.64 -0.51 10.32
C VAL A 24 11.15 -0.75 10.18
N VAL A 25 11.90 0.30 10.11
CA VAL A 25 13.38 0.15 9.97
C VAL A 25 14.06 0.62 11.26
N LYS A 26 13.44 1.56 11.94
CA LYS A 26 14.02 2.08 13.21
C LYS A 26 13.28 3.35 13.61
N GLY A 27 12.84 4.11 12.64
CA GLY A 27 12.10 5.36 12.94
C GLY A 27 11.29 5.79 11.72
N LYS A 28 11.03 4.89 10.82
CA LYS A 28 10.25 5.26 9.60
C LYS A 28 9.24 4.14 9.30
N VAL A 29 8.03 4.29 9.75
CA VAL A 29 7.00 3.24 9.49
C VAL A 29 6.92 2.97 7.98
N GLU A 30 7.24 1.78 7.56
CA GLU A 30 7.17 1.46 6.11
C GLU A 30 5.94 0.59 5.84
N TYR A 31 5.52 0.49 4.61
CA TYR A 31 4.32 -0.34 4.30
C TYR A 31 4.52 -1.02 2.94
N LEU A 32 4.37 -2.32 2.89
CA LEU A 32 4.53 -3.05 1.60
C LEU A 32 3.18 -3.15 0.90
N LEU A 33 3.15 -2.92 -0.38
CA LEU A 33 1.85 -3.01 -1.11
C LEU A 33 2.10 -3.16 -2.62
N LYS A 34 1.05 -3.29 -3.39
CA LYS A 34 1.23 -3.44 -4.87
C LYS A 34 0.98 -2.09 -5.54
N TRP A 35 0.64 -2.09 -6.80
CA TRP A 35 0.40 -0.81 -7.51
C TRP A 35 -0.63 -1.03 -8.63
N LYS A 36 -1.48 -0.06 -8.85
CA LYS A 36 -2.50 -0.21 -9.92
C LYS A 36 -1.84 -0.75 -11.19
N GLY A 37 -2.49 -1.66 -11.87
CA GLY A 37 -1.90 -2.22 -13.11
C GLY A 37 -0.89 -3.31 -12.75
N PHE A 38 -0.86 -3.72 -11.51
CA PHE A 38 0.10 -4.78 -11.10
C PHE A 38 -0.35 -5.39 -9.76
N SER A 39 0.35 -6.37 -9.29
CA SER A 39 -0.05 -7.00 -8.00
C SER A 39 1.12 -7.86 -7.47
N ASP A 40 1.61 -7.54 -6.30
CA ASP A 40 2.75 -8.33 -5.76
C ASP A 40 3.92 -8.24 -6.74
N GLU A 41 3.86 -7.31 -7.66
CA GLU A 41 4.96 -7.17 -8.64
C GLU A 41 6.02 -6.21 -8.10
N ASP A 42 5.61 -5.11 -7.54
CA ASP A 42 6.59 -4.14 -6.98
C ASP A 42 6.82 -4.44 -5.50
N ASN A 43 5.77 -4.69 -4.77
CA ASN A 43 5.92 -5.01 -3.32
C ASN A 43 6.96 -4.07 -2.70
N THR A 44 6.83 -2.79 -2.91
CA THR A 44 7.82 -1.84 -2.34
C THR A 44 7.35 -1.36 -0.97
N TRP A 45 8.22 -0.78 -0.19
CA TRP A 45 7.82 -0.30 1.16
C TRP A 45 7.74 1.23 1.14
N GLU A 46 6.56 1.78 1.06
CA GLU A 46 6.43 3.27 1.05
C GLU A 46 6.19 3.77 2.48
N PRO A 47 6.47 5.03 2.68
CA PRO A 47 6.29 5.67 4.00
C PRO A 47 4.82 5.98 4.25
N GLU A 48 4.31 5.63 5.40
CA GLU A 48 2.88 5.91 5.71
C GLU A 48 2.64 7.42 5.73
N GLU A 49 3.69 8.19 5.74
CA GLU A 49 3.53 9.67 5.78
C GLU A 49 3.58 10.22 4.34
N ASN A 50 2.88 9.59 3.43
CA ASN A 50 2.89 10.07 2.03
C ASN A 50 1.87 9.27 1.21
N LEU A 51 1.72 8.00 1.51
CA LEU A 51 0.74 7.18 0.75
C LEU A 51 -0.63 7.87 0.74
N ASP A 52 -1.39 7.69 -0.30
CA ASP A 52 -2.73 8.32 -0.36
C ASP A 52 -3.82 7.26 -0.25
N CYS A 53 -3.76 6.44 0.76
CA CYS A 53 -4.79 5.38 0.92
C CYS A 53 -4.97 5.05 2.40
N PRO A 54 -5.75 5.86 3.07
CA PRO A 54 -6.04 5.71 4.50
C PRO A 54 -7.07 4.59 4.72
N ASP A 55 -7.51 3.96 3.66
CA ASP A 55 -8.50 2.87 3.81
C ASP A 55 -7.77 1.59 4.20
N LEU A 56 -6.67 1.31 3.56
CA LEU A 56 -5.91 0.08 3.90
C LEU A 56 -4.91 0.40 5.02
N ILE A 57 -4.60 1.66 5.19
CA ILE A 57 -3.62 2.04 6.27
C ILE A 57 -4.31 1.92 7.63
N ALA A 58 -5.60 2.18 7.68
CA ALA A 58 -6.34 2.09 8.97
C ALA A 58 -7.21 0.83 8.98
N GLU A 59 -7.26 0.13 7.88
CA GLU A 59 -8.09 -1.11 7.82
C GLU A 59 -7.21 -2.31 8.14
N PHE A 60 -6.02 -2.35 7.59
CA PHE A 60 -5.10 -3.47 7.88
C PHE A 60 -4.37 -3.11 9.17
N LEU A 61 -4.29 -1.84 9.45
CA LEU A 61 -3.63 -1.37 10.69
C LEU A 61 -4.07 -2.23 11.87
N GLN A 62 -5.35 -2.31 12.11
CA GLN A 62 -5.85 -3.13 13.25
C GLN A 62 -5.86 -4.61 12.84
N SER A 63 -5.79 -4.88 11.58
CA SER A 63 -5.78 -6.31 11.12
C SER A 63 -4.38 -6.89 11.32
N GLN A 64 -3.42 -6.06 11.58
CA GLN A 64 -2.03 -6.55 11.78
C GLN A 64 -1.92 -7.16 13.17
N LYS A 65 -2.69 -6.68 14.11
CA LYS A 65 -2.62 -7.23 15.49
C LYS A 65 -3.43 -8.53 15.56
N THR A 66 -4.59 -8.54 14.96
CA THR A 66 -5.43 -9.77 14.99
C THR A 66 -6.62 -9.59 14.05
N ALA A 67 -6.67 -10.36 13.00
CA ALA A 67 -7.80 -10.24 12.03
C ALA A 67 -8.27 -11.63 11.62
N HIS A 68 -7.38 -12.44 11.10
CA HIS A 68 -7.77 -13.81 10.68
C HIS A 68 -7.51 -14.80 11.82
N GLU A 69 -7.80 -14.40 13.03
CA GLU A 69 -7.57 -15.32 14.18
C GLU A 69 -8.79 -15.29 15.10
N THR A 70 -9.91 -14.83 14.62
CA THR A 70 -11.13 -14.78 15.48
C THR A 70 -12.34 -15.22 14.66
N ASP A 71 -12.13 -16.00 13.63
CA ASP A 71 -13.27 -16.47 12.80
C ASP A 71 -13.83 -17.77 13.38
N LYS A 72 -15.13 -17.86 13.49
CA LYS A 72 -15.74 -19.10 14.04
C LYS A 72 -17.17 -19.24 13.54
N SER A 73 -17.90 -18.17 13.48
CA SER A 73 -19.30 -18.23 12.99
C SER A 73 -20.05 -19.36 13.73
N HIS A 1 -14.80 2.35 -18.75
CA HIS A 1 -13.94 1.88 -19.87
C HIS A 1 -13.77 3.01 -20.89
N MET A 2 -14.84 3.70 -21.20
CA MET A 2 -14.74 4.82 -22.19
C MET A 2 -14.70 6.16 -21.44
N VAL A 3 -14.11 6.18 -20.27
CA VAL A 3 -14.04 7.45 -19.50
C VAL A 3 -12.71 8.15 -19.81
N GLU A 4 -11.65 7.40 -19.94
CA GLU A 4 -10.33 8.02 -20.22
C GLU A 4 -9.87 7.61 -21.63
N GLU A 5 -9.04 8.41 -22.25
CA GLU A 5 -8.56 8.06 -23.61
C GLU A 5 -7.39 8.97 -23.99
N VAL A 6 -6.51 9.23 -23.06
CA VAL A 6 -5.35 10.12 -23.36
C VAL A 6 -4.06 9.28 -23.37
N LEU A 7 -4.15 8.03 -22.99
CA LEU A 7 -2.93 7.18 -22.98
C LEU A 7 -2.39 7.03 -24.41
N GLU A 8 -1.10 6.98 -24.56
CA GLU A 8 -0.52 6.84 -25.93
C GLU A 8 0.06 5.43 -26.09
N GLU A 9 0.89 5.02 -25.16
CA GLU A 9 1.50 3.66 -25.26
C GLU A 9 1.15 2.86 -24.00
N GLU A 10 1.22 3.46 -22.86
CA GLU A 10 0.89 2.73 -21.61
C GLU A 10 -0.55 2.21 -21.68
N GLU A 11 -1.02 1.59 -20.63
CA GLU A 11 -2.42 1.06 -20.64
C GLU A 11 -3.24 1.77 -19.55
N GLU A 12 -2.74 1.77 -18.35
CA GLU A 12 -3.49 2.44 -17.24
C GLU A 12 -2.51 2.97 -16.20
N GLU A 13 -2.72 4.17 -15.73
CA GLU A 13 -1.79 4.74 -14.71
C GLU A 13 -1.67 3.77 -13.53
N TYR A 14 -0.47 3.55 -13.06
CA TYR A 14 -0.29 2.62 -11.91
C TYR A 14 -1.24 3.01 -10.78
N VAL A 15 -1.79 2.04 -10.09
CA VAL A 15 -2.73 2.37 -8.98
C VAL A 15 -2.45 1.44 -7.79
N VAL A 16 -3.00 1.76 -6.65
CA VAL A 16 -2.77 0.90 -5.46
C VAL A 16 -4.03 0.07 -5.16
N GLU A 17 -3.88 -1.19 -4.91
CA GLU A 17 -5.07 -2.04 -4.63
C GLU A 17 -5.29 -2.10 -3.12
N LYS A 18 -4.25 -2.08 -2.34
CA LYS A 18 -4.41 -2.13 -0.86
C LYS A 18 -3.04 -2.30 -0.21
N VAL A 19 -3.01 -2.78 1.01
CA VAL A 19 -1.71 -2.98 1.70
C VAL A 19 -1.39 -4.47 1.81
N LEU A 20 -0.18 -4.80 2.15
CA LEU A 20 0.19 -6.24 2.27
C LEU A 20 0.97 -6.46 3.57
N ASP A 21 1.75 -5.48 3.98
CA ASP A 21 2.53 -5.65 5.24
C ASP A 21 3.03 -4.28 5.72
N ARG A 22 3.64 -4.23 6.86
CA ARG A 22 4.15 -2.93 7.38
C ARG A 22 5.30 -3.18 8.35
N ARG A 23 6.09 -2.19 8.63
CA ARG A 23 7.23 -2.37 9.58
C ARG A 23 7.87 -1.03 9.88
N VAL A 24 9.00 -1.03 10.53
CA VAL A 24 9.68 0.26 10.86
C VAL A 24 11.19 0.12 10.62
N VAL A 25 11.83 1.16 10.20
CA VAL A 25 13.29 1.09 9.95
C VAL A 25 14.05 1.74 11.11
N LYS A 26 13.51 1.65 12.29
CA LYS A 26 14.19 2.27 13.46
C LYS A 26 14.29 3.77 13.27
N GLY A 27 13.17 4.45 13.22
CA GLY A 27 13.20 5.93 13.03
C GLY A 27 11.96 6.37 12.23
N LYS A 28 11.65 5.66 11.17
CA LYS A 28 10.46 6.03 10.36
C LYS A 28 9.53 4.82 10.23
N VAL A 29 8.48 4.94 9.47
CA VAL A 29 7.54 3.81 9.31
C VAL A 29 7.32 3.54 7.82
N GLU A 30 7.52 2.31 7.40
CA GLU A 30 7.33 1.99 5.96
C GLU A 30 6.05 1.16 5.79
N TYR A 31 5.59 1.00 4.59
CA TYR A 31 4.35 0.20 4.36
C TYR A 31 4.41 -0.46 2.98
N LEU A 32 4.37 -1.76 2.94
CA LEU A 32 4.42 -2.46 1.61
C LEU A 32 3.02 -2.47 0.99
N LEU A 33 2.85 -1.76 -0.09
CA LEU A 33 1.50 -1.73 -0.73
C LEU A 33 1.50 -2.60 -2.00
N LYS A 34 0.36 -3.06 -2.41
CA LYS A 34 0.30 -3.91 -3.63
C LYS A 34 0.01 -3.02 -4.85
N TRP A 35 0.32 -3.48 -6.02
CA TRP A 35 0.07 -2.65 -7.23
C TRP A 35 -0.77 -3.44 -8.24
N LYS A 36 -1.76 -2.82 -8.80
CA LYS A 36 -2.62 -3.54 -9.80
C LYS A 36 -2.21 -3.13 -11.21
N GLY A 37 -1.59 -2.01 -11.36
CA GLY A 37 -1.16 -1.55 -12.71
C GLY A 37 0.18 -2.22 -13.08
N PHE A 38 1.02 -2.46 -12.10
CA PHE A 38 2.33 -3.10 -12.40
C PHE A 38 2.21 -4.62 -12.21
N SER A 39 2.51 -5.10 -11.04
CA SER A 39 2.41 -6.58 -10.80
C SER A 39 1.54 -6.83 -9.58
N ASP A 40 0.96 -8.00 -9.48
CA ASP A 40 0.09 -8.31 -8.32
C ASP A 40 0.91 -8.19 -7.02
N GLU A 41 2.20 -8.14 -7.14
CA GLU A 41 3.05 -8.02 -5.92
C GLU A 41 4.40 -7.40 -6.30
N ASP A 42 4.46 -6.09 -6.36
CA ASP A 42 5.75 -5.43 -6.72
C ASP A 42 6.54 -5.14 -5.45
N ASN A 43 5.92 -5.29 -4.31
CA ASN A 43 6.63 -5.02 -3.03
C ASN A 43 7.29 -3.65 -3.08
N THR A 44 6.61 -2.64 -2.61
CA THR A 44 7.20 -1.27 -2.62
C THR A 44 7.01 -0.62 -1.24
N TRP A 45 8.08 -0.43 -0.52
CA TRP A 45 7.96 0.18 0.83
C TRP A 45 7.97 1.72 0.71
N GLU A 46 6.98 2.37 1.25
CA GLU A 46 6.93 3.85 1.16
C GLU A 46 6.79 4.45 2.56
N PRO A 47 7.22 5.68 2.71
CA PRO A 47 7.17 6.40 3.99
C PRO A 47 5.74 6.90 4.26
N GLU A 48 5.18 6.52 5.37
CA GLU A 48 3.80 6.97 5.70
C GLU A 48 3.79 8.47 5.95
N GLU A 49 4.95 9.06 6.13
CA GLU A 49 5.01 10.53 6.37
C GLU A 49 4.82 11.28 5.06
N ASN A 50 4.59 10.57 3.99
CA ASN A 50 4.40 11.26 2.67
C ASN A 50 3.22 10.63 1.94
N LEU A 51 3.05 9.33 2.05
CA LEU A 51 1.91 8.67 1.36
C LEU A 51 0.60 9.25 1.88
N ASP A 52 -0.43 9.24 1.07
CA ASP A 52 -1.73 9.79 1.51
C ASP A 52 -2.81 8.70 1.44
N CYS A 53 -2.49 7.52 1.88
CA CYS A 53 -3.49 6.41 1.83
C CYS A 53 -3.71 5.85 3.24
N PRO A 54 -4.43 6.60 4.04
CA PRO A 54 -4.74 6.21 5.42
C PRO A 54 -5.86 5.18 5.45
N ASP A 55 -6.40 4.84 4.31
CA ASP A 55 -7.49 3.82 4.28
C ASP A 55 -6.87 2.43 4.16
N LEU A 56 -5.79 2.30 3.45
CA LEU A 56 -5.14 0.97 3.31
C LEU A 56 -4.30 0.70 4.55
N ILE A 57 -3.69 1.72 5.09
CA ILE A 57 -2.86 1.52 6.31
C ILE A 57 -3.77 1.11 7.46
N ALA A 58 -4.91 1.73 7.59
CA ALA A 58 -5.84 1.37 8.69
C ALA A 58 -6.75 0.23 8.23
N GLU A 59 -6.61 -0.20 7.00
CA GLU A 59 -7.47 -1.31 6.51
C GLU A 59 -6.71 -2.63 6.62
N PHE A 60 -5.41 -2.57 6.63
CA PHE A 60 -4.61 -3.83 6.74
C PHE A 60 -4.08 -3.96 8.17
N LEU A 61 -3.84 -2.88 8.85
CA LEU A 61 -3.33 -2.95 10.24
C LEU A 61 -4.44 -3.47 11.15
N GLN A 62 -5.66 -3.40 10.72
CA GLN A 62 -6.79 -3.90 11.57
C GLN A 62 -6.91 -5.41 11.43
N SER A 63 -6.74 -5.92 10.23
CA SER A 63 -6.85 -7.39 10.03
C SER A 63 -5.80 -8.10 10.91
N GLN A 64 -4.69 -7.47 11.14
CA GLN A 64 -3.64 -8.09 11.99
C GLN A 64 -4.24 -8.46 13.35
N LYS A 65 -5.15 -7.66 13.84
CA LYS A 65 -5.77 -7.96 15.16
C LYS A 65 -7.06 -8.75 14.95
N THR A 66 -7.53 -8.83 13.72
CA THR A 66 -8.78 -9.59 13.45
C THR A 66 -8.70 -10.22 12.07
N ALA A 67 -8.00 -11.32 11.94
CA ALA A 67 -7.89 -11.99 10.62
C ALA A 67 -8.39 -13.43 10.72
N HIS A 68 -7.88 -14.17 11.65
CA HIS A 68 -8.33 -15.59 11.80
C HIS A 68 -9.39 -15.67 12.91
N GLU A 69 -10.54 -15.10 12.69
CA GLU A 69 -11.60 -15.15 13.73
C GLU A 69 -12.95 -14.81 13.09
N THR A 70 -13.07 -13.65 12.50
CA THR A 70 -14.36 -13.28 11.85
C THR A 70 -14.34 -13.68 10.37
N ASP A 71 -14.13 -14.94 10.10
CA ASP A 71 -14.08 -15.40 8.68
C ASP A 71 -14.93 -16.67 8.53
N LYS A 72 -15.78 -16.72 7.55
CA LYS A 72 -16.62 -17.93 7.35
C LYS A 72 -17.55 -17.72 6.15
N SER A 73 -17.09 -17.01 5.15
CA SER A 73 -17.95 -16.77 3.96
C SER A 73 -17.37 -17.53 2.76
N HIS A 1 -18.95 0.30 -1.27
CA HIS A 1 -20.01 -0.60 -1.78
C HIS A 1 -19.76 -0.91 -3.25
N MET A 2 -19.59 0.09 -4.07
CA MET A 2 -19.35 -0.15 -5.51
C MET A 2 -17.85 -0.33 -5.75
N VAL A 3 -17.02 0.34 -4.99
CA VAL A 3 -15.55 0.21 -5.18
C VAL A 3 -15.16 0.68 -6.58
N GLU A 4 -14.03 1.31 -6.71
CA GLU A 4 -13.59 1.79 -8.05
C GLU A 4 -14.46 2.98 -8.46
N GLU A 5 -14.07 4.17 -8.09
CA GLU A 5 -14.88 5.37 -8.47
C GLU A 5 -13.96 6.58 -8.59
N VAL A 6 -13.33 6.74 -9.72
CA VAL A 6 -12.42 7.90 -9.91
C VAL A 6 -12.81 8.67 -11.17
N LEU A 7 -12.48 9.93 -11.24
CA LEU A 7 -12.84 10.73 -12.44
C LEU A 7 -11.99 12.01 -12.48
N GLU A 8 -10.80 11.95 -11.94
CA GLU A 8 -9.92 13.16 -11.95
C GLU A 8 -8.48 12.74 -12.18
N GLU A 9 -7.95 13.03 -13.35
CA GLU A 9 -6.54 12.64 -13.63
C GLU A 9 -5.74 13.88 -14.05
N GLU A 10 -4.47 13.91 -13.76
CA GLU A 10 -3.65 15.09 -14.15
C GLU A 10 -2.43 14.63 -14.94
N GLU A 11 -1.46 14.06 -14.28
CA GLU A 11 -0.24 13.59 -14.98
C GLU A 11 0.51 12.59 -14.10
N GLU A 12 -0.21 11.77 -13.38
CA GLU A 12 0.48 10.77 -12.49
C GLU A 12 0.12 9.36 -12.96
N GLU A 13 -1.14 9.07 -13.10
CA GLU A 13 -1.55 7.71 -13.54
C GLU A 13 -1.08 6.67 -12.53
N TYR A 14 -1.55 5.46 -12.63
CA TYR A 14 -1.12 4.41 -11.67
C TYR A 14 -1.81 4.64 -10.32
N VAL A 15 -2.24 3.59 -9.67
CA VAL A 15 -2.91 3.75 -8.36
C VAL A 15 -2.41 2.68 -7.39
N VAL A 16 -3.05 2.54 -6.26
CA VAL A 16 -2.61 1.51 -5.27
C VAL A 16 -3.50 0.30 -5.38
N GLU A 17 -2.95 -0.88 -5.29
CA GLU A 17 -3.79 -2.11 -5.39
C GLU A 17 -4.20 -2.56 -3.98
N LYS A 18 -3.36 -2.40 -3.01
CA LYS A 18 -3.71 -2.82 -1.63
C LYS A 18 -2.44 -2.89 -0.78
N VAL A 19 -2.58 -3.20 0.48
CA VAL A 19 -1.37 -3.30 1.35
C VAL A 19 -1.17 -4.74 1.80
N LEU A 20 0.05 -5.19 1.87
CA LEU A 20 0.30 -6.59 2.31
C LEU A 20 0.92 -6.59 3.70
N ASP A 21 1.86 -5.74 3.96
CA ASP A 21 2.50 -5.69 5.31
C ASP A 21 3.20 -4.36 5.52
N ARG A 22 3.62 -4.09 6.72
CA ARG A 22 4.31 -2.79 7.00
C ARG A 22 5.42 -3.02 8.03
N ARG A 23 6.32 -2.09 8.18
CA ARG A 23 7.42 -2.26 9.17
C ARG A 23 7.97 -0.90 9.57
N VAL A 24 9.10 -0.87 10.23
CA VAL A 24 9.69 0.43 10.66
C VAL A 24 11.21 0.30 10.75
N VAL A 25 11.92 1.33 10.41
CA VAL A 25 13.41 1.26 10.47
C VAL A 25 13.91 2.09 11.65
N LYS A 26 13.33 1.92 12.80
CA LYS A 26 13.77 2.70 14.00
C LYS A 26 13.91 4.17 13.61
N GLY A 27 12.88 4.74 13.03
CA GLY A 27 12.95 6.17 12.63
C GLY A 27 11.74 6.51 11.74
N LYS A 28 11.47 5.70 10.76
CA LYS A 28 10.31 5.96 9.87
C LYS A 28 9.47 4.69 9.73
N VAL A 29 8.29 4.81 9.19
CA VAL A 29 7.42 3.61 9.02
C VAL A 29 7.26 3.29 7.54
N GLU A 30 7.61 2.11 7.13
CA GLU A 30 7.48 1.74 5.69
C GLU A 30 6.14 1.02 5.47
N TYR A 31 5.80 0.75 4.24
CA TYR A 31 4.50 0.07 3.96
C TYR A 31 4.61 -0.71 2.65
N LEU A 32 4.77 -2.00 2.71
CA LEU A 32 4.88 -2.81 1.46
C LEU A 32 3.49 -3.00 0.86
N LEU A 33 3.23 -2.38 -0.27
CA LEU A 33 1.89 -2.53 -0.91
C LEU A 33 2.06 -2.80 -2.40
N LYS A 34 1.05 -3.33 -3.03
CA LYS A 34 1.16 -3.62 -4.49
C LYS A 34 0.61 -2.43 -5.29
N TRP A 35 0.71 -2.48 -6.59
CA TRP A 35 0.19 -1.35 -7.42
C TRP A 35 -0.60 -1.91 -8.60
N LYS A 36 -1.55 -1.17 -9.09
CA LYS A 36 -2.37 -1.66 -10.24
C LYS A 36 -2.13 -0.76 -11.45
N GLY A 37 -1.10 -1.03 -12.22
CA GLY A 37 -0.82 -0.18 -13.41
C GLY A 37 0.68 -0.24 -13.73
N PHE A 38 1.49 -0.62 -12.78
CA PHE A 38 2.95 -0.70 -13.04
C PHE A 38 3.32 -2.13 -13.45
N SER A 39 3.22 -3.07 -12.54
CA SER A 39 3.57 -4.47 -12.89
C SER A 39 2.54 -5.42 -12.25
N ASP A 40 2.95 -6.61 -11.90
CA ASP A 40 2.00 -7.57 -11.28
C ASP A 40 2.10 -7.47 -9.75
N GLU A 41 3.29 -7.36 -9.24
CA GLU A 41 3.46 -7.27 -7.77
C GLU A 41 4.59 -6.28 -7.45
N ASP A 42 4.28 -5.01 -7.41
CA ASP A 42 5.33 -4.00 -7.11
C ASP A 42 5.36 -3.73 -5.60
N ASN A 43 5.38 -4.77 -4.81
CA ASN A 43 5.42 -4.58 -3.33
C ASN A 43 6.61 -3.71 -2.96
N THR A 44 6.43 -2.42 -2.92
CA THR A 44 7.55 -1.51 -2.56
C THR A 44 7.32 -0.94 -1.17
N TRP A 45 8.36 -0.58 -0.47
CA TRP A 45 8.20 -0.02 0.90
C TRP A 45 8.15 1.50 0.81
N GLU A 46 7.00 2.09 1.03
CA GLU A 46 6.90 3.57 0.97
C GLU A 46 6.84 4.15 2.39
N PRO A 47 7.01 5.44 2.48
CA PRO A 47 6.99 6.15 3.77
C PRO A 47 5.55 6.34 4.25
N GLU A 48 5.32 6.24 5.54
CA GLU A 48 3.95 6.42 6.07
C GLU A 48 3.69 7.91 6.34
N GLU A 49 4.71 8.64 6.69
CA GLU A 49 4.52 10.08 6.97
C GLU A 49 4.33 10.85 5.66
N ASN A 50 4.36 10.16 4.55
CA ASN A 50 4.18 10.85 3.24
C ASN A 50 3.07 10.15 2.45
N LEU A 51 2.99 8.86 2.57
CA LEU A 51 1.92 8.11 1.82
C LEU A 51 0.57 8.79 2.05
N ASP A 52 -0.36 8.61 1.15
CA ASP A 52 -1.69 9.24 1.32
C ASP A 52 -2.78 8.17 1.22
N CYS A 53 -2.58 7.05 1.87
CA CYS A 53 -3.61 5.96 1.81
C CYS A 53 -3.93 5.49 3.22
N PRO A 54 -4.75 6.25 3.90
CA PRO A 54 -5.18 5.95 5.28
C PRO A 54 -6.25 4.86 5.28
N ASP A 55 -6.56 4.33 4.13
CA ASP A 55 -7.60 3.25 4.06
C ASP A 55 -6.92 1.90 4.29
N LEU A 56 -5.85 1.64 3.58
CA LEU A 56 -5.15 0.33 3.76
C LEU A 56 -4.24 0.45 4.98
N ILE A 57 -3.90 1.65 5.37
CA ILE A 57 -3.02 1.82 6.55
C ILE A 57 -3.82 1.54 7.83
N ALA A 58 -5.04 2.00 7.87
CA ALA A 58 -5.89 1.75 9.07
C ALA A 58 -6.78 0.53 8.83
N GLU A 59 -6.64 -0.10 7.71
CA GLU A 59 -7.48 -1.29 7.40
C GLU A 59 -6.63 -2.56 7.61
N PHE A 60 -5.49 -2.61 6.97
CA PHE A 60 -4.61 -3.80 7.14
C PHE A 60 -4.32 -4.00 8.63
N LEU A 61 -4.04 -2.93 9.33
CA LEU A 61 -3.77 -3.05 10.78
C LEU A 61 -5.04 -3.51 11.49
N GLN A 62 -6.17 -3.04 11.05
CA GLN A 62 -7.45 -3.46 11.68
C GLN A 62 -7.49 -4.99 11.72
N SER A 63 -6.74 -5.62 10.86
CA SER A 63 -6.71 -7.11 10.85
C SER A 63 -6.67 -7.62 12.28
N GLN A 64 -5.60 -7.37 12.97
CA GLN A 64 -5.50 -7.83 14.38
C GLN A 64 -4.98 -6.66 15.22
N LYS A 65 -5.35 -5.46 14.86
CA LYS A 65 -4.86 -4.29 15.63
C LYS A 65 -3.34 -4.29 15.58
N THR A 66 -2.78 -4.97 14.61
CA THR A 66 -1.29 -5.03 14.50
C THR A 66 -0.90 -5.38 13.06
N ALA A 67 -1.08 -6.61 12.66
CA ALA A 67 -0.71 -7.01 11.27
C ALA A 67 0.82 -7.14 11.17
N HIS A 68 1.32 -8.33 11.36
CA HIS A 68 2.79 -8.53 11.29
C HIS A 68 3.44 -8.04 12.58
N GLU A 69 3.24 -8.74 13.67
CA GLU A 69 3.84 -8.31 14.95
C GLU A 69 3.86 -9.49 15.93
N THR A 70 2.72 -10.03 16.25
CA THR A 70 2.67 -11.18 17.19
C THR A 70 2.54 -12.48 16.40
N ASP A 71 3.52 -12.78 15.59
CA ASP A 71 3.46 -14.05 14.79
C ASP A 71 4.78 -14.80 14.92
N LYS A 72 4.73 -16.02 15.38
CA LYS A 72 5.99 -16.81 15.54
C LYS A 72 5.65 -18.30 15.56
N SER A 73 5.97 -19.01 14.52
CA SER A 73 5.67 -20.47 14.48
C SER A 73 4.15 -20.69 14.52
N HIS A 1 -4.88 20.85 -16.41
CA HIS A 1 -5.34 21.56 -17.63
C HIS A 1 -5.79 22.97 -17.27
N MET A 2 -4.86 23.83 -16.93
CA MET A 2 -5.24 25.22 -16.56
C MET A 2 -6.43 25.20 -15.62
N VAL A 3 -7.03 26.34 -15.37
CA VAL A 3 -8.21 26.37 -14.45
C VAL A 3 -9.48 26.05 -15.23
N GLU A 4 -9.73 26.79 -16.28
CA GLU A 4 -10.96 26.52 -17.09
C GLU A 4 -11.10 25.01 -17.34
N GLU A 5 -12.30 24.54 -17.54
CA GLU A 5 -12.50 23.09 -17.79
C GLU A 5 -12.14 22.31 -16.52
N VAL A 6 -13.13 21.96 -15.73
CA VAL A 6 -12.85 21.20 -14.49
C VAL A 6 -12.66 19.72 -14.82
N LEU A 7 -13.66 19.08 -15.37
CA LEU A 7 -13.53 17.65 -15.72
C LEU A 7 -13.37 16.82 -14.44
N GLU A 8 -13.21 15.53 -14.57
CA GLU A 8 -13.05 14.67 -13.36
C GLU A 8 -11.83 13.77 -13.55
N GLU A 9 -10.83 13.93 -12.72
CA GLU A 9 -9.62 13.07 -12.85
C GLU A 9 -8.74 13.24 -11.60
N GLU A 10 -8.95 12.43 -10.60
CA GLU A 10 -8.13 12.54 -9.37
C GLU A 10 -6.72 12.00 -9.64
N GLU A 11 -6.59 10.71 -9.80
CA GLU A 11 -5.25 10.13 -10.07
C GLU A 11 -5.34 9.14 -11.23
N GLU A 12 -4.26 8.89 -11.90
CA GLU A 12 -4.30 7.93 -13.04
C GLU A 12 -3.04 7.05 -13.02
N GLU A 13 -1.89 7.65 -13.13
CA GLU A 13 -0.63 6.84 -13.10
C GLU A 13 -0.25 6.52 -11.66
N TYR A 14 0.59 5.54 -11.45
CA TYR A 14 1.00 5.19 -10.07
C TYR A 14 -0.25 5.06 -9.19
N VAL A 15 -0.82 3.88 -9.13
CA VAL A 15 -2.03 3.69 -8.30
C VAL A 15 -1.75 2.63 -7.23
N VAL A 16 -2.59 2.54 -6.23
CA VAL A 16 -2.37 1.52 -5.17
C VAL A 16 -3.39 0.40 -5.32
N GLU A 17 -2.95 -0.83 -5.21
CA GLU A 17 -3.90 -1.97 -5.34
C GLU A 17 -4.36 -2.41 -3.96
N LYS A 18 -3.52 -2.28 -2.96
CA LYS A 18 -3.91 -2.70 -1.59
C LYS A 18 -2.67 -2.69 -0.70
N VAL A 19 -2.78 -3.16 0.51
CA VAL A 19 -1.61 -3.16 1.43
C VAL A 19 -1.27 -4.61 1.81
N LEU A 20 -0.03 -4.98 1.70
CA LEU A 20 0.37 -6.37 2.05
C LEU A 20 0.87 -6.41 3.50
N ASP A 21 1.72 -5.49 3.87
CA ASP A 21 2.24 -5.49 5.27
C ASP A 21 2.99 -4.17 5.53
N ARG A 22 3.67 -4.09 6.63
CA ARG A 22 4.41 -2.83 6.95
C ARG A 22 5.73 -3.20 7.64
N ARG A 23 6.72 -2.34 7.52
CA ARG A 23 8.03 -2.64 8.18
C ARG A 23 8.55 -1.39 8.89
N VAL A 24 8.65 -1.44 10.19
CA VAL A 24 9.14 -0.25 10.94
C VAL A 24 10.66 -0.35 11.13
N VAL A 25 11.36 0.73 10.97
CA VAL A 25 12.85 0.69 11.14
C VAL A 25 13.22 1.35 12.46
N LYS A 26 12.43 1.16 13.48
CA LYS A 26 12.75 1.78 14.80
C LYS A 26 12.85 3.30 14.64
N GLY A 27 11.78 3.94 14.27
CA GLY A 27 11.83 5.42 14.09
C GLY A 27 11.04 5.81 12.83
N LYS A 28 10.92 4.91 11.90
CA LYS A 28 10.16 5.23 10.66
C LYS A 28 9.06 4.18 10.44
N VAL A 29 8.16 4.42 9.53
CA VAL A 29 7.07 3.43 9.28
C VAL A 29 6.95 3.18 7.78
N GLU A 30 7.39 2.06 7.31
CA GLU A 30 7.28 1.75 5.86
C GLU A 30 6.01 0.93 5.60
N TYR A 31 5.72 0.64 4.36
CA TYR A 31 4.50 -0.15 4.06
C TYR A 31 4.66 -0.85 2.70
N LEU A 32 4.74 -2.16 2.70
CA LEU A 32 4.91 -2.89 1.41
C LEU A 32 3.53 -3.06 0.75
N LEU A 33 3.14 -2.13 -0.06
CA LEU A 33 1.80 -2.24 -0.73
C LEU A 33 1.99 -2.84 -2.12
N LYS A 34 0.93 -3.31 -2.73
CA LYS A 34 1.05 -3.90 -4.09
C LYS A 34 0.81 -2.82 -5.15
N TRP A 35 1.85 -2.36 -5.80
CA TRP A 35 1.68 -1.31 -6.83
C TRP A 35 0.98 -1.92 -8.06
N LYS A 36 0.00 -1.24 -8.59
CA LYS A 36 -0.71 -1.78 -9.78
C LYS A 36 -0.14 -1.13 -11.05
N GLY A 37 -0.12 -1.85 -12.13
CA GLY A 37 0.42 -1.28 -13.39
C GLY A 37 1.95 -1.36 -13.38
N PHE A 38 2.51 -2.04 -12.42
CA PHE A 38 4.00 -2.15 -12.36
C PHE A 38 4.38 -3.60 -12.03
N SER A 39 4.54 -4.43 -13.03
CA SER A 39 4.91 -5.84 -12.77
C SER A 39 3.69 -6.62 -12.27
N ASP A 40 2.56 -5.96 -12.15
CA ASP A 40 1.33 -6.65 -11.67
C ASP A 40 1.52 -7.07 -10.21
N GLU A 41 2.58 -6.63 -9.58
CA GLU A 41 2.82 -7.01 -8.16
C GLU A 41 4.18 -6.50 -7.70
N ASP A 42 4.56 -5.33 -8.15
CA ASP A 42 5.89 -4.78 -7.74
C ASP A 42 5.69 -3.94 -6.47
N ASN A 43 5.37 -4.58 -5.38
CA ASN A 43 5.16 -3.83 -4.11
C ASN A 43 6.44 -3.12 -3.69
N THR A 44 6.33 -2.14 -2.83
CA THR A 44 7.54 -1.40 -2.38
C THR A 44 7.31 -0.89 -0.95
N TRP A 45 8.35 -0.60 -0.24
CA TRP A 45 8.19 -0.10 1.15
C TRP A 45 8.18 1.43 1.15
N GLU A 46 7.02 2.02 1.17
CA GLU A 46 6.95 3.51 1.17
C GLU A 46 6.55 4.00 2.56
N PRO A 47 6.77 5.27 2.81
CA PRO A 47 6.44 5.90 4.09
C PRO A 47 4.95 6.20 4.18
N GLU A 48 4.29 5.76 5.23
CA GLU A 48 2.84 6.02 5.37
C GLU A 48 2.61 7.50 5.69
N GLU A 49 3.66 8.20 6.01
CA GLU A 49 3.49 9.65 6.34
C GLU A 49 3.57 10.48 5.05
N ASN A 50 3.42 9.85 3.91
CA ASN A 50 3.48 10.59 2.64
C ASN A 50 2.56 9.93 1.61
N LEU A 51 2.55 8.62 1.57
CA LEU A 51 1.67 7.92 0.60
C LEU A 51 0.24 8.45 0.72
N ASP A 52 -0.68 7.90 -0.03
CA ASP A 52 -2.09 8.38 0.05
C ASP A 52 -3.03 7.18 0.13
N CYS A 53 -3.08 6.53 1.26
CA CYS A 53 -3.97 5.35 1.40
C CYS A 53 -4.22 5.07 2.89
N PRO A 54 -4.97 5.93 3.52
CA PRO A 54 -5.31 5.81 4.94
C PRO A 54 -6.40 4.75 5.16
N ASP A 55 -6.92 4.21 4.08
CA ASP A 55 -7.99 3.18 4.22
C ASP A 55 -7.34 1.81 4.37
N LEU A 56 -6.32 1.54 3.61
CA LEU A 56 -5.64 0.22 3.71
C LEU A 56 -4.70 0.22 4.91
N ILE A 57 -4.25 1.38 5.31
CA ILE A 57 -3.35 1.45 6.50
C ILE A 57 -4.16 1.20 7.76
N ALA A 58 -5.34 1.78 7.85
CA ALA A 58 -6.18 1.57 9.05
C ALA A 58 -7.04 0.32 8.86
N GLU A 59 -6.94 -0.31 7.72
CA GLU A 59 -7.75 -1.53 7.48
C GLU A 59 -6.86 -2.76 7.60
N PHE A 60 -5.58 -2.61 7.39
CA PHE A 60 -4.66 -3.77 7.49
C PHE A 60 -3.90 -3.69 8.81
N LEU A 61 -3.86 -2.55 9.44
CA LEU A 61 -3.13 -2.42 10.73
C LEU A 61 -4.09 -2.68 11.89
N GLN A 62 -5.36 -2.44 11.69
CA GLN A 62 -6.34 -2.66 12.78
C GLN A 62 -6.88 -4.10 12.70
N SER A 63 -7.00 -4.63 11.51
CA SER A 63 -7.50 -6.03 11.36
C SER A 63 -6.56 -6.99 12.10
N GLN A 64 -5.28 -6.75 12.03
CA GLN A 64 -4.32 -7.66 12.72
C GLN A 64 -4.67 -7.72 14.21
N LYS A 65 -5.30 -6.71 14.73
CA LYS A 65 -5.67 -6.72 16.17
C LYS A 65 -6.78 -7.75 16.42
N THR A 66 -7.89 -7.60 15.74
CA THR A 66 -9.01 -8.56 15.94
C THR A 66 -10.18 -8.16 15.03
N ALA A 67 -10.14 -8.55 13.79
CA ALA A 67 -11.25 -8.20 12.86
C ALA A 67 -11.52 -9.38 11.92
N HIS A 68 -10.50 -10.03 11.46
CA HIS A 68 -10.71 -11.19 10.54
C HIS A 68 -10.69 -12.49 11.35
N GLU A 69 -10.99 -12.41 12.61
CA GLU A 69 -10.99 -13.65 13.45
C GLU A 69 -12.42 -13.95 13.92
N THR A 70 -13.39 -13.64 13.12
CA THR A 70 -14.81 -13.90 13.52
C THR A 70 -15.75 -13.32 12.47
N ASP A 71 -15.97 -14.01 11.39
CA ASP A 71 -16.87 -13.48 10.33
C ASP A 71 -17.41 -14.64 9.49
N LYS A 72 -18.12 -14.35 8.45
CA LYS A 72 -18.67 -15.44 7.58
C LYS A 72 -17.67 -15.76 6.47
N SER A 73 -17.83 -16.88 5.83
CA SER A 73 -16.88 -17.24 4.74
C SER A 73 -15.46 -17.35 5.30
N HIS A 1 -32.05 2.46 -10.05
CA HIS A 1 -33.36 3.15 -9.91
C HIS A 1 -33.35 4.44 -10.76
N MET A 2 -34.03 4.42 -11.87
CA MET A 2 -34.06 5.64 -12.73
C MET A 2 -32.64 6.19 -12.88
N VAL A 3 -31.69 5.33 -13.11
CA VAL A 3 -30.28 5.82 -13.27
C VAL A 3 -30.22 6.88 -14.36
N GLU A 4 -29.08 7.46 -14.58
CA GLU A 4 -28.97 8.51 -15.63
C GLU A 4 -27.59 8.41 -16.30
N GLU A 5 -27.17 9.44 -17.00
CA GLU A 5 -25.85 9.40 -17.68
C GLU A 5 -24.75 9.39 -16.62
N VAL A 6 -23.51 9.28 -17.04
CA VAL A 6 -22.39 9.26 -16.06
C VAL A 6 -21.34 10.29 -16.47
N LEU A 7 -20.90 10.25 -17.70
CA LEU A 7 -19.87 11.23 -18.16
C LEU A 7 -18.61 11.08 -17.30
N GLU A 8 -17.56 10.56 -17.86
CA GLU A 8 -16.30 10.39 -17.08
C GLU A 8 -16.60 9.62 -15.79
N GLU A 9 -15.64 9.54 -14.91
CA GLU A 9 -15.88 8.80 -13.63
C GLU A 9 -15.98 7.30 -13.93
N GLU A 10 -14.89 6.69 -14.31
CA GLU A 10 -14.93 5.23 -14.60
C GLU A 10 -14.02 4.48 -13.62
N GLU A 11 -14.49 3.42 -13.05
CA GLU A 11 -13.64 2.65 -12.09
C GLU A 11 -12.80 1.63 -12.86
N GLU A 12 -11.50 1.70 -12.73
CA GLU A 12 -10.62 0.73 -13.45
C GLU A 12 -9.57 0.19 -12.48
N GLU A 13 -8.75 1.06 -11.94
CA GLU A 13 -7.71 0.58 -10.98
C GLU A 13 -6.57 -0.07 -11.76
N TYR A 14 -5.35 0.33 -11.51
CA TYR A 14 -4.20 -0.27 -12.23
C TYR A 14 -2.90 0.13 -11.54
N VAL A 15 -2.95 0.42 -10.27
CA VAL A 15 -1.71 0.83 -9.56
C VAL A 15 -1.76 0.34 -8.10
N VAL A 16 -2.44 1.05 -7.26
CA VAL A 16 -2.53 0.64 -5.82
C VAL A 16 -3.71 -0.30 -5.63
N GLU A 17 -3.44 -1.56 -5.40
CA GLU A 17 -4.54 -2.53 -5.21
C GLU A 17 -4.85 -2.65 -3.70
N LYS A 18 -3.87 -2.46 -2.88
CA LYS A 18 -4.10 -2.56 -1.41
C LYS A 18 -2.76 -2.66 -0.69
N VAL A 19 -2.76 -3.04 0.56
CA VAL A 19 -1.47 -3.16 1.31
C VAL A 19 -0.95 -4.60 1.20
N LEU A 20 -0.11 -5.00 2.11
CA LEU A 20 0.42 -6.39 2.05
C LEU A 20 1.29 -6.66 3.28
N ASP A 21 1.96 -5.66 3.78
CA ASP A 21 2.82 -5.87 4.97
C ASP A 21 3.13 -4.52 5.64
N ARG A 22 3.90 -4.54 6.70
CA ARG A 22 4.24 -3.26 7.39
C ARG A 22 5.44 -3.49 8.31
N ARG A 23 6.50 -2.76 8.11
CA ARG A 23 7.70 -2.94 8.98
C ARG A 23 8.20 -1.58 9.46
N VAL A 24 9.41 -1.51 9.92
CA VAL A 24 9.96 -0.21 10.41
C VAL A 24 11.47 -0.17 10.17
N VAL A 25 12.01 1.00 9.94
CA VAL A 25 13.47 1.10 9.71
C VAL A 25 14.14 1.68 10.95
N LYS A 26 13.44 2.51 11.68
CA LYS A 26 14.03 3.11 12.90
C LYS A 26 13.21 4.34 13.31
N GLY A 27 11.92 4.26 13.16
CA GLY A 27 11.06 5.42 13.53
C GLY A 27 10.16 5.79 12.34
N LYS A 28 10.50 5.35 11.17
CA LYS A 28 9.66 5.68 9.98
C LYS A 28 8.82 4.45 9.60
N VAL A 29 7.63 4.35 10.13
CA VAL A 29 6.76 3.18 9.80
C VAL A 29 6.61 3.07 8.28
N GLU A 30 6.75 1.88 7.75
CA GLU A 30 6.60 1.70 6.28
C GLU A 30 5.46 0.73 6.00
N TYR A 31 4.83 0.85 4.86
CA TYR A 31 3.71 -0.06 4.52
C TYR A 31 3.91 -0.65 3.12
N LEU A 32 3.98 -1.94 3.01
CA LEU A 32 4.19 -2.57 1.68
C LEU A 32 2.85 -2.62 0.93
N LEU A 33 2.78 -2.02 -0.23
CA LEU A 33 1.49 -2.05 -1.00
C LEU A 33 1.60 -3.07 -2.13
N LYS A 34 0.61 -3.14 -2.97
CA LYS A 34 0.65 -4.11 -4.10
C LYS A 34 0.48 -3.37 -5.42
N TRP A 35 0.95 -3.94 -6.50
CA TRP A 35 0.81 -3.27 -7.82
C TRP A 35 -0.19 -4.03 -8.68
N LYS A 36 -1.20 -3.36 -9.17
CA LYS A 36 -2.21 -4.06 -10.02
C LYS A 36 -2.02 -3.64 -11.48
N GLY A 37 -1.12 -4.28 -12.17
CA GLY A 37 -0.87 -3.92 -13.60
C GLY A 37 0.56 -4.27 -13.98
N PHE A 38 1.42 -4.45 -13.01
CA PHE A 38 2.83 -4.81 -13.32
C PHE A 38 3.03 -6.31 -13.16
N SER A 39 2.85 -6.82 -11.97
CA SER A 39 3.03 -8.28 -11.75
C SER A 39 2.02 -8.78 -10.71
N ASP A 40 2.27 -8.52 -9.46
CA ASP A 40 1.32 -8.97 -8.40
C ASP A 40 1.86 -8.56 -7.03
N GLU A 41 3.15 -8.60 -6.86
CA GLU A 41 3.74 -8.22 -5.54
C GLU A 41 5.10 -7.56 -5.77
N ASP A 42 5.16 -6.56 -6.61
CA ASP A 42 6.45 -5.87 -6.88
C ASP A 42 6.40 -4.46 -6.30
N ASN A 43 5.54 -4.21 -5.35
CA ASN A 43 5.44 -2.85 -4.75
C ASN A 43 6.61 -2.64 -3.78
N THR A 44 6.65 -1.52 -3.12
CA THR A 44 7.76 -1.26 -2.15
C THR A 44 7.18 -0.75 -0.83
N TRP A 45 8.01 -0.29 0.06
CA TRP A 45 7.50 0.21 1.37
C TRP A 45 7.44 1.74 1.33
N GLU A 46 6.28 2.30 1.56
CA GLU A 46 6.16 3.78 1.55
C GLU A 46 6.01 4.30 2.99
N PRO A 47 6.45 5.51 3.19
CA PRO A 47 6.39 6.16 4.52
C PRO A 47 4.97 6.66 4.80
N GLU A 48 4.39 6.25 5.90
CA GLU A 48 3.02 6.70 6.23
C GLU A 48 3.03 8.19 6.56
N GLU A 49 4.19 8.76 6.69
CA GLU A 49 4.27 10.22 7.01
C GLU A 49 4.39 11.02 5.72
N ASN A 50 3.94 10.48 4.62
CA ASN A 50 4.02 11.21 3.33
C ASN A 50 2.93 10.72 2.38
N LEU A 51 2.69 9.44 2.36
CA LEU A 51 1.64 8.89 1.45
C LEU A 51 0.31 9.60 1.74
N ASP A 52 -0.72 9.26 1.01
CA ASP A 52 -2.04 9.92 1.25
C ASP A 52 -3.15 8.86 1.25
N CYS A 53 -2.91 7.75 1.89
CA CYS A 53 -3.94 6.68 1.92
C CYS A 53 -4.09 6.16 3.36
N PRO A 54 -4.88 6.85 4.13
CA PRO A 54 -5.13 6.50 5.53
C PRO A 54 -6.13 5.34 5.62
N ASP A 55 -6.63 4.90 4.50
CA ASP A 55 -7.62 3.78 4.52
C ASP A 55 -6.85 2.45 4.42
N LEU A 56 -5.82 2.42 3.64
CA LEU A 56 -5.03 1.16 3.50
C LEU A 56 -4.12 1.00 4.72
N ILE A 57 -3.66 2.09 5.26
CA ILE A 57 -2.77 2.02 6.45
C ILE A 57 -3.60 1.60 7.66
N ALA A 58 -4.80 2.12 7.77
CA ALA A 58 -5.66 1.75 8.92
C ALA A 58 -6.51 0.52 8.57
N GLU A 59 -6.33 0.00 7.38
CA GLU A 59 -7.12 -1.20 6.97
C GLU A 59 -6.25 -2.45 7.10
N PHE A 60 -4.96 -2.30 6.92
CA PHE A 60 -4.05 -3.47 7.03
C PHE A 60 -3.53 -3.58 8.47
N LEU A 61 -3.61 -2.52 9.23
CA LEU A 61 -3.12 -2.58 10.63
C LEU A 61 -4.25 -3.06 11.55
N GLN A 62 -5.48 -2.86 11.15
CA GLN A 62 -6.62 -3.30 11.99
C GLN A 62 -6.82 -4.81 11.81
N SER A 63 -6.60 -5.31 10.62
CA SER A 63 -6.78 -6.77 10.39
C SER A 63 -5.86 -7.55 11.34
N GLN A 64 -4.78 -6.96 11.75
CA GLN A 64 -3.86 -7.66 12.68
C GLN A 64 -4.63 -8.08 13.93
N LYS A 65 -5.52 -7.26 14.39
CA LYS A 65 -6.31 -7.61 15.60
C LYS A 65 -7.51 -8.46 15.19
N THR A 66 -7.82 -8.48 13.93
CA THR A 66 -8.99 -9.29 13.46
C THR A 66 -8.49 -10.34 12.46
N ALA A 67 -7.33 -10.89 12.68
CA ALA A 67 -6.80 -11.92 11.74
C ALA A 67 -6.92 -13.30 12.38
N HIS A 68 -6.71 -13.38 13.67
CA HIS A 68 -6.81 -14.71 14.36
C HIS A 68 -8.27 -15.01 14.68
N GLU A 69 -9.18 -14.22 14.17
CA GLU A 69 -10.62 -14.46 14.46
C GLU A 69 -11.26 -15.22 13.29
N THR A 70 -10.56 -16.20 12.77
CA THR A 70 -11.12 -16.98 11.63
C THR A 70 -10.19 -18.15 11.31
N ASP A 71 -9.85 -18.95 12.29
CA ASP A 71 -8.94 -20.10 12.03
C ASP A 71 -9.02 -21.07 13.20
N LYS A 72 -9.85 -22.08 13.10
CA LYS A 72 -9.98 -23.06 14.20
C LYS A 72 -9.32 -24.39 13.78
N SER A 73 -9.96 -25.12 12.92
CA SER A 73 -9.37 -26.42 12.47
C SER A 73 -9.06 -27.29 13.69
N HIS A 1 19.12 29.93 -17.21
CA HIS A 1 20.20 28.96 -17.54
C HIS A 1 19.81 27.58 -17.04
N MET A 2 18.95 26.90 -17.75
CA MET A 2 18.53 25.53 -17.29
C MET A 2 17.39 25.04 -18.20
N VAL A 3 17.57 23.91 -18.82
CA VAL A 3 16.50 23.37 -19.71
C VAL A 3 15.50 22.59 -18.87
N GLU A 4 14.35 22.29 -19.42
CA GLU A 4 13.33 21.52 -18.66
C GLU A 4 13.03 22.24 -17.33
N GLU A 5 11.91 22.90 -17.25
CA GLU A 5 11.57 23.62 -15.99
C GLU A 5 10.06 23.81 -15.91
N VAL A 6 9.51 23.83 -14.73
CA VAL A 6 8.04 24.02 -14.58
C VAL A 6 7.31 22.84 -15.22
N LEU A 7 6.80 21.94 -14.42
CA LEU A 7 6.08 20.77 -14.98
C LEU A 7 4.69 20.68 -14.37
N GLU A 8 3.69 20.38 -15.17
CA GLU A 8 2.30 20.27 -14.62
C GLU A 8 2.19 19.02 -13.76
N GLU A 9 3.12 18.12 -13.89
CA GLU A 9 3.07 16.86 -13.08
C GLU A 9 1.77 16.11 -13.39
N GLU A 10 1.50 15.06 -12.67
CA GLU A 10 0.26 14.28 -12.92
C GLU A 10 -0.32 13.79 -11.59
N GLU A 11 -1.48 13.20 -11.62
CA GLU A 11 -2.09 12.70 -10.37
C GLU A 11 -1.28 11.52 -9.83
N GLU A 12 -1.34 10.39 -10.49
CA GLU A 12 -0.57 9.21 -10.01
C GLU A 12 -0.77 8.05 -10.99
N GLU A 13 0.29 7.63 -11.64
CA GLU A 13 0.16 6.51 -12.60
C GLU A 13 0.04 5.19 -11.84
N TYR A 14 -0.33 4.13 -12.50
CA TYR A 14 -0.45 2.82 -11.80
C TYR A 14 -1.47 2.95 -10.67
N VAL A 15 -1.75 1.88 -9.98
CA VAL A 15 -2.74 1.94 -8.86
C VAL A 15 -2.33 0.97 -7.76
N VAL A 16 -2.87 1.14 -6.58
CA VAL A 16 -2.52 0.22 -5.46
C VAL A 16 -3.67 -0.77 -5.24
N GLU A 17 -3.36 -1.98 -4.92
CA GLU A 17 -4.44 -2.98 -4.69
C GLU A 17 -4.78 -3.04 -3.20
N LYS A 18 -3.81 -2.84 -2.35
CA LYS A 18 -4.09 -2.88 -0.89
C LYS A 18 -2.77 -3.03 -0.12
N VAL A 19 -2.84 -3.13 1.18
CA VAL A 19 -1.58 -3.28 1.98
C VAL A 19 -1.32 -4.76 2.21
N LEU A 20 -0.14 -5.22 1.86
CA LEU A 20 0.18 -6.66 2.06
C LEU A 20 0.96 -6.83 3.37
N ASP A 21 1.61 -5.80 3.83
CA ASP A 21 2.39 -5.92 5.09
C ASP A 21 3.01 -4.57 5.46
N ARG A 22 3.91 -4.55 6.40
CA ARG A 22 4.54 -3.26 6.81
C ARG A 22 5.88 -3.55 7.49
N ARG A 23 6.77 -2.59 7.51
CA ARG A 23 8.09 -2.82 8.17
C ARG A 23 8.58 -1.51 8.79
N VAL A 24 9.13 -1.57 9.98
CA VAL A 24 9.62 -0.33 10.63
C VAL A 24 11.15 -0.36 10.69
N VAL A 25 11.79 0.73 10.35
CA VAL A 25 13.28 0.75 10.40
C VAL A 25 13.72 1.29 11.76
N LYS A 26 13.27 2.47 12.12
CA LYS A 26 13.64 3.05 13.43
C LYS A 26 13.38 4.55 13.41
N GLY A 27 12.15 4.94 13.18
CA GLY A 27 11.82 6.39 13.14
C GLY A 27 10.92 6.69 11.94
N LYS A 28 10.82 5.77 11.02
CA LYS A 28 9.97 5.99 9.83
C LYS A 28 9.17 4.72 9.53
N VAL A 29 7.94 4.66 9.96
CA VAL A 29 7.11 3.45 9.71
C VAL A 29 6.87 3.31 8.21
N GLU A 30 7.23 2.19 7.64
CA GLU A 30 7.01 1.97 6.19
C GLU A 30 5.79 1.07 5.99
N TYR A 31 5.29 0.99 4.79
CA TYR A 31 4.11 0.13 4.53
C TYR A 31 4.23 -0.53 3.15
N LEU A 32 4.19 -1.84 3.11
CA LEU A 32 4.32 -2.53 1.80
C LEU A 32 2.93 -2.64 1.14
N LEU A 33 2.80 -2.16 -0.06
CA LEU A 33 1.48 -2.23 -0.75
C LEU A 33 1.65 -2.87 -2.13
N LYS A 34 0.59 -3.32 -2.73
CA LYS A 34 0.69 -3.95 -4.07
C LYS A 34 0.43 -2.89 -5.14
N TRP A 35 0.65 -3.23 -6.38
CA TRP A 35 0.42 -2.24 -7.48
C TRP A 35 -0.03 -2.97 -8.74
N LYS A 36 -1.28 -2.83 -9.11
CA LYS A 36 -1.79 -3.51 -10.33
C LYS A 36 -1.26 -2.79 -11.57
N GLY A 37 -0.67 -1.65 -11.40
CA GLY A 37 -0.13 -0.91 -12.57
C GLY A 37 1.05 -1.67 -13.17
N PHE A 38 1.91 -2.20 -12.34
CA PHE A 38 3.08 -2.95 -12.86
C PHE A 38 2.74 -4.45 -12.92
N SER A 39 2.90 -5.15 -11.84
CA SER A 39 2.58 -6.60 -11.84
C SER A 39 1.54 -6.90 -10.76
N ASP A 40 1.41 -8.15 -10.37
CA ASP A 40 0.41 -8.51 -9.32
C ASP A 40 1.12 -8.55 -7.96
N GLU A 41 2.23 -7.88 -7.83
CA GLU A 41 2.96 -7.89 -6.54
C GLU A 41 4.29 -7.15 -6.69
N ASP A 42 4.27 -5.85 -6.60
CA ASP A 42 5.54 -5.08 -6.75
C ASP A 42 6.17 -4.86 -5.38
N ASN A 43 5.40 -5.03 -4.33
CA ASN A 43 5.96 -4.83 -2.96
C ASN A 43 6.74 -3.52 -2.91
N THR A 44 6.12 -2.46 -2.49
CA THR A 44 6.84 -1.16 -2.42
C THR A 44 6.83 -0.65 -0.98
N TRP A 45 7.94 -0.18 -0.49
CA TRP A 45 8.00 0.32 0.91
C TRP A 45 7.93 1.85 0.91
N GLU A 46 6.87 2.40 1.43
CA GLU A 46 6.75 3.89 1.46
C GLU A 46 6.48 4.35 2.90
N PRO A 47 6.90 5.55 3.21
CA PRO A 47 6.73 6.14 4.54
C PRO A 47 5.29 6.64 4.72
N GLU A 48 4.72 6.43 5.88
CA GLU A 48 3.33 6.90 6.12
C GLU A 48 3.35 8.38 6.50
N GLU A 49 4.50 8.91 6.80
CA GLU A 49 4.59 10.35 7.17
C GLU A 49 4.46 11.22 5.92
N ASN A 50 4.39 10.61 4.77
CA ASN A 50 4.27 11.39 3.51
C ASN A 50 3.10 10.85 2.68
N LEU A 51 2.89 9.57 2.72
CA LEU A 51 1.77 8.97 1.94
C LEU A 51 0.43 9.54 2.42
N ASP A 52 -0.44 9.89 1.52
CA ASP A 52 -1.75 10.45 1.93
C ASP A 52 -2.84 9.39 1.71
N CYS A 53 -2.78 8.31 2.43
CA CYS A 53 -3.80 7.24 2.27
C CYS A 53 -4.14 6.63 3.62
N PRO A 54 -5.11 7.19 4.29
CA PRO A 54 -5.56 6.73 5.61
C PRO A 54 -6.43 5.47 5.46
N ASP A 55 -6.64 5.04 4.25
CA ASP A 55 -7.47 3.82 4.04
C ASP A 55 -6.57 2.59 4.11
N LEU A 56 -5.49 2.59 3.38
CA LEU A 56 -4.57 1.43 3.41
C LEU A 56 -3.92 1.37 4.79
N ILE A 57 -3.73 2.52 5.40
CA ILE A 57 -3.12 2.54 6.74
C ILE A 57 -4.12 1.94 7.75
N ALA A 58 -5.38 2.17 7.55
CA ALA A 58 -6.40 1.62 8.48
C ALA A 58 -7.10 0.43 7.82
N GLU A 59 -6.48 -0.15 6.82
CA GLU A 59 -7.10 -1.32 6.12
C GLU A 59 -6.38 -2.59 6.55
N PHE A 60 -5.08 -2.51 6.69
CA PHE A 60 -4.30 -3.71 7.13
C PHE A 60 -4.04 -3.56 8.62
N LEU A 61 -3.96 -2.34 9.06
CA LEU A 61 -3.72 -2.06 10.50
C LEU A 61 -4.65 -2.92 11.34
N GLN A 62 -5.88 -3.07 10.94
CA GLN A 62 -6.83 -3.89 11.73
C GLN A 62 -6.66 -5.37 11.36
N SER A 63 -6.37 -5.65 10.11
CA SER A 63 -6.20 -7.06 9.68
C SER A 63 -5.23 -7.77 10.64
N GLN A 64 -4.29 -7.05 11.19
CA GLN A 64 -3.33 -7.69 12.13
C GLN A 64 -4.09 -8.43 13.22
N LYS A 65 -5.09 -7.81 13.79
CA LYS A 65 -5.88 -8.48 14.86
C LYS A 65 -6.24 -9.89 14.42
N THR A 66 -6.89 -10.03 13.29
CA THR A 66 -7.27 -11.38 12.80
C THR A 66 -7.82 -11.27 11.39
N ALA A 67 -7.31 -12.04 10.47
CA ALA A 67 -7.80 -11.98 9.07
C ALA A 67 -7.00 -12.96 8.19
N HIS A 68 -5.74 -12.68 7.99
CA HIS A 68 -4.91 -13.58 7.15
C HIS A 68 -3.81 -14.21 8.01
N GLU A 69 -4.13 -14.62 9.21
CA GLU A 69 -3.11 -15.23 10.10
C GLU A 69 -3.71 -16.45 10.80
N THR A 70 -4.69 -17.06 10.21
CA THR A 70 -5.31 -18.26 10.84
C THR A 70 -5.43 -19.38 9.81
N ASP A 71 -6.24 -19.19 8.81
CA ASP A 71 -6.41 -20.25 7.78
C ASP A 71 -5.09 -20.43 7.02
N LYS A 72 -4.77 -21.63 6.62
CA LYS A 72 -3.50 -21.87 5.88
C LYS A 72 -3.54 -23.25 5.24
N SER A 73 -2.80 -23.44 4.17
CA SER A 73 -2.80 -24.77 3.49
C SER A 73 -2.19 -25.81 4.43
N HIS A 1 -27.12 8.76 2.06
CA HIS A 1 -28.02 9.27 1.00
C HIS A 1 -27.50 8.84 -0.37
N MET A 2 -28.38 8.54 -1.29
CA MET A 2 -27.92 8.11 -2.64
C MET A 2 -28.08 9.28 -3.61
N VAL A 3 -27.28 9.31 -4.65
CA VAL A 3 -27.38 10.42 -5.64
C VAL A 3 -27.01 9.90 -7.03
N GLU A 4 -27.93 9.25 -7.70
CA GLU A 4 -27.64 8.71 -9.06
C GLU A 4 -28.06 9.74 -10.10
N GLU A 5 -27.92 11.01 -9.81
CA GLU A 5 -28.31 12.06 -10.79
C GLU A 5 -27.12 12.39 -11.68
N VAL A 6 -26.09 11.60 -11.63
CA VAL A 6 -24.89 11.88 -12.47
C VAL A 6 -24.71 10.74 -13.48
N LEU A 7 -23.61 10.74 -14.19
CA LEU A 7 -23.38 9.65 -15.18
C LEU A 7 -22.10 8.89 -14.82
N GLU A 8 -20.99 9.29 -15.36
CA GLU A 8 -19.71 8.59 -15.05
C GLU A 8 -18.75 9.56 -14.35
N GLU A 9 -17.52 9.17 -14.17
CA GLU A 9 -16.55 10.07 -13.50
C GLU A 9 -15.19 9.37 -13.40
N GLU A 10 -14.23 9.79 -14.18
CA GLU A 10 -12.88 9.16 -14.14
C GLU A 10 -11.83 10.21 -13.81
N GLU A 11 -10.60 9.81 -13.69
CA GLU A 11 -9.52 10.80 -13.37
C GLU A 11 -8.16 10.12 -13.49
N GLU A 12 -7.66 9.98 -14.69
CA GLU A 12 -6.33 9.34 -14.88
C GLU A 12 -6.44 7.84 -14.56
N GLU A 13 -5.35 7.13 -14.61
CA GLU A 13 -5.39 5.68 -14.30
C GLU A 13 -4.84 5.43 -12.89
N TYR A 14 -5.24 4.35 -12.27
CA TYR A 14 -4.74 4.07 -10.90
C TYR A 14 -3.64 3.00 -10.97
N VAL A 15 -3.32 2.40 -9.86
CA VAL A 15 -2.26 1.37 -9.85
C VAL A 15 -2.00 0.89 -8.42
N VAL A 16 -2.94 1.05 -7.53
CA VAL A 16 -2.73 0.59 -6.13
C VAL A 16 -3.77 -0.46 -5.77
N GLU A 17 -3.35 -1.63 -5.41
CA GLU A 17 -4.32 -2.70 -5.04
C GLU A 17 -4.61 -2.63 -3.54
N LYS A 18 -3.61 -2.42 -2.74
CA LYS A 18 -3.81 -2.33 -1.27
C LYS A 18 -2.49 -2.57 -0.55
N VAL A 19 -2.52 -2.70 0.75
CA VAL A 19 -1.26 -2.93 1.50
C VAL A 19 -1.04 -4.43 1.68
N LEU A 20 -0.24 -4.83 2.63
CA LEU A 20 0.01 -6.27 2.86
C LEU A 20 0.80 -6.47 4.14
N ASP A 21 1.68 -5.55 4.46
CA ASP A 21 2.49 -5.69 5.70
C ASP A 21 3.13 -4.35 6.04
N ARG A 22 4.03 -4.34 6.99
CA ARG A 22 4.70 -3.06 7.37
C ARG A 22 6.01 -3.37 8.10
N ARG A 23 6.82 -2.37 8.32
CA ARG A 23 8.11 -2.61 9.03
C ARG A 23 8.53 -1.33 9.77
N VAL A 24 9.01 -1.46 10.97
CA VAL A 24 9.43 -0.25 11.74
C VAL A 24 10.90 -0.39 12.14
N VAL A 25 11.69 0.61 11.89
CA VAL A 25 13.14 0.53 12.26
C VAL A 25 13.39 1.34 13.54
N LYS A 26 12.43 1.35 14.44
CA LYS A 26 12.61 2.13 15.71
C LYS A 26 12.77 3.61 15.38
N GLY A 27 11.88 4.15 14.59
CA GLY A 27 11.98 5.59 14.23
C GLY A 27 11.19 5.85 12.95
N LYS A 28 11.00 4.84 12.14
CA LYS A 28 10.24 5.03 10.87
C LYS A 28 9.26 3.87 10.71
N VAL A 29 8.23 4.07 9.92
CA VAL A 29 7.24 2.97 9.71
C VAL A 29 6.85 2.91 8.24
N GLU A 30 7.38 1.97 7.51
CA GLU A 30 7.03 1.86 6.06
C GLU A 30 5.86 0.89 5.91
N TYR A 31 5.35 0.75 4.71
CA TYR A 31 4.20 -0.18 4.50
C TYR A 31 4.34 -0.85 3.14
N LEU A 32 4.33 -2.15 3.11
CA LEU A 32 4.46 -2.87 1.81
C LEU A 32 3.08 -2.99 1.16
N LEU A 33 2.93 -2.47 -0.03
CA LEU A 33 1.60 -2.55 -0.70
C LEU A 33 1.80 -2.94 -2.17
N LYS A 34 0.81 -3.51 -2.79
CA LYS A 34 0.95 -3.91 -4.21
C LYS A 34 0.46 -2.75 -5.10
N TRP A 35 0.52 -2.90 -6.39
CA TRP A 35 0.06 -1.81 -7.29
C TRP A 35 -0.77 -2.39 -8.44
N LYS A 36 -1.99 -1.97 -8.57
CA LYS A 36 -2.86 -2.50 -9.67
C LYS A 36 -2.61 -1.72 -10.96
N GLY A 37 -1.38 -1.50 -11.32
CA GLY A 37 -1.10 -0.74 -12.57
C GLY A 37 0.16 -1.29 -13.24
N PHE A 38 1.14 -1.65 -12.46
CA PHE A 38 2.40 -2.20 -13.05
C PHE A 38 2.30 -3.72 -13.14
N SER A 39 2.42 -4.40 -12.02
CA SER A 39 2.32 -5.88 -12.04
C SER A 39 1.27 -6.33 -11.03
N ASP A 40 1.08 -7.61 -10.89
CA ASP A 40 0.06 -8.12 -9.92
C ASP A 40 0.72 -8.30 -8.55
N GLU A 41 1.75 -7.57 -8.28
CA GLU A 41 2.44 -7.70 -6.96
C GLU A 41 3.82 -7.06 -7.04
N ASP A 42 3.89 -5.76 -6.97
CA ASP A 42 5.20 -5.07 -7.05
C ASP A 42 5.76 -4.89 -5.64
N ASN A 43 4.90 -4.83 -4.65
CA ASN A 43 5.38 -4.65 -3.25
C ASN A 43 6.33 -3.45 -3.17
N THR A 44 5.85 -2.35 -2.67
CA THR A 44 6.72 -1.13 -2.56
C THR A 44 6.68 -0.60 -1.13
N TRP A 45 7.82 -0.37 -0.54
CA TRP A 45 7.85 0.15 0.86
C TRP A 45 7.65 1.67 0.85
N GLU A 46 6.65 2.15 1.53
CA GLU A 46 6.41 3.62 1.56
C GLU A 46 6.28 4.09 3.01
N PRO A 47 6.84 5.24 3.29
CA PRO A 47 6.80 5.83 4.64
C PRO A 47 5.45 6.49 4.89
N GLU A 48 4.93 6.36 6.08
CA GLU A 48 3.60 6.98 6.39
C GLU A 48 3.79 8.47 6.65
N GLU A 49 5.02 8.94 6.61
CA GLU A 49 5.26 10.40 6.85
C GLU A 49 4.93 11.18 5.58
N ASN A 50 4.66 10.51 4.50
CA ASN A 50 4.33 11.22 3.24
C ASN A 50 3.11 10.57 2.59
N LEU A 51 3.01 9.27 2.67
CA LEU A 51 1.84 8.58 2.05
C LEU A 51 0.55 9.31 2.43
N ASP A 52 -0.41 9.33 1.56
CA ASP A 52 -1.69 10.03 1.88
C ASP A 52 -2.86 9.07 1.64
N CYS A 53 -2.78 7.88 2.17
CA CYS A 53 -3.88 6.89 1.99
C CYS A 53 -4.14 6.15 3.30
N PRO A 54 -4.95 6.75 4.14
CA PRO A 54 -5.30 6.17 5.44
C PRO A 54 -6.34 5.07 5.28
N ASP A 55 -6.74 4.78 4.07
CA ASP A 55 -7.76 3.72 3.85
C ASP A 55 -7.06 2.36 3.86
N LEU A 56 -5.91 2.27 3.23
CA LEU A 56 -5.18 0.98 3.21
C LEU A 56 -4.32 0.89 4.47
N ILE A 57 -3.83 2.00 4.94
CA ILE A 57 -2.98 1.97 6.17
C ILE A 57 -3.87 1.71 7.38
N ALA A 58 -5.15 1.98 7.26
CA ALA A 58 -6.08 1.74 8.40
C ALA A 58 -6.93 0.51 8.11
N GLU A 59 -6.82 -0.05 6.94
CA GLU A 59 -7.62 -1.26 6.60
C GLU A 59 -6.84 -2.51 6.99
N PHE A 60 -5.58 -2.55 6.66
CA PHE A 60 -4.75 -3.72 7.04
C PHE A 60 -4.25 -3.47 8.45
N LEU A 61 -4.16 -2.23 8.82
CA LEU A 61 -3.71 -1.85 10.17
C LEU A 61 -4.32 -2.81 11.20
N GLN A 62 -5.62 -2.97 11.16
CA GLN A 62 -6.28 -3.88 12.13
C GLN A 62 -6.06 -5.33 11.70
N SER A 63 -6.08 -5.59 10.42
CA SER A 63 -5.89 -6.99 9.94
C SER A 63 -4.59 -7.54 10.51
N GLN A 64 -3.67 -6.69 10.89
CA GLN A 64 -2.38 -7.18 11.46
C GLN A 64 -2.67 -8.01 12.71
N LYS A 65 -3.56 -7.55 13.54
CA LYS A 65 -3.88 -8.32 14.78
C LYS A 65 -5.09 -9.22 14.52
N THR A 66 -5.62 -9.19 13.34
CA THR A 66 -6.81 -10.03 13.03
C THR A 66 -6.35 -11.28 12.27
N ALA A 67 -5.93 -11.13 11.05
CA ALA A 67 -5.47 -12.31 10.26
C ALA A 67 -6.68 -13.17 9.87
N HIS A 68 -7.11 -14.03 10.76
CA HIS A 68 -8.29 -14.89 10.44
C HIS A 68 -9.58 -14.17 10.82
N GLU A 69 -10.70 -14.77 10.56
CA GLU A 69 -11.99 -14.12 10.91
C GLU A 69 -12.22 -12.91 10.00
N THR A 70 -11.43 -12.79 8.96
CA THR A 70 -11.59 -11.64 8.03
C THR A 70 -11.93 -12.16 6.63
N ASP A 71 -11.73 -13.43 6.40
CA ASP A 71 -12.03 -14.00 5.05
C ASP A 71 -13.46 -14.54 5.03
N LYS A 72 -13.82 -15.35 5.99
CA LYS A 72 -15.19 -15.92 6.04
C LYS A 72 -15.53 -16.34 7.47
N SER A 73 -16.76 -16.74 7.70
CA SER A 73 -17.14 -17.16 9.08
C SER A 73 -17.37 -18.67 9.10
N HIS A 1 -0.33 10.90 -25.98
CA HIS A 1 -0.69 11.13 -27.40
C HIS A 1 0.31 10.40 -28.31
N MET A 2 1.57 10.41 -27.95
CA MET A 2 2.58 9.71 -28.79
C MET A 2 3.71 9.18 -27.89
N VAL A 3 4.00 7.92 -27.98
CA VAL A 3 5.09 7.34 -27.13
C VAL A 3 5.62 6.07 -27.79
N GLU A 4 6.92 5.93 -27.87
CA GLU A 4 7.50 4.71 -28.50
C GLU A 4 8.85 4.40 -27.85
N GLU A 5 9.66 5.39 -27.65
CA GLU A 5 10.99 5.15 -27.02
C GLU A 5 10.99 5.70 -25.60
N VAL A 6 12.08 5.56 -24.89
CA VAL A 6 12.14 6.09 -23.50
C VAL A 6 13.23 7.15 -23.39
N LEU A 7 12.91 8.29 -22.84
CA LEU A 7 13.94 9.37 -22.71
C LEU A 7 13.56 10.29 -21.55
N GLU A 8 12.57 11.12 -21.72
CA GLU A 8 12.16 12.03 -20.63
C GLU A 8 11.31 11.27 -19.61
N GLU A 9 10.83 11.94 -18.61
CA GLU A 9 10.00 11.25 -17.57
C GLU A 9 8.58 11.81 -17.61
N GLU A 10 8.08 12.14 -18.77
CA GLU A 10 6.70 12.69 -18.87
C GLU A 10 5.69 11.54 -18.82
N GLU A 11 4.50 11.82 -18.35
CA GLU A 11 3.48 10.74 -18.27
C GLU A 11 3.95 9.65 -17.31
N GLU A 12 3.16 9.33 -16.33
CA GLU A 12 3.56 8.28 -15.35
C GLU A 12 2.56 8.22 -14.20
N GLU A 13 1.69 7.25 -14.20
CA GLU A 13 0.69 7.14 -13.11
C GLU A 13 0.28 5.67 -12.92
N TYR A 14 0.45 5.14 -11.75
CA TYR A 14 0.07 3.72 -11.51
C TYR A 14 -1.21 3.67 -10.70
N VAL A 15 -1.50 2.56 -10.09
CA VAL A 15 -2.75 2.45 -9.28
C VAL A 15 -2.48 1.62 -8.03
N VAL A 16 -3.21 1.87 -6.97
CA VAL A 16 -2.99 1.09 -5.71
C VAL A 16 -4.04 -0.01 -5.61
N GLU A 17 -3.62 -1.25 -5.54
CA GLU A 17 -4.60 -2.36 -5.44
C GLU A 17 -4.85 -2.69 -3.97
N LYS A 18 -3.88 -2.49 -3.13
CA LYS A 18 -4.06 -2.80 -1.69
C LYS A 18 -2.72 -2.72 -0.97
N VAL A 19 -2.67 -3.13 0.27
CA VAL A 19 -1.39 -3.08 1.03
C VAL A 19 -0.68 -4.44 0.94
N LEU A 20 0.04 -4.81 1.96
CA LEU A 20 0.74 -6.13 1.94
C LEU A 20 1.34 -6.42 3.31
N ASP A 21 1.90 -5.42 3.94
CA ASP A 21 2.50 -5.65 5.28
C ASP A 21 2.99 -4.31 5.86
N ARG A 22 3.71 -4.34 6.95
CA ARG A 22 4.21 -3.09 7.55
C ARG A 22 5.52 -3.36 8.28
N ARG A 23 6.38 -2.38 8.39
CA ARG A 23 7.67 -2.58 9.09
C ARG A 23 8.28 -1.22 9.42
N VAL A 24 8.95 -1.12 10.54
CA VAL A 24 9.57 0.18 10.92
C VAL A 24 11.10 0.08 10.77
N VAL A 25 11.76 1.19 10.62
CA VAL A 25 13.24 1.16 10.47
C VAL A 25 13.88 1.60 11.80
N LYS A 26 13.24 2.48 12.51
CA LYS A 26 13.81 2.96 13.80
C LYS A 26 13.13 4.26 14.20
N GLY A 27 11.85 4.37 13.95
CA GLY A 27 11.13 5.62 14.30
C GLY A 27 10.14 5.96 13.18
N LYS A 28 10.39 5.47 11.99
CA LYS A 28 9.48 5.76 10.85
C LYS A 28 8.56 4.56 10.63
N VAL A 29 7.60 4.69 9.75
CA VAL A 29 6.67 3.54 9.49
C VAL A 29 6.63 3.25 7.98
N GLU A 30 6.73 2.01 7.61
CA GLU A 30 6.69 1.65 6.16
C GLU A 30 5.43 0.84 5.87
N TYR A 31 4.98 0.83 4.65
CA TYR A 31 3.75 0.05 4.33
C TYR A 31 3.93 -0.63 2.96
N LEU A 32 3.97 -1.93 2.95
CA LEU A 32 4.13 -2.66 1.66
C LEU A 32 2.80 -2.69 0.91
N LEU A 33 2.76 -2.18 -0.30
CA LEU A 33 1.49 -2.18 -1.07
C LEU A 33 1.69 -2.91 -2.39
N LYS A 34 0.65 -3.47 -2.94
CA LYS A 34 0.79 -4.19 -4.23
C LYS A 34 0.40 -3.26 -5.39
N TRP A 35 1.37 -2.68 -6.04
CA TRP A 35 1.06 -1.76 -7.16
C TRP A 35 0.65 -2.57 -8.39
N LYS A 36 -0.30 -2.09 -9.15
CA LYS A 36 -0.73 -2.84 -10.37
C LYS A 36 -0.30 -2.08 -11.61
N GLY A 37 0.62 -1.17 -11.48
CA GLY A 37 1.09 -0.40 -12.67
C GLY A 37 2.55 -0.73 -12.95
N PHE A 38 3.22 -1.35 -12.03
CA PHE A 38 4.66 -1.70 -12.24
C PHE A 38 4.76 -3.16 -12.69
N SER A 39 4.45 -4.08 -11.82
CA SER A 39 4.54 -5.53 -12.19
C SER A 39 3.39 -6.29 -11.54
N ASP A 40 3.43 -7.59 -11.59
CA ASP A 40 2.33 -8.40 -10.98
C ASP A 40 2.40 -8.25 -9.45
N GLU A 41 3.56 -7.99 -8.92
CA GLU A 41 3.69 -7.83 -7.44
C GLU A 41 4.88 -6.92 -7.13
N ASP A 42 4.70 -5.64 -7.25
CA ASP A 42 5.82 -4.70 -6.97
C ASP A 42 5.74 -4.24 -5.51
N ASN A 43 5.58 -5.16 -4.60
CA ASN A 43 5.49 -4.78 -3.15
C ASN A 43 6.56 -3.74 -2.84
N THR A 44 6.19 -2.49 -2.81
CA THR A 44 7.19 -1.42 -2.51
C THR A 44 6.94 -0.87 -1.10
N TRP A 45 7.98 -0.62 -0.36
CA TRP A 45 7.80 -0.10 1.02
C TRP A 45 7.80 1.43 0.99
N GLU A 46 6.69 2.04 1.29
CA GLU A 46 6.63 3.53 1.27
C GLU A 46 6.47 4.06 2.71
N PRO A 47 6.97 5.25 2.93
CA PRO A 47 6.90 5.90 4.25
C PRO A 47 5.50 6.48 4.48
N GLU A 48 5.06 6.51 5.71
CA GLU A 48 3.71 7.06 6.00
C GLU A 48 3.79 8.60 6.09
N GLU A 49 4.94 9.16 5.83
CA GLU A 49 5.08 10.64 5.90
C GLU A 49 4.65 11.25 4.57
N ASN A 50 4.41 10.43 3.58
CA ASN A 50 3.99 10.97 2.25
C ASN A 50 2.81 10.15 1.73
N LEU A 51 2.82 8.87 1.94
CA LEU A 51 1.69 8.02 1.45
C LEU A 51 0.37 8.68 1.83
N ASP A 52 -0.49 8.90 0.86
CA ASP A 52 -1.79 9.54 1.16
C ASP A 52 -2.90 8.48 1.13
N CYS A 53 -2.81 7.50 1.99
CA CYS A 53 -3.85 6.43 2.01
C CYS A 53 -4.05 5.94 3.44
N PRO A 54 -4.89 6.63 4.17
CA PRO A 54 -5.19 6.29 5.57
C PRO A 54 -6.18 5.13 5.63
N ASP A 55 -6.69 4.71 4.51
CA ASP A 55 -7.66 3.57 4.51
C ASP A 55 -6.89 2.26 4.33
N LEU A 56 -5.88 2.27 3.51
CA LEU A 56 -5.09 1.02 3.30
C LEU A 56 -4.19 0.80 4.52
N ILE A 57 -3.72 1.85 5.11
CA ILE A 57 -2.86 1.70 6.31
C ILE A 57 -3.69 1.20 7.47
N ALA A 58 -4.84 1.78 7.68
CA ALA A 58 -5.72 1.33 8.80
C ALA A 58 -6.49 0.09 8.37
N GLU A 59 -6.30 -0.37 7.17
CA GLU A 59 -7.02 -1.58 6.70
C GLU A 59 -6.21 -2.83 7.00
N PHE A 60 -4.90 -2.72 6.96
CA PHE A 60 -4.05 -3.90 7.26
C PHE A 60 -3.48 -3.78 8.68
N LEU A 61 -3.29 -2.58 9.15
CA LEU A 61 -2.74 -2.40 10.52
C LEU A 61 -3.83 -2.69 11.55
N GLN A 62 -5.07 -2.73 11.13
CA GLN A 62 -6.17 -3.00 12.09
C GLN A 62 -6.62 -4.46 11.94
N SER A 63 -6.51 -5.00 10.76
CA SER A 63 -6.92 -6.42 10.55
C SER A 63 -6.15 -7.32 11.51
N GLN A 64 -4.88 -7.09 11.66
CA GLN A 64 -4.07 -7.93 12.58
C GLN A 64 -4.83 -8.11 13.90
N LYS A 65 -5.54 -7.09 14.31
CA LYS A 65 -6.29 -7.20 15.59
C LYS A 65 -7.61 -7.93 15.35
N THR A 66 -8.21 -7.72 14.20
CA THR A 66 -9.49 -8.42 13.89
C THR A 66 -9.56 -8.71 12.39
N ALA A 67 -9.61 -9.95 12.03
CA ALA A 67 -9.69 -10.31 10.57
C ALA A 67 -9.42 -11.80 10.40
N HIS A 68 -8.19 -12.21 10.48
CA HIS A 68 -7.85 -13.65 10.32
C HIS A 68 -7.12 -14.16 11.56
N GLU A 69 -7.08 -13.37 12.60
CA GLU A 69 -6.38 -13.81 13.84
C GLU A 69 -7.41 -14.24 14.88
N THR A 70 -8.32 -13.37 15.22
CA THR A 70 -9.35 -13.74 16.24
C THR A 70 -10.71 -13.83 15.56
N ASP A 71 -10.75 -14.27 14.34
CA ASP A 71 -12.06 -14.39 13.62
C ASP A 71 -12.00 -15.59 12.67
N LYS A 72 -13.04 -16.39 12.66
CA LYS A 72 -13.05 -17.57 11.76
C LYS A 72 -14.21 -17.44 10.76
N SER A 73 -14.40 -18.42 9.93
CA SER A 73 -15.51 -18.36 8.93
C SER A 73 -15.20 -17.27 7.90
N HIS A 1 -25.18 13.42 -28.46
CA HIS A 1 -24.20 14.41 -28.97
C HIS A 1 -22.81 13.77 -29.08
N MET A 2 -22.53 13.13 -30.18
CA MET A 2 -21.20 12.49 -30.33
C MET A 2 -20.93 11.57 -29.15
N VAL A 3 -20.32 12.08 -28.11
CA VAL A 3 -20.03 11.23 -26.92
C VAL A 3 -20.35 12.01 -25.64
N GLU A 4 -20.99 11.39 -24.69
CA GLU A 4 -21.33 12.10 -23.44
C GLU A 4 -20.05 12.61 -22.78
N GLU A 5 -20.15 13.59 -21.92
CA GLU A 5 -18.93 14.13 -21.25
C GLU A 5 -18.26 13.02 -20.45
N VAL A 6 -16.96 12.95 -20.49
CA VAL A 6 -16.25 11.89 -19.73
C VAL A 6 -15.95 12.39 -18.31
N LEU A 7 -15.88 11.50 -17.36
CA LEU A 7 -15.60 11.94 -15.96
C LEU A 7 -14.09 11.84 -15.69
N GLU A 8 -13.36 12.87 -16.06
CA GLU A 8 -11.89 12.84 -15.83
C GLU A 8 -11.61 12.83 -14.32
N GLU A 9 -10.38 12.64 -13.95
CA GLU A 9 -10.04 12.62 -12.50
C GLU A 9 -8.66 13.22 -12.28
N GLU A 10 -7.62 12.45 -12.52
CA GLU A 10 -6.24 12.98 -12.34
C GLU A 10 -5.25 12.07 -13.05
N GLU A 11 -5.41 10.78 -12.93
CA GLU A 11 -4.48 9.84 -13.60
C GLU A 11 -5.22 8.54 -13.95
N GLU A 12 -4.59 7.67 -14.69
CA GLU A 12 -5.26 6.40 -15.07
C GLU A 12 -4.21 5.32 -15.30
N GLU A 13 -3.21 5.24 -14.45
CA GLU A 13 -2.14 4.22 -14.63
C GLU A 13 -1.17 4.30 -13.46
N TYR A 14 -0.46 3.23 -13.20
CA TYR A 14 0.51 3.25 -12.07
C TYR A 14 -0.21 3.62 -10.77
N VAL A 15 -0.91 2.69 -10.18
CA VAL A 15 -1.63 3.01 -8.91
C VAL A 15 -1.36 1.90 -7.89
N VAL A 16 -1.95 2.01 -6.72
CA VAL A 16 -1.73 0.97 -5.68
C VAL A 16 -2.94 0.04 -5.63
N GLU A 17 -2.72 -1.22 -5.37
CA GLU A 17 -3.86 -2.17 -5.32
C GLU A 17 -4.36 -2.30 -3.88
N LYS A 18 -3.48 -2.19 -2.92
CA LYS A 18 -3.91 -2.30 -1.50
C LYS A 18 -2.67 -2.42 -0.60
N VAL A 19 -2.87 -2.60 0.67
CA VAL A 19 -1.69 -2.71 1.58
C VAL A 19 -1.44 -4.18 1.91
N LEU A 20 -0.21 -4.58 2.03
CA LEU A 20 0.11 -6.00 2.35
C LEU A 20 0.71 -6.07 3.75
N ASP A 21 1.52 -5.12 4.12
CA ASP A 21 2.13 -5.15 5.48
C ASP A 21 2.90 -3.86 5.72
N ARG A 22 3.57 -3.76 6.83
CA ARG A 22 4.35 -2.52 7.13
C ARG A 22 5.70 -2.90 7.73
N ARG A 23 6.72 -2.12 7.50
CA ARG A 23 8.06 -2.44 8.04
C ARG A 23 8.68 -1.18 8.65
N VAL A 24 8.89 -1.17 9.94
CA VAL A 24 9.50 0.03 10.58
C VAL A 24 11.02 -0.15 10.67
N VAL A 25 11.77 0.83 10.24
CA VAL A 25 13.25 0.72 10.30
C VAL A 25 13.76 1.35 11.60
N LYS A 26 13.05 1.16 12.68
CA LYS A 26 13.49 1.74 13.98
C LYS A 26 13.58 3.27 13.84
N GLY A 27 12.47 3.92 13.62
CA GLY A 27 12.51 5.40 13.47
C GLY A 27 11.60 5.82 12.31
N LYS A 28 11.34 4.93 11.40
CA LYS A 28 10.46 5.27 10.24
C LYS A 28 9.38 4.21 10.08
N VAL A 29 8.33 4.52 9.38
CA VAL A 29 7.23 3.52 9.20
C VAL A 29 6.98 3.32 7.70
N GLU A 30 7.46 2.25 7.15
CA GLU A 30 7.26 1.99 5.69
C GLU A 30 6.01 1.13 5.51
N TYR A 31 5.64 0.87 4.28
CA TYR A 31 4.43 0.02 4.03
C TYR A 31 4.59 -0.70 2.69
N LEU A 32 4.56 -2.01 2.71
CA LEU A 32 4.70 -2.77 1.44
C LEU A 32 3.32 -2.92 0.79
N LEU A 33 3.05 -2.18 -0.24
CA LEU A 33 1.72 -2.29 -0.91
C LEU A 33 1.88 -2.93 -2.29
N LYS A 34 0.80 -3.25 -2.93
CA LYS A 34 0.88 -3.88 -4.28
C LYS A 34 0.80 -2.79 -5.35
N TRP A 35 0.84 -3.17 -6.60
CA TRP A 35 0.77 -2.15 -7.69
C TRP A 35 0.07 -2.75 -8.91
N LYS A 36 -0.98 -2.14 -9.37
CA LYS A 36 -1.70 -2.67 -10.56
C LYS A 36 -0.97 -2.24 -11.83
N GLY A 37 -0.30 -1.12 -11.78
CA GLY A 37 0.42 -0.64 -13.00
C GLY A 37 1.75 -1.40 -13.14
N PHE A 38 2.44 -1.59 -12.04
CA PHE A 38 3.74 -2.33 -12.12
C PHE A 38 3.50 -3.81 -11.83
N SER A 39 3.28 -4.59 -12.85
CA SER A 39 3.04 -6.05 -12.64
C SER A 39 1.94 -6.24 -11.59
N ASP A 40 1.82 -7.41 -11.04
CA ASP A 40 0.76 -7.65 -10.01
C ASP A 40 1.43 -7.92 -8.66
N GLU A 41 2.63 -7.46 -8.48
CA GLU A 41 3.33 -7.69 -7.18
C GLU A 41 4.79 -7.23 -7.31
N ASP A 42 5.03 -5.96 -7.20
CA ASP A 42 6.44 -5.46 -7.32
C ASP A 42 7.05 -5.34 -5.92
N ASN A 43 6.24 -5.25 -4.90
CA ASN A 43 6.77 -5.13 -3.52
C ASN A 43 7.53 -3.81 -3.37
N THR A 44 6.92 -2.82 -2.79
CA THR A 44 7.62 -1.52 -2.61
C THR A 44 7.31 -0.95 -1.22
N TRP A 45 8.29 -0.42 -0.56
CA TRP A 45 8.06 0.15 0.80
C TRP A 45 7.93 1.67 0.69
N GLU A 46 6.79 2.20 1.03
CA GLU A 46 6.60 3.68 0.95
C GLU A 46 6.41 4.24 2.36
N PRO A 47 6.73 5.51 2.51
CA PRO A 47 6.61 6.20 3.80
C PRO A 47 5.15 6.59 4.06
N GLU A 48 4.63 6.24 5.20
CA GLU A 48 3.21 6.58 5.52
C GLU A 48 3.09 8.08 5.77
N GLU A 49 4.20 8.75 5.93
CA GLU A 49 4.15 10.22 6.18
C GLU A 49 4.04 10.97 4.84
N ASN A 50 3.82 10.25 3.77
CA ASN A 50 3.69 10.91 2.44
C ASN A 50 2.55 10.28 1.66
N LEU A 51 2.41 8.98 1.73
CA LEU A 51 1.33 8.31 0.98
C LEU A 51 -0.01 8.94 1.35
N ASP A 52 -1.06 8.61 0.65
CA ASP A 52 -2.40 9.19 0.97
C ASP A 52 -3.43 8.08 1.08
N CYS A 53 -3.13 7.04 1.81
CA CYS A 53 -4.10 5.92 1.95
C CYS A 53 -4.25 5.56 3.43
N PRO A 54 -4.94 6.40 4.15
CA PRO A 54 -5.18 6.20 5.59
C PRO A 54 -6.29 5.17 5.81
N ASP A 55 -6.90 4.71 4.74
CA ASP A 55 -7.99 3.70 4.89
C ASP A 55 -7.37 2.30 4.90
N LEU A 56 -6.36 2.08 4.09
CA LEU A 56 -5.72 0.74 4.06
C LEU A 56 -4.73 0.63 5.21
N ILE A 57 -4.21 1.75 5.65
CA ILE A 57 -3.24 1.71 6.78
C ILE A 57 -4.00 1.43 8.08
N ALA A 58 -5.17 2.00 8.22
CA ALA A 58 -5.97 1.75 9.45
C ALA A 58 -6.91 0.57 9.22
N GLU A 59 -6.89 0.00 8.05
CA GLU A 59 -7.78 -1.16 7.76
C GLU A 59 -6.95 -2.44 7.78
N PHE A 60 -5.68 -2.33 7.53
CA PHE A 60 -4.81 -3.53 7.53
C PHE A 60 -4.18 -3.70 8.91
N LEU A 61 -4.15 -2.65 9.68
CA LEU A 61 -3.56 -2.75 11.05
C LEU A 61 -4.63 -3.23 12.03
N GLN A 62 -5.87 -3.20 11.64
CA GLN A 62 -6.96 -3.67 12.55
C GLN A 62 -7.30 -5.13 12.22
N SER A 63 -7.30 -5.48 10.97
CA SER A 63 -7.63 -6.89 10.58
C SER A 63 -6.66 -7.83 11.30
N GLN A 64 -5.38 -7.61 11.15
CA GLN A 64 -4.39 -8.50 11.82
C GLN A 64 -4.80 -8.72 13.27
N LYS A 65 -5.48 -7.77 13.86
CA LYS A 65 -5.91 -7.93 15.27
C LYS A 65 -7.14 -8.84 15.34
N THR A 66 -8.12 -8.59 14.52
CA THR A 66 -9.34 -9.44 14.54
C THR A 66 -10.15 -9.19 13.27
N ALA A 67 -10.00 -10.03 12.28
CA ALA A 67 -10.78 -9.84 11.01
C ALA A 67 -11.74 -11.01 10.83
N HIS A 68 -11.40 -12.17 11.31
CA HIS A 68 -12.31 -13.34 11.16
C HIS A 68 -12.33 -14.14 12.47
N GLU A 69 -12.41 -13.46 13.59
CA GLU A 69 -12.44 -14.18 14.89
C GLU A 69 -13.71 -13.81 15.66
N THR A 70 -14.17 -12.59 15.50
CA THR A 70 -15.40 -12.18 16.22
C THR A 70 -16.63 -12.81 15.55
N ASP A 71 -16.53 -13.09 14.28
CA ASP A 71 -17.68 -13.72 13.57
C ASP A 71 -17.67 -15.23 13.81
N LYS A 72 -18.51 -15.71 14.69
CA LYS A 72 -18.54 -17.17 14.97
C LYS A 72 -20.00 -17.63 15.11
N SER A 73 -20.70 -17.76 14.02
CA SER A 73 -22.12 -18.19 14.09
C SER A 73 -22.18 -19.61 14.68
N HIS A 1 -12.59 -23.26 -10.30
CA HIS A 1 -13.81 -22.79 -11.02
C HIS A 1 -13.71 -21.27 -11.24
N MET A 2 -14.01 -20.49 -10.23
CA MET A 2 -13.93 -19.02 -10.39
C MET A 2 -12.50 -18.61 -10.76
N VAL A 3 -12.34 -17.46 -11.35
CA VAL A 3 -10.98 -17.01 -11.73
C VAL A 3 -10.42 -16.07 -10.67
N GLU A 4 -9.16 -15.75 -10.73
CA GLU A 4 -8.56 -14.84 -9.71
C GLU A 4 -7.50 -13.96 -10.38
N GLU A 5 -7.50 -13.89 -11.68
CA GLU A 5 -6.49 -13.06 -12.38
C GLU A 5 -7.04 -12.60 -13.72
N VAL A 6 -8.21 -12.03 -13.74
CA VAL A 6 -8.81 -11.58 -15.03
C VAL A 6 -8.02 -10.37 -15.55
N LEU A 7 -7.98 -10.19 -16.84
CA LEU A 7 -7.22 -9.04 -17.41
C LEU A 7 -8.15 -8.23 -18.33
N GLU A 8 -9.35 -7.98 -17.90
CA GLU A 8 -10.29 -7.20 -18.75
C GLU A 8 -9.67 -5.84 -19.11
N GLU A 9 -10.45 -4.94 -19.63
CA GLU A 9 -9.90 -3.61 -19.99
C GLU A 9 -9.51 -2.85 -18.72
N GLU A 10 -8.46 -2.08 -18.77
CA GLU A 10 -8.02 -1.33 -17.57
C GLU A 10 -7.97 0.17 -17.90
N GLU A 11 -8.73 0.96 -17.20
CA GLU A 11 -8.72 2.43 -17.47
C GLU A 11 -7.90 3.13 -16.39
N GLU A 12 -7.18 4.16 -16.77
CA GLU A 12 -6.34 4.88 -15.77
C GLU A 12 -5.53 3.88 -14.95
N GLU A 13 -4.30 3.66 -15.31
CA GLU A 13 -3.46 2.69 -14.55
C GLU A 13 -3.59 2.97 -13.05
N TYR A 14 -3.57 1.95 -12.25
CA TYR A 14 -3.70 2.16 -10.78
C TYR A 14 -2.42 1.71 -10.08
N VAL A 15 -2.47 1.60 -8.79
CA VAL A 15 -1.27 1.17 -8.05
C VAL A 15 -1.68 0.80 -6.62
N VAL A 16 -2.50 1.60 -6.00
CA VAL A 16 -2.94 1.29 -4.62
C VAL A 16 -3.96 0.18 -4.66
N GLU A 17 -3.52 -1.05 -4.71
CA GLU A 17 -4.49 -2.18 -4.76
C GLU A 17 -4.82 -2.63 -3.35
N LYS A 18 -3.85 -2.69 -2.48
CA LYS A 18 -4.12 -3.12 -1.08
C LYS A 18 -2.80 -3.22 -0.31
N VAL A 19 -2.86 -3.23 0.99
CA VAL A 19 -1.62 -3.33 1.80
C VAL A 19 -1.39 -4.79 2.20
N LEU A 20 -0.20 -5.29 2.06
CA LEU A 20 0.07 -6.71 2.41
C LEU A 20 0.91 -6.76 3.69
N ASP A 21 1.59 -5.70 4.04
CA ASP A 21 2.42 -5.72 5.27
C ASP A 21 2.88 -4.30 5.61
N ARG A 22 3.60 -4.15 6.69
CA ARG A 22 4.09 -2.80 7.09
C ARG A 22 5.46 -2.94 7.76
N ARG A 23 6.36 -2.03 7.49
CA ARG A 23 7.71 -2.12 8.11
C ARG A 23 7.94 -0.93 9.03
N VAL A 24 9.04 -0.90 9.73
CA VAL A 24 9.33 0.24 10.64
C VAL A 24 10.85 0.34 10.87
N VAL A 25 11.36 1.53 10.97
CA VAL A 25 12.82 1.69 11.19
C VAL A 25 13.06 2.62 12.39
N LYS A 26 12.43 2.35 13.50
CA LYS A 26 12.62 3.22 14.70
C LYS A 26 12.48 4.68 14.28
N GLY A 27 11.34 5.04 13.75
CA GLY A 27 11.13 6.47 13.33
C GLY A 27 10.67 6.50 11.88
N LYS A 28 10.78 5.41 11.18
CA LYS A 28 10.35 5.39 9.75
C LYS A 28 9.32 4.27 9.55
N VAL A 29 8.07 4.58 9.65
CA VAL A 29 7.02 3.53 9.45
C VAL A 29 6.75 3.36 7.96
N GLU A 30 7.21 2.28 7.39
CA GLU A 30 6.98 2.05 5.93
C GLU A 30 5.70 1.23 5.74
N TYR A 31 5.33 0.96 4.51
CA TYR A 31 4.09 0.18 4.27
C TYR A 31 4.21 -0.56 2.93
N LEU A 32 4.18 -1.86 2.95
CA LEU A 32 4.28 -2.63 1.68
C LEU A 32 2.90 -2.76 1.06
N LEU A 33 2.76 -2.40 -0.20
CA LEU A 33 1.43 -2.51 -0.86
C LEU A 33 1.59 -3.15 -2.23
N LYS A 34 0.50 -3.47 -2.88
CA LYS A 34 0.59 -4.10 -4.22
C LYS A 34 0.41 -3.03 -5.29
N TRP A 35 0.90 -3.27 -6.48
CA TRP A 35 0.77 -2.26 -7.57
C TRP A 35 -0.11 -2.81 -8.68
N LYS A 36 -1.30 -2.29 -8.82
CA LYS A 36 -2.21 -2.79 -9.89
C LYS A 36 -1.92 -2.02 -11.19
N GLY A 37 -0.82 -1.34 -11.25
CA GLY A 37 -0.47 -0.58 -12.49
C GLY A 37 0.89 -1.06 -13.00
N PHE A 38 1.87 -1.14 -12.15
CA PHE A 38 3.21 -1.60 -12.59
C PHE A 38 3.35 -3.09 -12.30
N SER A 39 3.61 -3.88 -13.30
CA SER A 39 3.75 -5.35 -13.09
C SER A 39 2.52 -5.87 -12.32
N ASP A 40 2.69 -6.84 -11.49
CA ASP A 40 1.52 -7.38 -10.73
C ASP A 40 1.96 -7.73 -9.30
N GLU A 41 3.08 -7.22 -8.88
CA GLU A 41 3.56 -7.52 -7.50
C GLU A 41 5.01 -7.06 -7.34
N ASP A 42 5.23 -5.78 -7.26
CA ASP A 42 6.62 -5.26 -7.11
C ASP A 42 6.97 -5.16 -5.62
N ASN A 43 5.98 -5.09 -4.77
CA ASN A 43 6.25 -4.99 -3.32
C ASN A 43 7.13 -3.77 -3.04
N THR A 44 6.54 -2.67 -2.66
CA THR A 44 7.33 -1.45 -2.37
C THR A 44 6.96 -0.93 -0.98
N TRP A 45 7.91 -0.38 -0.28
CA TRP A 45 7.63 0.15 1.09
C TRP A 45 7.64 1.68 1.08
N GLU A 46 6.53 2.29 1.37
CA GLU A 46 6.49 3.79 1.36
C GLU A 46 6.29 4.30 2.79
N PRO A 47 6.82 5.46 3.06
CA PRO A 47 6.72 6.09 4.38
C PRO A 47 5.33 6.74 4.56
N GLU A 48 4.82 6.73 5.75
CA GLU A 48 3.47 7.33 6.00
C GLU A 48 3.60 8.86 5.99
N GLU A 49 4.80 9.37 5.87
CA GLU A 49 4.97 10.85 5.86
C GLU A 49 4.73 11.38 4.44
N ASN A 50 4.24 10.55 3.57
CA ASN A 50 3.97 11.00 2.17
C ASN A 50 2.75 10.27 1.62
N LEU A 51 2.65 8.99 1.88
CA LEU A 51 1.48 8.22 1.37
C LEU A 51 0.18 8.90 1.81
N ASP A 52 -0.65 9.25 0.87
CA ASP A 52 -1.94 9.91 1.23
C ASP A 52 -3.05 8.88 1.27
N CYS A 53 -2.82 7.75 1.89
CA CYS A 53 -3.86 6.69 1.95
C CYS A 53 -3.96 6.16 3.39
N PRO A 54 -4.70 6.87 4.20
CA PRO A 54 -4.90 6.51 5.62
C PRO A 54 -5.91 5.36 5.72
N ASP A 55 -6.52 4.98 4.62
CA ASP A 55 -7.51 3.88 4.66
C ASP A 55 -6.79 2.55 4.42
N LEU A 56 -5.78 2.56 3.59
CA LEU A 56 -5.04 1.30 3.32
C LEU A 56 -4.16 0.98 4.51
N ILE A 57 -3.60 1.98 5.12
CA ILE A 57 -2.72 1.74 6.30
C ILE A 57 -3.58 1.27 7.47
N ALA A 58 -4.71 1.89 7.67
CA ALA A 58 -5.60 1.47 8.80
C ALA A 58 -6.49 0.32 8.34
N GLU A 59 -6.32 -0.14 7.13
CA GLU A 59 -7.17 -1.27 6.64
C GLU A 59 -6.38 -2.58 6.77
N PHE A 60 -5.08 -2.50 6.79
CA PHE A 60 -4.26 -3.74 6.91
C PHE A 60 -3.70 -3.85 8.33
N LEU A 61 -3.70 -2.77 9.06
CA LEU A 61 -3.17 -2.81 10.45
C LEU A 61 -4.28 -3.20 11.42
N GLN A 62 -5.51 -3.06 11.01
CA GLN A 62 -6.65 -3.42 11.90
C GLN A 62 -6.96 -4.90 11.75
N SER A 63 -6.91 -5.42 10.56
CA SER A 63 -7.21 -6.87 10.34
C SER A 63 -6.14 -7.71 11.05
N GLN A 64 -4.92 -7.25 11.07
CA GLN A 64 -3.84 -8.02 11.74
C GLN A 64 -4.12 -8.08 13.25
N LYS A 65 -4.92 -7.18 13.76
CA LYS A 65 -5.23 -7.18 15.21
C LYS A 65 -6.38 -8.14 15.48
N THR A 66 -7.34 -8.20 14.60
CA THR A 66 -8.50 -9.12 14.81
C THR A 66 -9.55 -8.88 13.74
N ALA A 67 -9.69 -9.79 12.81
CA ALA A 67 -10.70 -9.61 11.73
C ALA A 67 -11.41 -10.94 11.48
N HIS A 68 -11.30 -11.87 12.38
CA HIS A 68 -11.98 -13.18 12.19
C HIS A 68 -12.18 -13.85 13.55
N GLU A 69 -11.18 -13.84 14.39
CA GLU A 69 -11.31 -14.48 15.73
C GLU A 69 -12.65 -14.07 16.35
N THR A 70 -12.91 -12.79 16.44
CA THR A 70 -14.19 -12.32 17.04
C THR A 70 -15.02 -11.60 15.97
N ASP A 71 -14.41 -11.24 14.88
CA ASP A 71 -15.18 -10.54 13.81
C ASP A 71 -15.71 -11.56 12.81
N LYS A 72 -16.92 -12.02 13.01
CA LYS A 72 -17.51 -13.01 12.07
C LYS A 72 -17.89 -12.32 10.77
N SER A 73 -17.56 -12.92 9.65
CA SER A 73 -17.91 -12.30 8.34
C SER A 73 -17.16 -10.97 8.20
#